data_5HB3
#
_entry.id   5HB3
#
_cell.length_a   59.520
_cell.length_b   86.950
_cell.length_c   98.010
_cell.angle_alpha   100.69
_cell.angle_beta   99.59
_cell.angle_gamma   95.66
#
_symmetry.space_group_name_H-M   'P 1'
#
loop_
_entity.id
_entity.type
_entity.pdbx_description
1 polymer 'Nucleoporin NIC96'
2 polymer 'Nucleoporin NUP53'
3 non-polymer 'CHLORIDE ION'
4 water water
#
loop_
_entity_poly.entity_id
_entity_poly.type
_entity_poly.pdbx_seq_one_letter_code
_entity_poly.pdbx_strand_id
1 'polypeptide(L)'
;SDDRFLREKQAKLAEKIREFNDARQRGTPFYICRDLADLESKSGDRHGPHIVEAYRAVMEMVGEHPDAGEAPRERQFAKM
YLDPNTQSANALAMRKQILKGATTFLEKQFWNEVNSLIAKYPQDANLGGLPDVVSKIKAYIRLRIARKTLVPDNVELQQI
NGEYVWAIVFYLLRAGFVTEAAQYVNSNQAHFRAIDRTFSGYINSYASSEERRLKRQMQDRCMSEYNQRIRNAPEGSIDP
FRMACYKIIGRCDLSNRSLDGLQTDVNDWIWLQFNLARETDRSLELAGESYGLAELQASIREIGLKHFPKTAAEDTNGSF
GMFFYLQILAGMFEQAIAYLYPFSYVDAVHFAIALTYYGLLRPVDAASAGNELLSHNTRSMPQINFGRMLGYYTRDFRAA
NPAAAVDYLVLICLNADEAAGGQQAQAALCHEALRELVLESREFSRLIGDIRPDGRRIRGVIEERGPLIALGQEDDFIRT
ITLQAASFADDNGRTTDAVLLYHLAEDYDTVVSIVSRALSEAISLEIGEDPMRLIPVKPRVTNAEGQVEEAAPGSSLSLA
AIDDPVELAKAMMGMYERDHMFWQKIREPNRVACSVLLQMADIKSLVEQGRWAECLDKIRALDILPLTARGDPGTIRSYA
ARFPSLAQPVAINVPNLLMWTVLCCMRQRERLAGGQFAGNESTARLMMDELKQMTVDLMAYTSQLRYRLPPHLHEALARA
SAD
;
A,C
2 'polypeptide(L)' SQQDGSLRSRKANLETGAFGKSTRRTRSKAATPAKREDPTIAAADKIFSNWLASQ B,D
#
loop_
_chem_comp.id
_chem_comp.type
_chem_comp.name
_chem_comp.formula
CL non-polymer 'CHLORIDE ION' 'Cl -1'
#
# COMPACT_ATOMS: atom_id res chain seq x y z
N ASP A 3 42.54 13.98 36.75
CA ASP A 3 43.33 15.09 36.22
C ASP A 3 44.66 14.60 35.68
N ARG A 4 45.16 13.51 36.25
CA ARG A 4 46.45 12.95 35.85
C ARG A 4 46.26 11.91 34.76
N PHE A 5 45.35 10.97 34.99
CA PHE A 5 44.97 10.01 33.97
C PHE A 5 44.30 10.75 32.82
N LEU A 6 43.59 11.83 33.17
CA LEU A 6 42.97 12.69 32.18
C LEU A 6 44.01 13.35 31.29
N ARG A 7 45.05 13.91 31.93
CA ARG A 7 46.11 14.58 31.20
C ARG A 7 46.74 13.65 30.18
N GLU A 8 46.82 12.36 30.52
CA GLU A 8 47.36 11.36 29.61
C GLU A 8 46.39 11.10 28.46
N LYS A 9 45.10 11.06 28.78
CA LYS A 9 44.05 10.85 27.79
C LYS A 9 44.05 11.99 26.78
N GLN A 10 44.20 13.22 27.27
CA GLN A 10 44.25 14.39 26.41
C GLN A 10 45.48 14.36 25.49
N ALA A 11 46.56 13.78 25.99
CA ALA A 11 47.80 13.71 25.23
C ALA A 11 47.67 12.77 24.04
N LYS A 12 47.24 11.54 24.31
CA LYS A 12 47.08 10.54 23.26
C LYS A 12 46.05 10.98 22.23
N LEU A 13 45.02 11.69 22.68
CA LEU A 13 44.00 12.21 21.77
C LEU A 13 44.54 13.33 20.90
N ALA A 14 45.35 14.20 21.51
CA ALA A 14 45.90 15.36 20.82
C ALA A 14 46.77 14.92 19.64
N GLU A 15 47.52 13.84 19.83
CA GLU A 15 48.40 13.34 18.78
C GLU A 15 47.60 12.68 17.66
N LYS A 16 46.47 12.08 18.01
CA LYS A 16 45.61 11.48 17.01
C LYS A 16 45.03 12.57 16.13
N ILE A 17 44.68 13.69 16.75
CA ILE A 17 44.19 14.86 16.03
C ILE A 17 45.30 15.45 15.17
N ARG A 18 46.55 15.20 15.56
CA ARG A 18 47.70 15.58 14.75
C ARG A 18 47.76 14.67 13.52
N GLU A 19 47.82 13.36 13.76
CA GLU A 19 47.82 12.38 12.67
C GLU A 19 46.64 12.65 11.75
N PHE A 20 45.51 13.01 12.36
CA PHE A 20 44.27 13.28 11.65
C PHE A 20 44.47 14.39 10.61
N ASN A 21 45.01 15.51 11.05
CA ASN A 21 45.21 16.65 10.14
C ASN A 21 46.27 16.37 9.06
N ASP A 22 47.29 15.61 9.42
CA ASP A 22 48.32 15.21 8.45
C ASP A 22 47.69 14.36 7.35
N ALA A 23 46.75 13.51 7.74
CA ALA A 23 46.08 12.63 6.78
C ALA A 23 45.18 13.41 5.84
N ARG A 24 44.48 14.40 6.39
CA ARG A 24 43.56 15.21 5.59
C ARG A 24 44.32 16.03 4.56
N GLN A 25 45.50 16.51 4.94
CA GLN A 25 46.28 17.40 4.10
C GLN A 25 47.01 16.62 3.00
N ARG A 26 47.50 15.44 3.35
CA ARG A 26 48.29 14.63 2.42
C ARG A 26 47.44 13.72 1.55
N GLY A 27 46.24 13.38 2.02
CA GLY A 27 45.35 12.51 1.27
C GLY A 27 45.47 11.05 1.69
N THR A 28 45.98 10.83 2.89
CA THR A 28 46.11 9.49 3.44
C THR A 28 44.78 9.00 4.00
N PRO A 29 44.43 7.73 3.75
CA PRO A 29 43.20 7.18 4.32
C PRO A 29 43.19 7.27 5.85
N PHE A 30 42.09 7.73 6.41
CA PHE A 30 41.99 7.88 7.86
C PHE A 30 40.58 7.49 8.34
N TYR A 31 40.52 6.88 9.51
CA TYR A 31 39.26 6.45 10.09
C TYR A 31 39.11 7.04 11.49
N ILE A 32 38.55 8.25 11.54
CA ILE A 32 38.49 9.00 12.78
C ILE A 32 37.66 8.30 13.87
N CYS A 33 36.50 7.80 13.50
CA CYS A 33 35.62 7.16 14.48
C CYS A 33 36.23 5.87 15.01
N ARG A 34 36.76 5.05 14.11
CA ARG A 34 37.39 3.79 14.50
C ARG A 34 38.52 4.05 15.48
N ASP A 35 39.35 5.03 15.15
CA ASP A 35 40.51 5.37 15.98
C ASP A 35 40.09 5.93 17.34
N LEU A 36 39.24 6.95 17.32
CA LEU A 36 38.75 7.54 18.56
C LEU A 36 38.11 6.48 19.46
N ALA A 37 37.49 5.48 18.85
CA ALA A 37 36.86 4.39 19.59
C ALA A 37 37.90 3.54 20.28
N ASP A 38 38.98 3.22 19.57
CA ASP A 38 40.07 2.42 20.12
C ASP A 38 40.63 3.06 21.39
N LEU A 39 40.93 4.35 21.30
CA LEU A 39 41.46 5.09 22.44
C LEU A 39 40.52 5.04 23.63
N GLU A 40 39.23 5.24 23.38
CA GLU A 40 38.24 5.26 24.44
C GLU A 40 38.09 3.89 25.11
N SER A 41 38.29 2.83 24.33
CA SER A 41 38.15 1.47 24.85
C SER A 41 39.38 1.05 25.64
N LYS A 42 40.44 1.84 25.58
CA LYS A 42 41.68 1.54 26.29
C LYS A 42 41.90 2.42 27.51
N SER A 43 40.98 3.36 27.75
CA SER A 43 41.15 4.32 28.84
C SER A 43 40.38 3.93 30.09
N GLY A 44 39.50 2.94 29.98
CA GLY A 44 38.83 2.36 31.13
C GLY A 44 37.95 3.31 31.93
N ASP A 45 37.13 4.09 31.22
CA ASP A 45 36.09 4.87 31.87
C ASP A 45 34.86 3.99 32.04
N ARG A 46 34.04 4.28 33.04
CA ARG A 46 32.81 3.49 33.24
C ARG A 46 31.82 3.73 32.11
N HIS A 47 31.80 4.94 31.57
CA HIS A 47 30.93 5.28 30.45
C HIS A 47 31.56 4.91 29.11
N GLY A 48 32.81 4.45 29.16
CA GLY A 48 33.55 4.12 27.96
C GLY A 48 32.77 3.32 26.93
N PRO A 49 32.39 2.08 27.28
CA PRO A 49 31.75 1.16 26.33
C PRO A 49 30.57 1.77 25.57
N HIS A 50 29.81 2.65 26.23
CA HIS A 50 28.68 3.31 25.59
C HIS A 50 29.14 4.27 24.50
N ILE A 51 30.21 5.01 24.75
CA ILE A 51 30.75 5.94 23.75
C ILE A 51 31.42 5.18 22.62
N VAL A 52 32.03 4.05 22.95
CA VAL A 52 32.64 3.18 21.94
C VAL A 52 31.56 2.63 21.02
N GLU A 53 30.44 2.23 21.61
CA GLU A 53 29.31 1.72 20.85
C GLU A 53 28.77 2.80 19.92
N ALA A 54 28.63 4.01 20.46
CA ALA A 54 28.12 5.12 19.68
C ALA A 54 29.00 5.41 18.48
N TYR A 55 30.31 5.46 18.69
CA TYR A 55 31.26 5.67 17.60
C TYR A 55 31.03 4.65 16.49
N ARG A 56 30.96 3.38 16.87
CA ARG A 56 30.80 2.31 15.90
C ARG A 56 29.42 2.33 15.24
N ALA A 57 28.43 2.89 15.94
CA ALA A 57 27.11 3.05 15.34
C ALA A 57 27.22 4.07 14.22
N VAL A 58 27.92 5.18 14.49
CA VAL A 58 28.12 6.22 13.49
C VAL A 58 28.94 5.68 12.33
N MET A 59 29.85 4.75 12.61
CA MET A 59 30.65 4.13 11.56
C MET A 59 29.75 3.46 10.54
N GLU A 60 28.86 2.60 11.03
CA GLU A 60 27.93 1.88 10.17
C GLU A 60 27.02 2.85 9.44
N MET A 61 26.65 3.93 10.13
N MET A 61 26.63 3.93 10.11
CA MET A 61 25.76 4.95 9.60
CA MET A 61 25.74 4.93 9.54
C MET A 61 26.45 5.72 8.47
C MET A 61 26.45 5.72 8.44
N VAL A 62 27.69 6.13 8.73
CA VAL A 62 28.45 6.97 7.81
C VAL A 62 29.12 6.17 6.69
N GLY A 63 29.44 4.91 6.96
CA GLY A 63 30.08 4.06 5.96
C GLY A 63 31.58 3.95 6.18
N GLU A 64 32.02 4.08 7.41
CA GLU A 64 33.43 3.96 7.74
C GLU A 64 33.76 2.49 7.99
N HIS A 65 34.23 1.80 6.95
CA HIS A 65 34.58 0.38 7.05
C HIS A 65 36.06 0.16 6.73
N PRO A 66 36.91 0.11 7.78
CA PRO A 66 38.36 -0.05 7.62
C PRO A 66 38.76 -1.38 6.97
N ASP A 67 38.08 -2.45 7.34
CA ASP A 67 38.43 -3.79 6.85
C ASP A 67 38.12 -3.95 5.36
N ALA A 68 37.60 -2.90 4.73
CA ALA A 68 37.32 -2.93 3.30
C ALA A 68 37.99 -1.75 2.60
N GLY A 69 38.81 -1.00 3.33
CA GLY A 69 39.48 0.15 2.78
C GLY A 69 38.52 1.18 2.24
N GLU A 70 37.34 1.27 2.85
CA GLU A 70 36.30 2.19 2.41
C GLU A 70 36.01 3.24 3.47
N ALA A 71 36.00 4.50 3.05
CA ALA A 71 35.71 5.60 3.95
C ALA A 71 35.13 6.77 3.17
N PRO A 72 34.16 7.48 3.77
CA PRO A 72 33.54 8.62 3.09
C PRO A 72 34.43 9.85 3.09
N ARG A 73 34.29 10.67 2.05
CA ARG A 73 35.14 11.86 1.91
C ARG A 73 34.78 12.89 2.97
N GLU A 74 35.71 13.81 3.21
CA GLU A 74 35.50 14.87 4.18
C GLU A 74 34.17 15.58 3.91
N ARG A 75 33.35 15.67 4.95
CA ARG A 75 32.05 16.34 4.86
C ARG A 75 31.20 15.86 3.68
N GLN A 76 31.06 14.55 3.55
CA GLN A 76 30.29 13.96 2.47
C GLN A 76 28.78 14.10 2.69
N PHE A 77 28.39 14.39 3.93
CA PHE A 77 26.98 14.45 4.28
C PHE A 77 26.54 15.85 4.71
N ALA A 78 27.43 16.82 4.57
CA ALA A 78 27.14 18.18 5.03
C ALA A 78 25.98 18.79 4.23
N LYS A 79 26.06 18.70 2.91
CA LYS A 79 25.03 19.28 2.05
C LYS A 79 23.68 18.62 2.31
N MET A 80 23.71 17.33 2.62
CA MET A 80 22.50 16.55 2.83
C MET A 80 21.89 16.86 4.19
N TYR A 81 22.73 16.86 5.22
CA TYR A 81 22.29 17.02 6.61
C TYR A 81 21.89 18.45 6.93
N LEU A 82 22.58 19.42 6.34
CA LEU A 82 22.40 20.83 6.70
C LEU A 82 21.30 21.50 5.89
N ASP A 83 20.67 20.76 4.99
CA ASP A 83 19.56 21.32 4.22
C ASP A 83 18.41 21.68 5.15
N PRO A 84 18.07 22.97 5.22
CA PRO A 84 17.03 23.45 6.16
C PRO A 84 15.63 22.98 5.77
N ASN A 85 15.40 22.77 4.48
CA ASN A 85 14.09 22.33 4.01
C ASN A 85 13.83 20.87 4.38
N THR A 86 13.11 20.67 5.47
CA THR A 86 12.87 19.34 6.02
C THR A 86 12.01 18.47 5.10
N GLN A 87 11.47 19.07 4.04
CA GLN A 87 10.63 18.35 3.09
C GLN A 87 11.31 18.21 1.74
N SER A 88 12.65 18.15 1.76
CA SER A 88 13.43 18.06 0.53
C SER A 88 13.95 16.65 0.30
N ALA A 89 14.47 16.41 -0.89
CA ALA A 89 15.05 15.11 -1.23
C ALA A 89 16.26 14.84 -0.34
N ASN A 90 17.03 15.89 -0.05
CA ASN A 90 18.19 15.76 0.83
C ASN A 90 17.81 15.29 2.23
N ALA A 91 16.78 15.91 2.79
CA ALA A 91 16.33 15.59 4.14
C ALA A 91 15.83 14.15 4.23
N LEU A 92 14.98 13.77 3.27
CA LEU A 92 14.41 12.43 3.26
C LEU A 92 15.50 11.37 3.13
N ALA A 93 16.54 11.67 2.37
CA ALA A 93 17.65 10.76 2.19
C ALA A 93 18.47 10.65 3.47
N MET A 94 18.68 11.78 4.13
CA MET A 94 19.45 11.81 5.37
C MET A 94 18.73 11.04 6.47
N ARG A 95 17.42 11.23 6.57
CA ARG A 95 16.64 10.55 7.58
C ARG A 95 16.69 9.04 7.34
N LYS A 96 16.57 8.64 6.08
CA LYS A 96 16.62 7.23 5.71
C LYS A 96 17.93 6.59 6.11
N GLN A 97 19.04 7.28 5.85
CA GLN A 97 20.35 6.71 6.12
C GLN A 97 20.59 6.53 7.62
N ILE A 98 20.07 7.43 8.43
CA ILE A 98 20.18 7.28 9.88
C ILE A 98 19.52 5.98 10.31
N LEU A 99 18.26 5.79 9.92
CA LEU A 99 17.52 4.60 10.28
C LEU A 99 18.19 3.34 9.76
N LYS A 100 18.57 3.36 8.48
CA LYS A 100 19.22 2.21 7.86
C LYS A 100 20.49 1.85 8.61
N GLY A 101 21.30 2.86 8.92
CA GLY A 101 22.55 2.66 9.62
C GLY A 101 22.35 2.11 11.01
N ALA A 102 21.37 2.66 11.74
CA ALA A 102 21.11 2.23 13.10
C ALA A 102 20.51 0.83 13.10
N THR A 103 19.60 0.57 12.17
CA THR A 103 18.96 -0.73 12.06
C THR A 103 20.01 -1.77 11.68
N THR A 104 20.87 -1.43 10.74
CA THR A 104 21.91 -2.33 10.29
C THR A 104 22.88 -2.63 11.43
N PHE A 105 23.31 -1.57 12.12
CA PHE A 105 24.25 -1.72 13.21
C PHE A 105 23.70 -2.62 14.31
N LEU A 106 22.42 -2.43 14.64
CA LEU A 106 21.79 -3.19 15.72
C LEU A 106 21.56 -4.64 15.33
N GLU A 107 21.47 -4.91 14.04
CA GLU A 107 21.36 -6.28 13.55
C GLU A 107 22.71 -6.97 13.64
N LYS A 108 23.77 -6.28 13.23
CA LYS A 108 25.13 -6.80 13.35
C LYS A 108 25.48 -7.06 14.82
N GLN A 109 25.04 -6.15 15.69
CA GLN A 109 25.32 -6.27 17.12
C GLN A 109 24.81 -7.61 17.64
N PHE A 110 23.57 -7.94 17.30
CA PHE A 110 22.97 -9.20 17.72
C PHE A 110 23.63 -10.39 17.03
N TRP A 111 23.92 -10.24 15.75
CA TRP A 111 24.51 -11.33 14.97
C TRP A 111 25.84 -11.76 15.57
N ASN A 112 26.61 -10.80 16.10
CA ASN A 112 27.88 -11.11 16.73
C ASN A 112 27.70 -11.93 18.00
N GLU A 113 26.64 -11.63 18.75
CA GLU A 113 26.32 -12.39 19.96
C GLU A 113 26.05 -13.84 19.59
N VAL A 114 25.24 -14.03 18.56
CA VAL A 114 24.90 -15.37 18.08
C VAL A 114 26.18 -16.16 17.83
N ASN A 115 27.10 -15.57 17.07
CA ASN A 115 28.35 -16.23 16.73
C ASN A 115 29.22 -16.50 17.95
N SER A 116 29.24 -15.57 18.90
CA SER A 116 30.02 -15.72 20.10
C SER A 116 29.53 -16.90 20.93
N LEU A 117 28.21 -17.02 21.06
CA LEU A 117 27.62 -18.09 21.84
C LEU A 117 27.89 -19.44 21.19
N ILE A 118 27.86 -19.48 19.86
CA ILE A 118 28.13 -20.72 19.12
C ILE A 118 29.59 -21.13 19.26
N ALA A 119 30.48 -20.15 19.19
CA ALA A 119 31.92 -20.40 19.32
C ALA A 119 32.26 -20.85 20.74
N LYS A 120 31.41 -20.49 21.68
CA LYS A 120 31.61 -20.85 23.08
C LYS A 120 31.17 -22.29 23.35
N TYR A 121 30.38 -22.85 22.44
CA TYR A 121 29.90 -24.22 22.55
C TYR A 121 29.94 -24.92 21.20
N PRO A 122 31.17 -25.18 20.70
CA PRO A 122 31.37 -25.76 19.37
C PRO A 122 30.83 -27.19 19.22
N GLN A 123 31.15 -28.06 20.18
CA GLN A 123 30.70 -29.45 20.11
C GLN A 123 29.18 -29.51 20.18
N ASP A 124 28.59 -28.65 21.00
CA ASP A 124 27.14 -28.60 21.14
C ASP A 124 26.48 -28.02 19.89
N ALA A 125 27.20 -27.11 19.22
CA ALA A 125 26.69 -26.48 18.00
C ALA A 125 26.53 -27.48 16.87
N ASN A 126 27.49 -28.39 16.75
CA ASN A 126 27.47 -29.47 15.76
C ASN A 126 26.99 -29.03 14.37
N LEU A 127 27.68 -28.06 13.79
CA LEU A 127 27.35 -27.58 12.44
C LEU A 127 28.09 -28.39 11.37
N GLY A 128 27.58 -28.32 10.14
CA GLY A 128 28.12 -29.11 9.04
C GLY A 128 29.37 -28.53 8.40
N GLY A 129 29.52 -28.79 7.11
CA GLY A 129 30.71 -28.38 6.38
C GLY A 129 30.68 -26.93 5.93
N LEU A 130 29.52 -26.47 5.47
CA LEU A 130 29.36 -25.07 5.08
C LEU A 130 28.11 -24.48 5.75
N PRO A 131 28.17 -24.29 7.06
CA PRO A 131 27.01 -23.81 7.82
C PRO A 131 26.43 -22.50 7.29
N ASP A 132 25.18 -22.56 6.85
CA ASP A 132 24.44 -21.38 6.42
C ASP A 132 23.87 -20.66 7.63
N VAL A 133 23.40 -19.43 7.43
CA VAL A 133 22.87 -18.65 8.55
C VAL A 133 21.71 -19.36 9.24
N VAL A 134 20.79 -19.92 8.46
CA VAL A 134 19.64 -20.62 9.01
C VAL A 134 20.11 -21.70 9.97
N SER A 135 21.16 -22.42 9.55
CA SER A 135 21.74 -23.48 10.37
C SER A 135 22.28 -22.92 11.68
N LYS A 136 22.94 -21.77 11.61
CA LYS A 136 23.51 -21.14 12.80
C LYS A 136 22.42 -20.65 13.76
N ILE A 137 21.34 -20.12 13.20
CA ILE A 137 20.25 -19.63 14.02
C ILE A 137 19.60 -20.78 14.78
N LYS A 138 19.39 -21.91 14.09
CA LYS A 138 18.85 -23.10 14.74
C LYS A 138 19.76 -23.54 15.88
N ALA A 139 21.06 -23.47 15.65
CA ALA A 139 22.05 -23.80 16.68
C ALA A 139 21.93 -22.82 17.84
N TYR A 140 21.67 -21.55 17.51
CA TYR A 140 21.52 -20.52 18.53
C TYR A 140 20.26 -20.72 19.35
N ILE A 141 19.20 -21.18 18.70
CA ILE A 141 17.95 -21.48 19.40
C ILE A 141 18.14 -22.68 20.31
N ARG A 142 18.88 -23.68 19.84
CA ARG A 142 19.17 -24.87 20.64
C ARG A 142 19.84 -24.49 21.94
N LEU A 143 20.89 -23.68 21.85
CA LEU A 143 21.66 -23.28 23.03
C LEU A 143 20.80 -22.47 24.01
N ARG A 144 19.95 -21.59 23.47
CA ARG A 144 19.03 -20.81 24.30
C ARG A 144 18.06 -21.75 25.02
N ILE A 145 17.58 -22.77 24.32
CA ILE A 145 16.66 -23.74 24.89
C ILE A 145 17.29 -24.45 26.08
N ALA A 146 18.53 -24.90 25.92
CA ALA A 146 19.25 -25.62 26.97
C ALA A 146 19.46 -24.75 28.20
N ARG A 147 19.41 -23.43 28.03
CA ARG A 147 19.62 -22.50 29.12
C ARG A 147 18.30 -22.03 29.75
N LYS A 148 17.18 -22.46 29.16
CA LYS A 148 15.87 -22.07 29.66
C LYS A 148 15.64 -20.57 29.54
N THR A 149 16.23 -19.96 28.51
CA THR A 149 16.15 -18.51 28.35
C THR A 149 15.60 -18.12 26.97
N LEU A 150 14.79 -18.99 26.38
CA LEU A 150 14.18 -18.70 25.09
C LEU A 150 12.85 -17.97 25.27
N VAL A 151 12.03 -18.47 26.19
CA VAL A 151 10.73 -17.88 26.45
C VAL A 151 10.44 -17.82 27.95
N PRO A 152 9.34 -17.14 28.32
CA PRO A 152 8.82 -17.21 29.69
C PRO A 152 7.94 -18.45 29.85
N ASP A 153 8.02 -19.09 31.01
CA ASP A 153 7.35 -20.36 31.23
C ASP A 153 5.84 -20.29 30.95
N ASN A 154 5.22 -21.46 30.87
CA ASN A 154 3.78 -21.58 30.61
C ASN A 154 3.39 -21.10 29.22
N VAL A 155 4.32 -21.20 28.29
CA VAL A 155 4.04 -20.88 26.89
C VAL A 155 4.52 -22.01 26.00
N GLU A 156 3.64 -22.49 25.13
CA GLU A 156 3.98 -23.58 24.22
C GLU A 156 4.14 -23.04 22.80
N LEU A 157 5.19 -23.48 22.12
CA LEU A 157 5.51 -22.98 20.79
C LEU A 157 5.19 -23.99 19.71
N GLN A 158 4.74 -23.50 18.55
CA GLN A 158 4.49 -24.37 17.41
C GLN A 158 5.80 -25.01 16.96
N GLN A 159 5.82 -26.34 16.92
CA GLN A 159 7.01 -27.08 16.52
C GLN A 159 6.80 -27.76 15.17
N ILE A 160 7.92 -28.00 14.48
CA ILE A 160 7.92 -28.75 13.22
C ILE A 160 9.25 -29.49 13.13
N ASN A 161 9.20 -30.81 13.23
CA ASN A 161 10.42 -31.62 13.23
C ASN A 161 11.34 -31.19 14.37
N GLY A 162 10.75 -30.84 15.51
CA GLY A 162 11.50 -30.47 16.68
C GLY A 162 12.03 -29.05 16.64
N GLU A 163 11.67 -28.31 15.59
CA GLU A 163 12.14 -26.94 15.41
C GLU A 163 11.03 -25.93 15.63
N TYR A 164 11.32 -24.88 16.39
CA TYR A 164 10.38 -23.79 16.60
C TYR A 164 10.46 -22.84 15.40
N VAL A 165 9.64 -23.11 14.39
CA VAL A 165 9.71 -22.42 13.11
C VAL A 165 9.64 -20.90 13.23
N TRP A 166 8.80 -20.41 14.13
CA TRP A 166 8.61 -18.96 14.28
C TRP A 166 9.82 -18.30 14.93
N ALA A 167 10.41 -18.98 15.91
CA ALA A 167 11.61 -18.47 16.55
C ALA A 167 12.71 -18.31 15.51
N ILE A 168 12.80 -19.29 14.61
CA ILE A 168 13.81 -19.25 13.55
C ILE A 168 13.57 -18.09 12.60
N VAL A 169 12.31 -17.84 12.26
CA VAL A 169 11.99 -16.73 11.37
C VAL A 169 12.31 -15.40 12.05
N PHE A 170 11.88 -15.26 13.30
CA PHE A 170 12.05 -14.02 14.04
C PHE A 170 13.52 -13.64 14.18
N TYR A 171 14.31 -14.57 14.68
CA TYR A 171 15.72 -14.30 14.95
C TYR A 171 16.54 -14.13 13.68
N LEU A 172 15.96 -14.49 12.54
CA LEU A 172 16.59 -14.22 11.25
C LEU A 172 16.32 -12.76 10.86
N LEU A 173 15.12 -12.29 11.17
CA LEU A 173 14.77 -10.89 10.94
C LEU A 173 15.51 -10.01 11.92
N ARG A 174 15.70 -10.51 13.13
CA ARG A 174 16.42 -9.79 14.17
C ARG A 174 17.87 -9.59 13.79
N ALA A 175 18.42 -10.53 13.03
CA ALA A 175 19.83 -10.46 12.63
C ALA A 175 19.99 -9.79 11.28
N GLY A 176 18.88 -9.35 10.69
CA GLY A 176 18.93 -8.60 9.44
C GLY A 176 18.93 -9.45 8.19
N PHE A 177 18.82 -10.78 8.34
CA PHE A 177 18.80 -11.67 7.20
C PHE A 177 17.37 -11.89 6.72
N VAL A 178 16.77 -10.84 6.16
CA VAL A 178 15.40 -10.88 5.70
C VAL A 178 15.23 -11.90 4.57
N THR A 179 16.10 -11.84 3.58
CA THR A 179 16.04 -12.76 2.47
C THR A 179 16.09 -14.21 2.96
N GLU A 180 17.05 -14.50 3.84
CA GLU A 180 17.21 -15.85 4.36
C GLU A 180 16.02 -16.28 5.19
N ALA A 181 15.29 -15.31 5.75
CA ALA A 181 14.08 -15.61 6.50
C ALA A 181 12.96 -16.04 5.56
N ALA A 182 12.85 -15.35 4.43
CA ALA A 182 11.83 -15.64 3.44
C ALA A 182 12.08 -16.98 2.76
N GLN A 183 13.33 -17.25 2.42
CA GLN A 183 13.67 -18.48 1.71
C GLN A 183 13.69 -19.68 2.64
N TYR A 184 13.76 -19.43 3.94
CA TYR A 184 13.60 -20.49 4.93
C TYR A 184 12.15 -20.94 4.98
N VAL A 185 11.23 -19.98 4.89
CA VAL A 185 9.81 -20.30 4.85
C VAL A 185 9.48 -21.04 3.57
N ASN A 186 10.10 -20.61 2.47
CA ASN A 186 9.88 -21.23 1.17
C ASN A 186 10.43 -22.66 1.12
N SER A 187 11.45 -22.93 1.92
CA SER A 187 11.99 -24.28 2.00
C SER A 187 11.02 -25.21 2.72
N ASN A 188 10.06 -24.61 3.41
CA ASN A 188 9.06 -25.37 4.16
C ASN A 188 7.63 -24.92 3.83
N GLN A 189 7.36 -24.65 2.56
CA GLN A 189 6.05 -24.17 2.14
C GLN A 189 4.94 -25.00 2.77
N ALA A 190 4.97 -26.30 2.51
CA ALA A 190 3.93 -27.20 2.99
C ALA A 190 3.69 -27.03 4.49
N HIS A 191 4.77 -27.10 5.27
CA HIS A 191 4.67 -27.02 6.73
C HIS A 191 4.13 -25.68 7.21
N PHE A 192 4.47 -24.61 6.49
CA PHE A 192 3.96 -23.28 6.84
C PHE A 192 2.54 -23.08 6.32
N ARG A 193 2.24 -23.69 5.19
CA ARG A 193 0.92 -23.63 4.60
C ARG A 193 -0.09 -24.28 5.54
N ALA A 194 0.38 -25.28 6.28
CA ALA A 194 -0.49 -26.04 7.19
C ALA A 194 -0.83 -25.24 8.45
N ILE A 195 0.07 -24.36 8.86
CA ILE A 195 -0.11 -23.61 10.10
C ILE A 195 -0.52 -22.16 9.84
N ASP A 196 -0.18 -21.64 8.67
CA ASP A 196 -0.49 -20.26 8.31
C ASP A 196 -0.37 -20.08 6.80
N ARG A 197 -1.50 -20.14 6.11
CA ARG A 197 -1.52 -20.16 4.65
C ARG A 197 -1.05 -18.85 4.02
N THR A 198 -1.15 -17.75 4.76
CA THR A 198 -0.91 -16.43 4.19
C THR A 198 0.49 -15.87 4.50
N PHE A 199 1.15 -16.39 5.53
CA PHE A 199 2.40 -15.80 5.98
C PHE A 199 3.48 -15.77 4.90
N SER A 200 3.65 -16.90 4.21
CA SER A 200 4.65 -16.99 3.15
C SER A 200 4.51 -15.83 2.17
N GLY A 201 3.28 -15.54 1.78
CA GLY A 201 3.01 -14.44 0.86
C GLY A 201 3.49 -13.10 1.40
N TYR A 202 3.32 -12.89 2.70
CA TYR A 202 3.67 -11.63 3.32
C TYR A 202 5.18 -11.42 3.41
N ILE A 203 5.88 -12.43 3.90
CA ILE A 203 7.33 -12.33 4.10
C ILE A 203 8.07 -12.25 2.78
N ASN A 204 7.54 -12.89 1.75
CA ASN A 204 8.13 -12.83 0.42
C ASN A 204 8.00 -11.43 -0.18
N SER A 205 6.83 -10.83 0.02
CA SER A 205 6.59 -9.46 -0.43
C SER A 205 7.45 -8.49 0.35
N TYR A 206 7.67 -8.82 1.62
CA TYR A 206 8.46 -8.00 2.53
C TYR A 206 9.93 -7.98 2.14
N ALA A 207 10.42 -9.13 1.69
CA ALA A 207 11.84 -9.29 1.36
C ALA A 207 12.17 -8.87 -0.06
N SER A 208 11.15 -8.59 -0.86
CA SER A 208 11.35 -8.30 -2.29
C SER A 208 11.46 -6.80 -2.57
N SER A 209 11.21 -5.98 -1.57
CA SER A 209 11.24 -4.52 -1.76
C SER A 209 12.36 -3.86 -0.98
N GLU A 210 12.75 -2.68 -1.44
CA GLU A 210 13.78 -1.89 -0.77
C GLU A 210 13.26 -1.31 0.54
N GLU A 211 11.99 -0.95 0.55
CA GLU A 211 11.38 -0.30 1.71
C GLU A 211 11.00 -1.29 2.81
N ARG A 212 11.13 -2.58 2.55
CA ARG A 212 10.70 -3.60 3.50
C ARG A 212 9.21 -3.43 3.83
N ARG A 213 8.43 -3.14 2.79
CA ARG A 213 6.99 -2.97 2.94
C ARG A 213 6.20 -4.00 2.14
N LEU A 214 4.93 -4.14 2.48
CA LEU A 214 4.02 -5.02 1.76
C LEU A 214 3.23 -4.22 0.73
N LYS A 215 2.81 -4.88 -0.33
CA LYS A 215 1.97 -4.26 -1.35
C LYS A 215 0.70 -3.77 -0.65
N ARG A 216 0.17 -2.65 -1.10
CA ARG A 216 -1.02 -2.08 -0.46
C ARG A 216 -2.09 -3.15 -0.25
N GLN A 217 -2.40 -3.90 -1.30
CA GLN A 217 -3.43 -4.93 -1.20
C GLN A 217 -3.09 -5.95 -0.12
N MET A 218 -1.83 -6.35 -0.05
CA MET A 218 -1.37 -7.30 0.97
C MET A 218 -1.43 -6.69 2.36
N GLN A 219 -1.04 -5.42 2.47
CA GLN A 219 -1.02 -4.73 3.76
C GLN A 219 -2.41 -4.76 4.38
N ASP A 220 -3.43 -4.48 3.56
CA ASP A 220 -4.81 -4.52 4.01
C ASP A 220 -5.18 -5.91 4.50
N ARG A 221 -4.81 -6.93 3.73
CA ARG A 221 -5.15 -8.31 4.06
C ARG A 221 -4.42 -8.75 5.33
N CYS A 222 -3.14 -8.37 5.43
CA CYS A 222 -2.32 -8.74 6.58
C CYS A 222 -2.83 -8.07 7.85
N MET A 223 -3.24 -6.81 7.73
CA MET A 223 -3.70 -6.06 8.88
C MET A 223 -5.04 -6.59 9.37
N SER A 224 -5.98 -6.75 8.46
CA SER A 224 -7.27 -7.32 8.78
C SER A 224 -7.06 -8.65 9.51
N GLU A 225 -6.32 -9.54 8.88
CA GLU A 225 -6.03 -10.85 9.46
C GLU A 225 -5.43 -10.75 10.86
N TYR A 226 -4.47 -9.85 11.01
CA TYR A 226 -3.81 -9.66 12.31
C TYR A 226 -4.80 -9.19 13.37
N ASN A 227 -5.80 -8.41 12.95
CA ASN A 227 -6.82 -7.92 13.87
C ASN A 227 -7.81 -9.01 14.26
N GLN A 228 -8.19 -9.84 13.29
CA GLN A 228 -9.25 -10.84 13.49
C GLN A 228 -8.75 -12.11 14.16
N ARG A 229 -7.51 -12.50 13.89
CA ARG A 229 -7.02 -13.81 14.31
C ARG A 229 -5.86 -13.78 15.30
N ILE A 230 -5.36 -12.59 15.63
CA ILE A 230 -4.17 -12.49 16.48
C ILE A 230 -4.28 -11.41 17.56
N ARG A 231 -4.58 -10.18 17.14
CA ARG A 231 -4.66 -9.06 18.07
C ARG A 231 -5.39 -9.42 19.35
N ASN A 232 -6.67 -9.77 19.22
CA ASN A 232 -7.50 -10.08 20.37
C ASN A 232 -7.86 -11.56 20.44
N ALA A 233 -6.85 -12.40 20.59
CA ALA A 233 -7.07 -13.84 20.69
C ALA A 233 -6.73 -14.32 22.10
N PRO A 234 -7.39 -15.39 22.56
CA PRO A 234 -7.13 -15.96 23.89
C PRO A 234 -5.64 -16.16 24.15
N GLU A 235 -5.19 -15.85 25.36
CA GLU A 235 -3.78 -15.96 25.71
C GLU A 235 -3.27 -17.37 25.48
N GLY A 236 -2.09 -17.47 24.88
CA GLY A 236 -1.47 -18.76 24.61
C GLY A 236 -2.06 -19.45 23.40
N SER A 237 -2.97 -18.77 22.72
CA SER A 237 -3.57 -19.30 21.51
C SER A 237 -2.71 -18.98 20.30
N ILE A 238 -1.66 -18.19 20.54
CA ILE A 238 -0.80 -17.71 19.46
C ILE A 238 0.66 -17.75 19.88
N ASP A 239 1.50 -18.32 19.02
CA ASP A 239 2.94 -18.39 19.27
C ASP A 239 3.51 -16.97 19.41
N PRO A 240 4.14 -16.68 20.56
CA PRO A 240 4.69 -15.34 20.82
C PRO A 240 5.57 -14.83 19.69
N PHE A 241 6.35 -15.73 19.09
CA PHE A 241 7.22 -15.35 17.98
C PHE A 241 6.43 -15.04 16.73
N ARG A 242 5.30 -15.74 16.55
CA ARG A 242 4.44 -15.50 15.40
C ARG A 242 3.88 -14.08 15.45
N MET A 243 3.48 -13.64 16.63
CA MET A 243 3.04 -12.27 16.82
C MET A 243 4.15 -11.32 16.43
N ALA A 244 5.35 -11.58 16.95
CA ALA A 244 6.52 -10.75 16.67
C ALA A 244 6.77 -10.65 15.17
N CYS A 245 6.75 -11.79 14.49
CA CYS A 245 6.97 -11.82 13.05
C CYS A 245 5.94 -10.97 12.32
N TYR A 246 4.69 -11.01 12.77
CA TYR A 246 3.62 -10.22 12.16
C TYR A 246 3.81 -8.72 12.44
N LYS A 247 4.16 -8.39 13.67
CA LYS A 247 4.43 -7.01 14.04
C LYS A 247 5.51 -6.41 13.14
N ILE A 248 6.58 -7.17 12.92
CA ILE A 248 7.69 -6.71 12.09
C ILE A 248 7.28 -6.66 10.63
N ILE A 249 6.82 -7.80 10.10
CA ILE A 249 6.52 -7.92 8.68
C ILE A 249 5.42 -6.96 8.24
N GLY A 250 4.37 -6.83 9.04
CA GLY A 250 3.22 -6.04 8.67
C GLY A 250 3.12 -4.71 9.38
N ARG A 251 4.12 -4.41 10.22
CA ARG A 251 4.08 -3.19 11.03
C ARG A 251 2.73 -3.09 11.72
N CYS A 252 2.26 -4.21 12.24
CA CYS A 252 0.99 -4.25 12.94
C CYS A 252 1.13 -3.69 14.34
N ASP A 253 0.18 -2.85 14.73
CA ASP A 253 0.17 -2.30 16.09
C ASP A 253 1.43 -1.48 16.35
N LEU A 254 1.64 -0.44 15.55
CA LEU A 254 2.75 0.48 15.76
C LEU A 254 2.57 1.26 17.05
N SER A 255 1.36 1.23 17.60
CA SER A 255 1.07 1.93 18.85
C SER A 255 1.67 1.18 20.05
N ASN A 256 2.06 -0.07 19.83
CA ASN A 256 2.68 -0.86 20.87
C ASN A 256 3.94 -1.53 20.35
N ARG A 257 5.01 -0.75 20.23
CA ARG A 257 6.30 -1.24 19.73
C ARG A 257 7.08 -1.94 20.84
N SER A 258 6.73 -3.18 21.14
CA SER A 258 7.43 -3.96 22.15
C SER A 258 7.31 -5.46 21.85
N LEU A 259 8.15 -6.25 22.51
CA LEU A 259 8.13 -7.70 22.35
C LEU A 259 7.77 -8.35 23.68
N ASP A 260 6.48 -8.45 23.96
CA ASP A 260 5.99 -8.89 25.27
C ASP A 260 6.29 -10.35 25.57
N GLY A 261 5.78 -11.24 24.72
CA GLY A 261 5.86 -12.67 24.98
C GLY A 261 7.26 -13.24 24.86
N LEU A 262 8.22 -12.44 24.40
CA LEU A 262 9.56 -12.93 24.13
C LEU A 262 10.57 -12.52 25.20
N GLN A 263 11.64 -13.31 25.33
CA GLN A 263 12.72 -13.00 26.26
C GLN A 263 13.68 -12.00 25.64
N THR A 264 13.43 -10.72 25.88
CA THR A 264 14.16 -9.65 25.21
C THR A 264 14.85 -8.71 26.20
N ASP A 265 15.91 -8.05 25.74
CA ASP A 265 16.62 -7.06 26.55
C ASP A 265 16.47 -5.67 25.94
N VAL A 266 17.22 -4.70 26.46
CA VAL A 266 17.10 -3.32 26.02
C VAL A 266 17.50 -3.14 24.56
N ASN A 267 18.47 -3.92 24.10
CA ASN A 267 18.93 -3.83 22.72
C ASN A 267 17.87 -4.32 21.75
N ASP A 268 17.08 -5.30 22.18
CA ASP A 268 15.99 -5.80 21.36
C ASP A 268 14.92 -4.72 21.24
N TRP A 269 14.69 -3.99 22.33
CA TRP A 269 13.73 -2.89 22.30
C TRP A 269 14.20 -1.79 21.36
N ILE A 270 15.44 -1.35 21.54
CA ILE A 270 16.01 -0.31 20.70
C ILE A 270 15.90 -0.72 19.23
N TRP A 271 16.27 -1.97 18.93
CA TRP A 271 16.22 -2.47 17.57
C TRP A 271 14.82 -2.40 16.98
N LEU A 272 13.83 -2.77 17.78
CA LEU A 272 12.45 -2.78 17.32
C LEU A 272 12.02 -1.37 16.91
N GLN A 273 12.47 -0.38 17.66
CA GLN A 273 12.10 1.01 17.39
C GLN A 273 12.60 1.46 16.02
N PHE A 274 13.83 1.09 15.69
CA PHE A 274 14.41 1.50 14.41
C PHE A 274 13.93 0.61 13.27
N ASN A 275 13.64 -0.64 13.56
CA ASN A 275 13.17 -1.59 12.57
C ASN A 275 11.81 -1.20 12.00
N LEU A 276 10.92 -0.76 12.89
CA LEU A 276 9.55 -0.43 12.49
C LEU A 276 9.44 0.96 11.87
N ALA A 277 10.48 1.78 12.02
CA ALA A 277 10.45 3.15 11.52
C ALA A 277 10.51 3.20 10.00
N ARG A 278 9.72 4.09 9.40
CA ARG A 278 9.70 4.26 7.96
C ARG A 278 9.52 5.73 7.59
N GLU A 279 10.31 6.19 6.63
CA GLU A 279 10.15 7.52 6.07
C GLU A 279 9.42 7.43 4.74
N THR A 280 8.69 8.48 4.39
CA THR A 280 7.93 8.49 3.15
C THR A 280 8.10 9.79 2.37
N ASP A 281 8.05 9.68 1.05
CA ASP A 281 8.09 10.83 0.17
C ASP A 281 6.68 11.35 -0.09
N ARG A 282 5.69 10.58 0.34
CA ARG A 282 4.28 10.96 0.19
C ARG A 282 3.91 12.07 1.18
N SER A 283 3.14 13.03 0.70
CA SER A 283 2.73 14.17 1.51
C SER A 283 1.97 13.73 2.77
N LEU A 284 1.32 12.57 2.71
CA LEU A 284 0.50 12.12 3.82
C LEU A 284 0.66 10.63 4.09
N GLU A 285 0.31 10.21 5.31
CA GLU A 285 0.33 8.81 5.70
C GLU A 285 -0.88 8.46 6.56
N LEU A 286 -1.31 7.21 6.50
CA LEU A 286 -2.37 6.74 7.39
C LEU A 286 -1.86 6.83 8.83
N ALA A 287 -2.75 7.20 9.74
CA ALA A 287 -2.38 7.36 11.15
C ALA A 287 -1.78 6.07 11.72
N GLY A 288 -2.33 4.94 11.29
CA GLY A 288 -1.91 3.65 11.81
C GLY A 288 -0.60 3.16 11.19
N GLU A 289 -0.11 3.88 10.19
CA GLU A 289 1.15 3.52 9.54
C GLU A 289 2.21 4.61 9.69
N SER A 290 1.88 5.67 10.41
CA SER A 290 2.78 6.80 10.55
C SER A 290 3.74 6.63 11.71
N TYR A 291 4.97 6.23 11.40
CA TYR A 291 6.01 6.13 12.41
C TYR A 291 7.39 6.17 11.75
N GLY A 292 8.00 7.36 11.77
CA GLY A 292 9.32 7.54 11.18
C GLY A 292 10.34 7.98 12.20
N LEU A 293 11.39 8.65 11.73
CA LEU A 293 12.47 9.10 12.60
C LEU A 293 12.01 10.20 13.56
N ALA A 294 11.14 11.09 13.08
CA ALA A 294 10.67 12.20 13.90
C ALA A 294 9.95 11.69 15.14
N GLU A 295 9.11 10.66 14.97
CA GLU A 295 8.40 10.07 16.10
C GLU A 295 9.37 9.31 16.99
N LEU A 296 10.36 8.67 16.36
CA LEU A 296 11.37 7.91 17.09
C LEU A 296 12.21 8.83 17.96
N GLN A 297 12.65 9.95 17.39
CA GLN A 297 13.42 10.93 18.14
C GLN A 297 12.62 11.50 19.31
N ALA A 298 11.34 11.78 19.05
CA ALA A 298 10.45 12.30 20.09
C ALA A 298 10.36 11.31 21.24
N SER A 299 10.35 10.03 20.89
CA SER A 299 10.29 8.96 21.90
C SER A 299 11.54 8.99 22.77
N ILE A 300 12.70 9.00 22.13
CA ILE A 300 13.98 9.01 22.85
C ILE A 300 14.09 10.23 23.75
N ARG A 301 13.66 11.37 23.23
CA ARG A 301 13.69 12.61 23.98
C ARG A 301 13.00 12.47 25.33
N GLU A 302 11.80 11.89 25.32
CA GLU A 302 11.00 11.74 26.54
C GLU A 302 11.60 10.72 27.50
N ILE A 303 12.27 9.71 26.95
CA ILE A 303 12.93 8.71 27.78
C ILE A 303 14.08 9.35 28.54
N GLY A 304 14.72 10.33 27.92
CA GLY A 304 15.81 11.04 28.55
C GLY A 304 15.35 11.77 29.80
N LEU A 305 14.32 12.59 29.66
CA LEU A 305 13.80 13.39 30.76
C LEU A 305 13.31 12.51 31.90
N LYS A 306 12.76 11.35 31.57
CA LYS A 306 12.13 10.49 32.56
C LYS A 306 13.09 9.56 33.29
N HIS A 307 14.14 9.09 32.60
CA HIS A 307 14.99 8.04 33.15
C HIS A 307 16.45 8.43 33.37
N PHE A 308 16.91 9.52 32.76
CA PHE A 308 18.32 9.86 32.81
C PHE A 308 18.60 11.25 33.38
N PRO A 309 19.80 11.41 33.98
CA PRO A 309 20.21 12.67 34.62
C PRO A 309 20.77 13.68 33.62
N LYS A 310 20.76 14.95 33.99
CA LYS A 310 21.29 16.01 33.14
C LYS A 310 22.63 16.52 33.66
N THR A 311 22.78 16.53 34.99
CA THR A 311 24.02 17.02 35.60
C THR A 311 24.88 15.86 36.09
N ALA A 312 26.16 16.15 36.31
CA ALA A 312 27.12 15.13 36.75
C ALA A 312 26.90 14.76 38.22
N ALA A 313 26.21 15.62 38.95
CA ALA A 313 25.89 15.34 40.35
C ALA A 313 24.76 14.31 40.45
N GLU A 314 23.89 14.29 39.46
CA GLU A 314 22.79 13.34 39.41
C GLU A 314 23.27 11.95 38.97
N ASP A 315 24.44 11.91 38.32
CA ASP A 315 24.98 10.66 37.82
C ASP A 315 25.67 9.86 38.93
N THR A 316 25.73 8.55 38.76
CA THR A 316 26.28 7.67 39.79
C THR A 316 27.12 6.53 39.22
N ASN A 317 26.58 5.84 38.21
CA ASN A 317 27.22 4.63 37.69
C ASN A 317 27.61 4.75 36.21
N GLY A 318 27.43 5.93 35.65
CA GLY A 318 27.81 6.17 34.27
C GLY A 318 26.74 5.73 33.29
N SER A 319 25.48 5.87 33.68
CA SER A 319 24.37 5.47 32.84
C SER A 319 24.10 6.51 31.77
N PHE A 320 24.62 7.72 31.97
CA PHE A 320 24.42 8.80 31.01
C PHE A 320 24.92 8.39 29.63
N GLY A 321 25.86 7.45 29.59
CA GLY A 321 26.41 6.97 28.34
C GLY A 321 25.34 6.30 27.48
N MET A 322 24.42 5.60 28.12
CA MET A 322 23.34 4.91 27.40
C MET A 322 22.48 5.91 26.65
N PHE A 323 22.12 7.02 27.30
CA PHE A 323 21.24 8.00 26.66
C PHE A 323 21.96 8.76 25.55
N PHE A 324 23.26 8.99 25.73
CA PHE A 324 24.06 9.60 24.68
C PHE A 324 24.07 8.66 23.48
N TYR A 325 24.23 7.38 23.76
CA TYR A 325 24.24 6.34 22.73
C TYR A 325 22.92 6.29 21.94
N LEU A 326 21.81 6.38 22.65
CA LEU A 326 20.50 6.38 22.00
C LEU A 326 20.34 7.58 21.08
N GLN A 327 20.73 8.75 21.57
CA GLN A 327 20.60 9.98 20.81
C GLN A 327 21.47 9.96 19.56
N ILE A 328 22.57 9.23 19.61
CA ILE A 328 23.44 9.09 18.44
C ILE A 328 22.78 8.21 17.39
N LEU A 329 22.32 7.04 17.80
CA LEU A 329 21.60 6.13 16.90
C LEU A 329 20.51 6.90 16.16
N ALA A 330 19.78 7.73 16.91
CA ALA A 330 18.63 8.43 16.37
C ALA A 330 19.01 9.66 15.55
N GLY A 331 20.30 9.96 15.48
CA GLY A 331 20.78 11.10 14.72
C GLY A 331 20.41 12.41 15.36
N MET A 332 20.21 12.39 16.68
CA MET A 332 20.03 13.63 17.45
C MET A 332 21.40 14.11 17.88
N PHE A 333 22.22 14.47 16.89
CA PHE A 333 23.64 14.70 17.09
C PHE A 333 23.94 15.92 17.97
N GLU A 334 23.33 17.06 17.66
CA GLU A 334 23.57 18.28 18.41
C GLU A 334 23.15 18.11 19.86
N GLN A 335 22.02 17.45 20.07
CA GLN A 335 21.51 17.21 21.42
C GLN A 335 22.40 16.23 22.18
N ALA A 336 22.88 15.20 21.47
CA ALA A 336 23.69 14.17 22.09
C ALA A 336 24.98 14.76 22.66
N ILE A 337 25.67 15.55 21.86
CA ILE A 337 26.91 16.18 22.28
C ILE A 337 26.67 17.16 23.42
N ALA A 338 25.63 17.96 23.29
CA ALA A 338 25.27 18.91 24.34
C ALA A 338 24.96 18.18 25.63
N TYR A 339 24.37 17.00 25.52
CA TYR A 339 23.99 16.22 26.68
C TYR A 339 25.19 15.58 27.37
N LEU A 340 26.24 15.28 26.60
CA LEU A 340 27.40 14.58 27.12
C LEU A 340 28.42 15.51 27.76
N TYR A 341 28.52 16.73 27.25
CA TYR A 341 29.59 17.66 27.65
C TYR A 341 29.78 17.74 29.17
N PRO A 342 28.67 17.88 29.92
CA PRO A 342 28.76 18.00 31.38
C PRO A 342 29.37 16.76 32.05
N PHE A 343 29.17 15.59 31.45
CA PHE A 343 29.62 14.34 32.05
C PHE A 343 31.04 13.99 31.64
N SER A 344 31.45 14.46 30.46
CA SER A 344 32.79 14.22 29.95
C SER A 344 33.05 15.14 28.76
N TYR A 345 33.57 16.33 29.04
CA TYR A 345 33.77 17.34 28.01
C TYR A 345 34.79 16.87 26.98
N VAL A 346 35.76 16.06 27.41
CA VAL A 346 36.78 15.57 26.49
C VAL A 346 36.14 14.71 25.41
N ASP A 347 35.35 13.72 25.82
CA ASP A 347 34.68 12.84 24.88
C ASP A 347 33.70 13.64 24.00
N ALA A 348 33.01 14.59 24.61
CA ALA A 348 32.06 15.43 23.88
C ALA A 348 32.76 16.22 22.78
N VAL A 349 33.91 16.80 23.10
CA VAL A 349 34.65 17.62 22.14
C VAL A 349 35.11 16.81 20.93
N HIS A 350 35.68 15.64 21.16
CA HIS A 350 36.21 14.82 20.08
C HIS A 350 35.11 14.14 19.26
N PHE A 351 34.03 13.72 19.92
CA PHE A 351 32.91 13.13 19.19
C PHE A 351 32.31 14.18 18.28
N ALA A 352 32.31 15.43 18.73
CA ALA A 352 31.81 16.54 17.94
C ALA A 352 32.71 16.78 16.73
N ILE A 353 34.01 16.51 16.90
CA ILE A 353 34.95 16.63 15.80
C ILE A 353 34.71 15.54 14.77
N ALA A 354 34.52 14.32 15.25
CA ALA A 354 34.23 13.19 14.38
C ALA A 354 33.00 13.47 13.52
N LEU A 355 31.93 13.93 14.16
CA LEU A 355 30.69 14.21 13.45
C LEU A 355 30.83 15.38 12.49
N THR A 356 31.47 16.45 12.94
CA THR A 356 31.63 17.64 12.11
C THR A 356 32.45 17.33 10.86
N TYR A 357 33.45 16.46 11.01
CA TYR A 357 34.28 16.04 9.89
C TYR A 357 33.44 15.47 8.75
N TYR A 358 32.46 14.64 9.09
CA TYR A 358 31.57 14.05 8.08
C TYR A 358 30.42 14.98 7.72
N GLY A 359 30.21 16.02 8.52
CA GLY A 359 29.19 17.01 8.25
C GLY A 359 27.86 16.67 8.90
N LEU A 360 27.93 16.10 10.10
CA LEU A 360 26.72 15.68 10.81
C LEU A 360 26.54 16.46 12.11
N LEU A 361 26.90 17.74 12.09
CA LEU A 361 26.74 18.59 13.26
C LEU A 361 26.48 20.02 12.84
N ARG A 362 25.25 20.48 13.05
CA ARG A 362 24.85 21.83 12.68
C ARG A 362 25.57 22.86 13.57
N PRO A 363 26.38 23.72 12.97
CA PRO A 363 27.09 24.77 13.72
C PRO A 363 26.31 26.08 13.75
N VAL A 364 26.51 26.87 14.79
CA VAL A 364 25.93 28.21 14.84
C VAL A 364 26.60 29.06 13.75
N ASP A 365 25.89 30.08 13.27
CA ASP A 365 26.47 30.99 12.30
C ASP A 365 27.44 31.92 13.03
N ALA A 366 28.32 32.55 12.26
CA ALA A 366 29.36 33.40 12.84
C ALA A 366 28.77 34.58 13.61
N ALA A 367 27.62 35.06 13.18
CA ALA A 367 26.98 36.21 13.81
C ALA A 367 26.51 35.90 15.22
N SER A 368 26.27 34.62 15.49
CA SER A 368 25.82 34.19 16.81
C SER A 368 26.84 33.25 17.43
N ALA A 369 28.12 33.62 17.33
CA ALA A 369 29.21 32.80 17.83
C ALA A 369 29.47 33.03 19.32
N GLY A 370 28.54 33.70 20.00
CA GLY A 370 28.67 33.94 21.42
C GLY A 370 27.62 33.19 22.23
N ASN A 371 27.05 32.15 21.62
CA ASN A 371 26.03 31.35 22.29
C ASN A 371 26.62 30.26 23.17
N GLU A 372 25.84 29.81 24.15
CA GLU A 372 26.22 28.67 24.96
C GLU A 372 26.44 27.46 24.05
N LEU A 373 26.89 26.35 24.63
CA LEU A 373 27.22 25.18 23.83
C LEU A 373 26.08 24.83 22.89
N LEU A 374 24.87 24.74 23.43
CA LEU A 374 23.69 24.38 22.66
C LEU A 374 22.70 25.53 22.55
N SER A 375 22.36 25.89 21.32
CA SER A 375 21.34 26.91 21.07
C SER A 375 20.47 26.48 19.91
N HIS A 376 19.45 27.27 19.58
CA HIS A 376 18.56 26.96 18.47
C HIS A 376 18.45 28.13 17.50
N ASN A 377 18.42 27.83 16.21
CA ASN A 377 18.35 28.86 15.18
C ASN A 377 16.92 29.35 14.96
N THR A 378 16.73 30.17 13.93
CA THR A 378 15.43 30.72 13.61
C THR A 378 14.38 29.64 13.37
N ARG A 379 14.83 28.51 12.83
CA ARG A 379 13.93 27.41 12.50
C ARG A 379 13.77 26.42 13.66
N SER A 380 14.20 26.85 14.84
CA SER A 380 14.06 26.03 16.04
C SER A 380 14.85 24.73 15.95
N MET A 381 15.88 24.72 15.11
CA MET A 381 16.78 23.57 14.98
C MET A 381 18.00 23.75 15.88
N PRO A 382 18.43 22.67 16.54
CA PRO A 382 19.52 22.72 17.52
C PRO A 382 20.89 22.99 16.89
N GLN A 383 21.70 23.81 17.56
CA GLN A 383 23.00 24.21 17.05
C GLN A 383 24.09 23.98 18.08
N ILE A 384 25.28 23.63 17.60
CA ILE A 384 26.45 23.50 18.46
C ILE A 384 27.45 24.58 18.11
N ASN A 385 27.93 25.29 19.13
CA ASN A 385 28.94 26.33 18.91
C ASN A 385 30.32 25.71 18.79
N PHE A 386 30.57 25.07 17.64
CA PHE A 386 31.79 24.31 17.42
C PHE A 386 33.05 25.16 17.61
N GLY A 387 33.05 26.36 17.06
CA GLY A 387 34.20 27.25 17.15
C GLY A 387 34.63 27.51 18.59
N ARG A 388 33.77 28.16 19.35
CA ARG A 388 34.07 28.47 20.75
C ARG A 388 34.41 27.20 21.54
N MET A 389 33.66 26.13 21.31
CA MET A 389 33.87 24.89 22.04
C MET A 389 35.32 24.43 21.93
N LEU A 390 35.89 24.56 20.74
CA LEU A 390 37.26 24.14 20.50
C LEU A 390 38.25 25.07 21.19
N GLY A 391 38.15 26.36 20.87
CA GLY A 391 39.04 27.34 21.46
C GLY A 391 39.06 27.21 22.97
N TYR A 392 37.88 27.06 23.55
CA TYR A 392 37.73 26.90 24.99
C TYR A 392 38.46 25.65 25.46
N TYR A 393 38.37 24.59 24.66
CA TYR A 393 38.97 23.31 25.01
C TYR A 393 40.50 23.39 25.03
N THR A 394 41.07 24.19 24.13
CA THR A 394 42.52 24.28 24.00
C THR A 394 43.19 25.09 25.12
N ARG A 395 42.40 25.79 25.92
CA ARG A 395 42.94 26.63 26.99
C ARG A 395 43.28 25.81 28.22
N ASP A 396 43.29 24.49 28.08
CA ASP A 396 43.74 23.61 29.15
C ASP A 396 45.21 23.22 28.92
N PHE A 397 45.73 23.53 27.73
CA PHE A 397 47.09 23.13 27.38
C PHE A 397 47.76 23.97 26.28
N ARG A 398 47.16 25.09 25.87
CA ARG A 398 47.75 25.86 24.79
C ARG A 398 49.02 26.57 25.23
N ALA A 399 49.10 26.93 26.50
CA ALA A 399 50.28 27.61 27.04
C ALA A 399 51.53 26.74 26.97
N ALA A 400 51.41 25.49 27.42
CA ALA A 400 52.56 24.59 27.50
C ALA A 400 52.62 23.62 26.32
N ASN A 401 51.78 23.84 25.30
CA ASN A 401 51.77 22.97 24.13
C ASN A 401 51.00 23.59 22.97
N PRO A 402 51.55 24.68 22.40
CA PRO A 402 50.89 25.48 21.37
C PRO A 402 50.65 24.75 20.05
N ALA A 403 51.47 23.73 19.76
CA ALA A 403 51.31 22.96 18.53
C ALA A 403 50.02 22.16 18.56
N ALA A 404 49.76 21.52 19.70
CA ALA A 404 48.53 20.77 19.88
C ALA A 404 47.32 21.70 19.76
N ALA A 405 47.45 22.92 20.27
CA ALA A 405 46.36 23.89 20.22
C ALA A 405 46.06 24.32 18.80
N VAL A 406 47.09 24.37 17.96
CA VAL A 406 46.92 24.75 16.56
C VAL A 406 46.15 23.68 15.80
N ASP A 407 46.36 22.42 16.17
CA ASP A 407 45.67 21.31 15.53
C ASP A 407 44.15 21.43 15.67
N TYR A 408 43.71 21.74 16.88
CA TYR A 408 42.27 21.87 17.16
C TYR A 408 41.67 23.12 16.51
N LEU A 409 42.24 24.27 16.81
CA LEU A 409 41.75 25.52 16.25
C LEU A 409 41.55 25.43 14.73
N VAL A 410 42.38 24.63 14.07
CA VAL A 410 42.28 24.45 12.63
C VAL A 410 41.02 23.68 12.24
N LEU A 411 40.57 22.79 13.13
CA LEU A 411 39.37 22.02 12.89
C LEU A 411 38.15 22.91 12.74
N ILE A 412 38.25 24.16 13.20
CA ILE A 412 37.16 25.11 13.07
C ILE A 412 36.78 25.29 11.60
N CYS A 413 37.76 25.17 10.72
CA CYS A 413 37.53 25.40 9.29
C CYS A 413 36.85 24.21 8.60
N LEU A 414 36.51 23.19 9.36
CA LEU A 414 35.72 22.09 8.80
C LEU A 414 34.37 22.65 8.35
N ASN A 415 33.83 23.58 9.14
CA ASN A 415 32.54 24.20 8.81
C ASN A 415 32.69 25.40 7.88
N ALA A 416 33.81 25.50 7.18
CA ALA A 416 34.09 26.66 6.34
C ALA A 416 34.03 26.32 4.85
N ASP A 417 33.10 25.44 4.49
CA ASP A 417 32.90 25.08 3.09
C ASP A 417 31.54 25.53 2.60
N GLU A 418 31.25 25.26 1.33
CA GLU A 418 30.01 25.71 0.70
C GLU A 418 28.77 25.23 1.42
N ALA A 419 28.88 24.10 2.12
CA ALA A 419 27.71 23.46 2.73
C ALA A 419 27.26 24.13 4.03
N ALA A 420 28.22 24.56 4.85
CA ALA A 420 27.92 25.10 6.17
C ALA A 420 27.01 26.33 6.09
N GLY A 421 27.17 27.11 5.03
CA GLY A 421 26.41 28.34 4.87
C GLY A 421 27.27 29.57 5.10
N GLY A 422 27.86 29.64 6.29
CA GLY A 422 28.79 30.71 6.62
C GLY A 422 30.19 30.35 6.17
N GLN A 423 30.37 30.25 4.86
CA GLN A 423 31.59 29.72 4.27
C GLN A 423 32.84 30.46 4.73
N GLN A 424 32.84 31.78 4.61
CA GLN A 424 34.04 32.56 4.87
C GLN A 424 34.04 33.18 6.27
N ALA A 425 32.87 33.21 6.90
CA ALA A 425 32.76 33.77 8.25
C ALA A 425 33.33 32.82 9.29
N GLN A 426 33.25 31.51 9.01
CA GLN A 426 33.81 30.50 9.89
C GLN A 426 35.33 30.44 9.75
N ALA A 427 35.82 30.70 8.55
CA ALA A 427 37.25 30.74 8.31
C ALA A 427 37.86 31.94 9.02
N ALA A 428 37.09 33.02 9.12
CA ALA A 428 37.53 34.22 9.81
C ALA A 428 37.67 33.96 11.31
N LEU A 429 36.74 33.19 11.86
CA LEU A 429 36.79 32.84 13.28
C LEU A 429 38.06 32.08 13.61
N CYS A 430 38.44 31.16 12.71
CA CYS A 430 39.64 30.36 12.88
C CYS A 430 40.89 31.24 12.89
N HIS A 431 40.91 32.24 12.01
CA HIS A 431 42.02 33.16 11.94
C HIS A 431 42.21 33.92 13.24
N GLU A 432 41.11 34.47 13.78
CA GLU A 432 41.17 35.21 15.03
C GLU A 432 41.57 34.31 16.19
N ALA A 433 41.13 33.05 16.13
CA ALA A 433 41.47 32.09 17.18
C ALA A 433 42.99 31.85 17.19
N LEU A 434 43.56 31.76 16.00
CA LEU A 434 44.99 31.56 15.84
C LEU A 434 45.77 32.85 16.14
N ARG A 435 45.18 33.99 15.78
CA ARG A 435 45.80 35.28 16.06
C ARG A 435 45.95 35.50 17.56
N GLU A 436 44.90 35.20 18.30
CA GLU A 436 44.92 35.38 19.75
C GLU A 436 45.83 34.38 20.42
N LEU A 437 46.13 33.29 19.73
CA LEU A 437 47.07 32.28 20.23
C LEU A 437 48.50 32.78 20.09
N VAL A 438 48.80 33.40 18.96
CA VAL A 438 50.14 33.91 18.69
C VAL A 438 50.50 35.07 19.62
N LEU A 439 49.58 36.03 19.75
CA LEU A 439 49.81 37.20 20.60
C LEU A 439 49.88 36.82 22.08
N GLU A 440 49.24 35.72 22.45
CA GLU A 440 49.21 35.26 23.83
C GLU A 440 50.46 34.46 24.20
N SER A 441 51.18 33.99 23.19
CA SER A 441 52.35 33.15 23.42
C SER A 441 53.61 33.78 22.81
N ARG A 442 54.77 33.28 23.21
CA ARG A 442 56.03 33.78 22.67
C ARG A 442 56.70 32.76 21.75
N GLU A 443 55.93 31.74 21.34
CA GLU A 443 56.45 30.70 20.47
C GLU A 443 56.31 31.09 19.00
N PHE A 444 56.95 32.19 18.63
CA PHE A 444 56.86 32.69 17.26
C PHE A 444 57.69 31.83 16.30
N SER A 445 58.81 31.31 16.80
CA SER A 445 59.69 30.47 15.98
C SER A 445 58.97 29.19 15.56
N ARG A 446 57.96 28.79 16.33
CA ARG A 446 57.19 27.59 16.06
C ARG A 446 56.00 27.90 15.16
N LEU A 447 55.18 28.86 15.60
CA LEU A 447 53.93 29.18 14.94
C LEU A 447 54.10 29.92 13.62
N ILE A 448 54.97 30.93 13.60
CA ILE A 448 55.13 31.75 12.41
C ILE A 448 56.32 31.31 11.57
N GLY A 449 57.43 30.96 12.21
CA GLY A 449 58.59 30.47 11.49
C GLY A 449 59.92 30.89 12.09
N ASP A 450 60.99 30.26 11.62
CA ASP A 450 62.34 30.50 12.12
C ASP A 450 63.22 31.03 10.98
N ILE A 451 64.48 31.33 11.30
CA ILE A 451 65.40 31.90 10.32
C ILE A 451 66.70 31.10 10.23
N ARG A 452 67.09 30.75 9.01
CA ARG A 452 68.36 30.06 8.77
C ARG A 452 69.49 31.07 8.69
N PRO A 453 70.74 30.60 8.81
CA PRO A 453 71.90 31.51 8.80
C PRO A 453 71.93 32.44 7.58
N ASP A 454 71.41 31.97 6.44
CA ASP A 454 71.44 32.79 5.23
C ASP A 454 70.18 33.65 5.07
N GLY A 455 69.29 33.59 6.05
CA GLY A 455 68.10 34.43 6.06
C GLY A 455 66.84 33.73 5.59
N ARG A 456 66.98 32.58 4.95
CA ARG A 456 65.83 31.83 4.47
C ARG A 456 64.95 31.43 5.65
N ARG A 457 63.64 31.40 5.40
CA ARG A 457 62.67 31.12 6.45
C ARG A 457 62.42 29.62 6.60
N ILE A 458 62.25 29.19 7.85
CA ILE A 458 61.81 27.84 8.17
C ILE A 458 60.34 27.89 8.55
N ARG A 459 59.47 27.58 7.60
CA ARG A 459 58.03 27.76 7.77
C ARG A 459 57.53 27.25 9.12
N GLY A 460 56.61 28.01 9.72
CA GLY A 460 56.02 27.65 10.99
C GLY A 460 54.88 26.68 10.81
N VAL A 461 54.34 26.18 11.93
CA VAL A 461 53.30 25.17 11.87
C VAL A 461 52.02 25.69 11.21
N ILE A 462 51.66 26.94 11.47
CA ILE A 462 50.41 27.50 10.98
C ILE A 462 50.36 27.60 9.46
N GLU A 463 51.37 28.23 8.87
CA GLU A 463 51.38 28.42 7.43
C GLU A 463 51.58 27.10 6.68
N GLU A 464 52.00 26.07 7.40
CA GLU A 464 52.08 24.73 6.82
C GLU A 464 50.70 24.08 6.81
N ARG A 465 49.85 24.47 7.75
CA ARG A 465 48.46 24.04 7.78
C ARG A 465 47.59 24.93 6.90
N GLY A 466 48.23 25.80 6.11
CA GLY A 466 47.52 26.74 5.27
C GLY A 466 46.39 26.12 4.48
N PRO A 467 46.68 25.02 3.77
CA PRO A 467 45.68 24.33 2.94
C PRO A 467 44.43 23.91 3.73
N LEU A 468 44.57 23.72 5.04
CA LEU A 468 43.46 23.26 5.87
C LEU A 468 42.66 24.41 6.49
N ILE A 469 43.05 25.65 6.18
CA ILE A 469 42.36 26.82 6.71
C ILE A 469 42.21 27.93 5.67
N ALA A 470 42.00 27.54 4.42
CA ALA A 470 41.73 28.49 3.34
C ALA A 470 42.90 29.42 3.05
N LEU A 471 44.10 29.01 3.44
CA LEU A 471 45.31 29.78 3.15
C LEU A 471 46.23 28.98 2.23
N ASP A 475 46.48 35.61 1.65
CA ASP A 475 47.92 35.57 1.78
C ASP A 475 48.39 36.38 2.99
N ASP A 476 47.85 37.59 3.10
CA ASP A 476 48.34 38.57 4.06
C ASP A 476 48.02 38.25 5.52
N PHE A 477 47.37 37.13 5.79
CA PHE A 477 47.01 36.79 7.17
C PHE A 477 48.24 36.60 8.04
N ILE A 478 49.15 35.73 7.61
CA ILE A 478 50.37 35.47 8.37
C ILE A 478 51.23 36.73 8.45
N ARG A 479 51.30 37.47 7.35
CA ARG A 479 52.05 38.71 7.32
C ARG A 479 51.47 39.72 8.29
N THR A 480 50.14 39.75 8.38
CA THR A 480 49.45 40.69 9.25
C THR A 480 49.74 40.43 10.72
N ILE A 481 49.47 39.22 11.18
CA ILE A 481 49.63 38.88 12.58
C ILE A 481 51.09 38.94 13.03
N THR A 482 52.01 38.92 12.07
CA THR A 482 53.43 39.04 12.38
C THR A 482 53.77 40.50 12.69
N LEU A 483 53.28 41.41 11.85
CA LEU A 483 53.56 42.82 12.01
C LEU A 483 53.04 43.35 13.34
N GLN A 484 51.83 42.96 13.71
CA GLN A 484 51.25 43.41 14.97
C GLN A 484 51.98 42.77 16.14
N ALA A 485 52.35 41.50 16.00
CA ALA A 485 53.09 40.80 17.03
C ALA A 485 54.50 41.38 17.14
N ALA A 486 54.99 41.92 16.03
CA ALA A 486 56.32 42.53 15.98
C ALA A 486 56.27 43.90 16.65
N SER A 487 55.36 44.74 16.19
CA SER A 487 55.17 46.08 16.76
C SER A 487 54.91 45.97 18.26
N PHE A 488 54.17 44.94 18.66
CA PHE A 488 53.84 44.73 20.06
C PHE A 488 55.09 44.40 20.87
N ALA A 489 56.08 43.79 20.21
CA ALA A 489 57.31 43.40 20.88
C ALA A 489 58.30 44.57 20.94
N ASP A 490 58.35 45.35 19.87
CA ASP A 490 59.24 46.50 19.82
C ASP A 490 58.81 47.54 20.86
N ASP A 491 57.49 47.67 21.03
CA ASP A 491 56.94 48.64 21.99
C ASP A 491 57.08 48.17 23.42
N ASN A 492 57.08 46.84 23.63
CA ASN A 492 57.18 46.28 24.96
C ASN A 492 58.60 45.83 25.30
N GLY A 493 59.55 46.23 24.47
CA GLY A 493 60.97 46.06 24.78
C GLY A 493 61.51 44.65 24.66
N ARG A 494 60.77 43.75 24.03
CA ARG A 494 61.26 42.39 23.78
C ARG A 494 62.04 42.34 22.47
N THR A 495 63.32 42.71 22.55
CA THR A 495 64.16 42.95 21.38
C THR A 495 64.33 41.74 20.48
N THR A 496 64.59 40.57 21.07
CA THR A 496 64.85 39.38 20.28
C THR A 496 63.63 38.96 19.47
N ASP A 497 62.46 38.92 20.09
CA ASP A 497 61.23 38.57 19.39
C ASP A 497 60.99 39.54 18.23
N ALA A 498 61.20 40.83 18.48
CA ALA A 498 60.95 41.86 17.48
C ALA A 498 61.83 41.66 16.25
N VAL A 499 63.09 41.30 16.48
CA VAL A 499 64.03 41.04 15.38
C VAL A 499 63.57 39.83 14.57
N LEU A 500 63.18 38.77 15.27
CA LEU A 500 62.69 37.56 14.62
C LEU A 500 61.49 37.87 13.73
N LEU A 501 60.51 38.57 14.29
CA LEU A 501 59.24 38.81 13.60
C LEU A 501 59.36 39.81 12.45
N TYR A 502 60.15 40.86 12.64
CA TYR A 502 60.31 41.87 11.60
C TYR A 502 61.09 41.33 10.40
N HIS A 503 61.93 40.33 10.64
CA HIS A 503 62.66 39.70 9.54
C HIS A 503 61.74 38.78 8.76
N LEU A 504 60.87 38.07 9.46
CA LEU A 504 59.89 37.20 8.81
C LEU A 504 58.92 38.03 7.98
N ALA A 505 58.67 39.26 8.41
CA ALA A 505 57.80 40.16 7.66
C ALA A 505 58.57 40.88 6.56
N GLU A 506 59.83 40.48 6.38
CA GLU A 506 60.68 41.04 5.33
C GLU A 506 60.98 42.52 5.54
N ASP A 507 60.75 43.01 6.75
CA ASP A 507 61.09 44.39 7.08
C ASP A 507 62.51 44.42 7.64
N TYR A 508 63.49 44.35 6.75
CA TYR A 508 64.88 44.22 7.15
C TYR A 508 65.43 45.53 7.72
N ASP A 509 64.96 46.65 7.20
CA ASP A 509 65.43 47.95 7.66
C ASP A 509 65.09 48.17 9.13
N THR A 510 63.90 47.76 9.53
CA THR A 510 63.48 47.88 10.92
C THR A 510 64.36 47.02 11.82
N VAL A 511 64.68 45.83 11.34
CA VAL A 511 65.52 44.90 12.09
C VAL A 511 66.86 45.53 12.42
N VAL A 512 67.45 46.23 11.46
CA VAL A 512 68.74 46.87 11.67
C VAL A 512 68.63 47.97 12.73
N SER A 513 67.53 48.74 12.67
CA SER A 513 67.30 49.80 13.64
C SER A 513 67.16 49.23 15.05
N ILE A 514 66.52 48.08 15.17
CA ILE A 514 66.27 47.47 16.46
C ILE A 514 67.55 46.92 17.09
N VAL A 515 68.40 46.31 16.28
CA VAL A 515 69.67 45.79 16.76
C VAL A 515 70.66 46.94 17.03
N SER A 516 70.54 48.01 16.25
CA SER A 516 71.37 49.19 16.44
C SER A 516 71.08 49.81 17.80
N ARG A 517 69.80 49.85 18.16
CA ARG A 517 69.37 50.45 19.41
C ARG A 517 69.80 49.61 20.60
N ALA A 518 69.56 48.31 20.51
CA ALA A 518 69.92 47.39 21.59
C ALA A 518 71.43 47.36 21.75
N LEU A 519 72.15 47.50 20.63
CA LEU A 519 73.60 47.52 20.65
C LEU A 519 74.11 48.87 21.17
N SER A 520 73.37 49.94 20.86
CA SER A 520 73.72 51.27 21.32
C SER A 520 73.60 51.37 22.84
N GLU A 521 72.56 50.74 23.38
CA GLU A 521 72.32 50.77 24.82
C GLU A 521 73.41 49.98 25.56
N ALA A 522 73.88 48.89 24.96
CA ALA A 522 74.88 48.04 25.58
C ALA A 522 76.24 48.73 25.62
N ILE A 523 76.52 49.55 24.61
CA ILE A 523 77.77 50.27 24.52
C ILE A 523 77.87 51.36 25.59
N SER A 524 76.72 51.96 25.93
CA SER A 524 76.69 53.07 26.86
C SER A 524 77.10 52.67 28.28
N LEU A 525 76.65 51.50 28.73
CA LEU A 525 76.98 51.02 30.06
C LEU A 525 78.47 51.14 30.36
N GLU A 526 78.80 51.52 31.59
CA GLU A 526 80.19 51.70 31.99
C GLU A 526 80.99 50.41 31.92
N ILE A 527 82.29 50.55 31.65
CA ILE A 527 83.19 49.41 31.65
C ILE A 527 83.41 48.95 33.09
N GLY A 528 82.68 47.90 33.48
CA GLY A 528 82.73 47.42 34.84
C GLY A 528 81.41 46.83 35.27
N GLU A 529 80.32 47.41 34.78
CA GLU A 529 78.98 46.87 35.02
C GLU A 529 78.86 45.53 34.31
N ASP A 530 77.87 44.74 34.72
CA ASP A 530 77.61 43.47 34.05
C ASP A 530 77.12 43.75 32.63
N PRO A 531 77.53 42.91 31.68
CA PRO A 531 77.13 43.10 30.27
C PRO A 531 75.62 43.04 30.08
N MET A 532 75.10 43.88 29.19
CA MET A 532 73.67 43.92 28.89
C MET A 532 73.23 42.59 28.29
N ARG A 533 72.13 42.05 28.81
CA ARG A 533 71.62 40.76 28.35
C ARG A 533 70.20 40.86 27.81
N LEU A 534 69.91 40.09 26.77
CA LEU A 534 68.59 40.06 26.16
C LEU A 534 67.91 38.73 26.45
N ILE A 535 66.59 38.73 26.47
CA ILE A 535 65.83 37.50 26.58
C ILE A 535 65.79 36.81 25.22
N PRO A 536 66.30 35.58 25.14
CA PRO A 536 66.38 34.87 23.85
C PRO A 536 65.02 34.38 23.36
N VAL A 537 64.81 34.43 22.05
CA VAL A 537 63.58 33.93 21.46
C VAL A 537 63.36 32.48 21.90
N LYS A 538 62.10 32.07 21.96
CA LYS A 538 61.77 30.69 22.27
C LYS A 538 62.32 29.78 21.19
N PRO A 539 63.00 28.69 21.58
CA PRO A 539 63.51 27.73 20.61
C PRO A 539 62.39 27.08 19.79
N ARG A 540 62.65 26.78 18.52
CA ARG A 540 61.63 26.25 17.63
C ARG A 540 61.34 24.79 17.96
N VAL A 541 62.29 24.15 18.62
CA VAL A 541 62.12 22.76 19.03
C VAL A 541 62.72 22.55 20.41
N THR A 542 62.09 21.67 21.18
CA THR A 542 62.57 21.35 22.51
C THR A 542 63.22 19.98 22.53
N ASN A 543 64.41 19.87 21.94
CA ASN A 543 65.17 18.63 22.02
C ASN A 543 65.24 18.19 23.48
N ALA A 544 65.08 16.89 23.71
CA ALA A 544 64.90 16.39 25.07
C ALA A 544 65.91 15.32 25.44
N GLU A 545 66.10 15.15 26.74
CA GLU A 545 66.99 14.12 27.26
C GLU A 545 66.47 12.74 26.90
N GLY A 546 67.32 11.94 26.25
CA GLY A 546 66.94 10.61 25.84
C GLY A 546 66.29 10.58 24.47
N GLN A 547 65.94 11.76 23.96
CA GLN A 547 65.34 11.88 22.64
C GLN A 547 66.37 12.37 21.63
N VAL A 548 66.08 12.18 20.35
CA VAL A 548 67.00 12.55 19.28
C VAL A 548 66.75 13.98 18.82
N GLU A 549 67.78 14.63 18.30
CA GLU A 549 67.68 16.01 17.83
C GLU A 549 68.06 16.17 16.36
N GLU A 550 67.08 15.96 15.48
CA GLU A 550 67.29 16.22 14.06
C GLU A 550 67.60 17.70 13.88
N ALA A 551 67.03 18.53 14.75
CA ALA A 551 67.27 19.97 14.71
C ALA A 551 68.48 20.33 15.59
N ALA A 552 69.64 20.43 14.97
CA ALA A 552 70.87 20.71 15.71
C ALA A 552 71.07 22.20 15.96
N PRO A 553 71.71 22.55 17.08
CA PRO A 553 71.99 23.95 17.41
C PRO A 553 72.85 24.61 16.34
N GLY A 554 72.53 25.87 16.01
CA GLY A 554 73.26 26.61 15.02
C GLY A 554 72.62 26.56 13.64
N SER A 555 71.62 25.70 13.49
CA SER A 555 70.94 25.56 12.20
C SER A 555 69.91 26.67 11.99
N SER A 556 69.53 27.36 13.06
CA SER A 556 68.57 28.44 12.97
C SER A 556 68.77 29.46 14.08
N LEU A 557 68.36 30.69 13.84
CA LEU A 557 68.48 31.77 14.81
C LEU A 557 67.86 31.36 16.13
N SER A 558 66.74 30.66 16.06
CA SER A 558 66.02 30.20 17.24
C SER A 558 66.89 29.31 18.11
N LEU A 559 67.69 28.46 17.47
CA LEU A 559 68.51 27.48 18.17
C LEU A 559 69.94 27.97 18.33
N ALA A 560 70.14 29.29 18.22
CA ALA A 560 71.45 29.88 18.37
C ALA A 560 71.64 30.45 19.78
N ALA A 561 70.55 30.50 20.54
CA ALA A 561 70.59 30.95 21.93
C ALA A 561 71.27 32.31 22.08
N ILE A 562 70.90 33.24 21.19
CA ILE A 562 71.50 34.57 21.21
C ILE A 562 70.86 35.43 22.30
N ASP A 563 71.69 35.86 23.26
CA ASP A 563 71.24 36.72 24.35
C ASP A 563 72.19 37.89 24.54
N ASP A 564 73.06 38.13 23.55
CA ASP A 564 74.00 39.23 23.60
C ASP A 564 73.72 40.18 22.44
N PRO A 565 73.45 41.46 22.76
CA PRO A 565 73.11 42.42 21.70
C PRO A 565 74.19 42.54 20.62
N VAL A 566 75.46 42.34 21.00
CA VAL A 566 76.55 42.43 20.04
C VAL A 566 76.51 41.23 19.10
N GLU A 567 76.34 40.05 19.67
CA GLU A 567 76.27 38.83 18.87
C GLU A 567 75.06 38.88 17.95
N LEU A 568 73.97 39.46 18.44
CA LEU A 568 72.74 39.60 17.67
C LEU A 568 72.97 40.51 16.46
N ALA A 569 73.61 41.65 16.71
CA ALA A 569 73.88 42.62 15.65
C ALA A 569 74.78 42.01 14.57
N LYS A 570 75.81 41.29 15.00
CA LYS A 570 76.71 40.61 14.08
C LYS A 570 75.95 39.61 13.21
N ALA A 571 75.07 38.83 13.85
CA ALA A 571 74.34 37.78 13.15
C ALA A 571 73.46 38.34 12.04
N MET A 572 72.68 39.37 12.36
CA MET A 572 71.74 39.95 11.41
C MET A 572 72.46 40.79 10.36
N MET A 573 73.43 41.58 10.78
CA MET A 573 74.22 42.38 9.86
C MET A 573 75.06 41.47 8.97
N GLY A 574 75.46 40.33 9.52
CA GLY A 574 76.24 39.36 8.77
C GLY A 574 75.50 38.85 7.55
N MET A 575 74.28 38.36 7.75
CA MET A 575 73.51 37.81 6.64
C MET A 575 73.01 38.91 5.70
N TYR A 576 72.71 40.08 6.25
CA TYR A 576 72.18 41.17 5.44
C TYR A 576 73.22 41.73 4.48
N GLU A 577 74.49 41.66 4.86
CA GLU A 577 75.55 42.23 4.03
C GLU A 577 76.09 41.24 3.01
N ARG A 578 76.06 39.94 3.33
CA ARG A 578 76.52 38.91 2.40
C ARG A 578 75.61 38.83 1.18
N ASP A 579 74.31 38.94 1.41
CA ASP A 579 73.33 38.81 0.32
C ASP A 579 72.76 40.19 -0.03
N HIS A 580 73.02 40.63 -1.25
CA HIS A 580 72.61 41.95 -1.70
C HIS A 580 71.09 42.12 -1.71
N MET A 581 70.36 41.01 -1.62
CA MET A 581 68.90 41.06 -1.61
C MET A 581 68.40 41.82 -0.38
N PHE A 582 68.95 41.50 0.78
CA PHE A 582 68.58 42.18 2.01
C PHE A 582 69.22 43.57 2.06
N TRP A 583 70.48 43.63 1.64
CA TRP A 583 71.29 44.85 1.77
C TRP A 583 70.62 46.06 1.14
N GLN A 584 70.20 45.93 -0.12
CA GLN A 584 69.62 47.05 -0.85
C GLN A 584 68.28 47.50 -0.26
N LYS A 585 67.74 46.71 0.65
CA LYS A 585 66.47 47.05 1.31
C LYS A 585 66.72 47.72 2.66
N ILE A 586 67.97 48.09 2.92
CA ILE A 586 68.33 48.80 4.14
C ILE A 586 68.86 50.19 3.79
N ARG A 587 68.44 51.19 4.55
CA ARG A 587 68.85 52.57 4.30
C ARG A 587 70.32 52.77 4.62
N GLU A 588 71.03 53.44 3.72
CA GLU A 588 72.47 53.68 3.87
C GLU A 588 72.83 54.24 5.26
N PRO A 589 72.15 55.31 5.69
CA PRO A 589 72.50 55.86 7.00
C PRO A 589 72.28 54.84 8.13
N ASN A 590 71.30 53.95 7.95
CA ASN A 590 70.98 52.96 8.98
C ASN A 590 72.03 51.85 9.05
N ARG A 591 72.31 51.21 7.92
CA ARG A 591 73.31 50.16 7.85
C ARG A 591 74.68 50.69 8.26
N VAL A 592 75.03 51.87 7.79
CA VAL A 592 76.33 52.47 8.10
C VAL A 592 76.43 52.76 9.60
N ALA A 593 75.31 53.19 10.18
CA ALA A 593 75.27 53.52 11.60
C ALA A 593 75.53 52.28 12.47
N CYS A 594 74.91 51.17 12.10
CA CYS A 594 75.08 49.93 12.85
C CYS A 594 76.53 49.44 12.74
N SER A 595 77.11 49.59 11.55
CA SER A 595 78.50 49.22 11.32
C SER A 595 79.42 49.98 12.26
N VAL A 596 79.18 51.28 12.38
CA VAL A 596 79.98 52.13 13.26
C VAL A 596 79.84 51.67 14.71
N LEU A 597 78.62 51.32 15.09
CA LEU A 597 78.35 50.86 16.45
C LEU A 597 79.11 49.58 16.78
N LEU A 598 79.23 48.69 15.79
CA LEU A 598 79.97 47.44 15.97
C LEU A 598 81.44 47.72 16.23
N GLN A 599 82.01 48.65 15.47
CA GLN A 599 83.39 49.09 15.69
C GLN A 599 83.54 49.62 17.12
N MET A 600 82.55 50.39 17.55
CA MET A 600 82.56 51.01 18.87
C MET A 600 82.55 49.95 19.97
N ALA A 601 81.72 48.93 19.80
CA ALA A 601 81.65 47.84 20.76
C ALA A 601 82.97 47.11 20.81
N ASP A 602 83.67 47.08 19.68
CA ASP A 602 84.97 46.42 19.59
C ASP A 602 86.04 47.28 20.27
N ILE A 603 86.01 48.58 19.99
CA ILE A 603 86.91 49.53 20.65
C ILE A 603 86.76 49.44 22.17
N LYS A 604 85.52 49.25 22.62
CA LYS A 604 85.23 49.14 24.04
C LYS A 604 85.81 47.84 24.60
N SER A 605 85.70 46.76 23.83
CA SER A 605 86.22 45.47 24.24
C SER A 605 87.73 45.56 24.48
N LEU A 606 88.41 46.27 23.60
CA LEU A 606 89.87 46.42 23.70
C LEU A 606 90.25 47.09 25.02
N VAL A 607 89.55 48.16 25.37
CA VAL A 607 89.85 48.88 26.61
C VAL A 607 89.61 47.98 27.82
N GLU A 608 88.44 47.37 27.89
CA GLU A 608 88.08 46.50 29.00
C GLU A 608 89.05 45.33 29.10
N GLN A 609 89.62 44.94 27.97
CA GLN A 609 90.62 43.87 27.92
C GLN A 609 91.97 44.40 28.42
N GLY A 610 92.40 45.53 27.87
CA GLY A 610 93.66 46.13 28.25
C GLY A 610 94.64 46.22 27.09
N ARG A 611 94.15 46.60 25.92
CA ARG A 611 95.00 46.78 24.74
C ARG A 611 94.92 48.21 24.24
N TRP A 612 95.95 48.99 24.52
CA TRP A 612 95.92 50.43 24.27
C TRP A 612 96.23 50.79 22.82
N ALA A 613 97.28 50.20 22.27
CA ALA A 613 97.70 50.53 20.91
C ALA A 613 96.57 50.38 19.91
N GLU A 614 95.84 49.27 19.99
CA GLU A 614 94.77 48.98 19.05
C GLU A 614 93.62 49.98 19.19
N CYS A 615 93.20 50.22 20.42
CA CYS A 615 92.13 51.19 20.68
C CYS A 615 92.32 52.45 19.84
N LEU A 616 93.49 53.06 19.98
CA LEU A 616 93.79 54.30 19.27
C LEU A 616 93.54 54.18 17.77
N ASP A 617 93.96 53.06 17.18
CA ASP A 617 93.89 52.89 15.73
C ASP A 617 92.44 52.81 15.24
N LYS A 618 91.65 51.91 15.82
CA LYS A 618 90.26 51.75 15.39
C LYS A 618 89.46 53.02 15.62
N ILE A 619 89.84 53.78 16.65
CA ILE A 619 89.18 55.04 16.93
C ILE A 619 89.55 56.06 15.86
N ARG A 620 90.81 56.06 15.45
CA ARG A 620 91.27 56.92 14.36
C ARG A 620 90.57 56.52 13.07
N ALA A 621 90.29 55.23 12.92
CA ALA A 621 89.67 54.70 11.71
C ALA A 621 88.23 55.16 11.56
N LEU A 622 87.57 55.45 12.68
CA LEU A 622 86.19 55.92 12.65
C LEU A 622 86.06 57.25 11.93
N ASP A 623 87.11 58.06 12.00
CA ASP A 623 87.13 59.37 11.34
C ASP A 623 85.92 60.21 11.75
N ILE A 624 85.56 60.12 13.03
CA ILE A 624 84.47 60.93 13.57
C ILE A 624 85.02 62.09 14.39
N LEU A 625 86.20 61.89 15.00
CA LEU A 625 86.84 62.92 15.78
C LEU A 625 88.02 63.53 15.02
N PRO A 626 88.34 64.80 15.27
CA PRO A 626 89.51 65.43 14.65
C PRO A 626 90.80 65.09 15.38
N LEU A 627 91.39 63.94 15.09
CA LEU A 627 92.54 63.42 15.84
C LEU A 627 93.80 63.29 15.00
N THR A 628 93.82 63.92 13.83
CA THR A 628 95.05 64.02 13.05
C THR A 628 95.57 65.46 13.10
N ALA A 629 94.69 66.38 13.50
CA ALA A 629 95.08 67.77 13.75
C ALA A 629 95.93 67.81 15.02
N ARG A 630 96.99 68.61 14.99
CA ARG A 630 97.89 68.75 16.13
C ARG A 630 97.48 69.94 17.00
N GLY A 631 97.39 71.12 16.38
CA GLY A 631 96.85 72.29 17.04
C GLY A 631 95.83 73.00 16.15
N ASP A 632 95.64 72.49 14.95
CA ASP A 632 94.82 73.17 13.94
C ASP A 632 93.46 73.62 14.47
N PRO A 633 93.18 74.94 14.40
CA PRO A 633 91.87 75.47 14.78
C PRO A 633 90.81 75.23 13.69
N GLY A 634 91.24 75.33 12.43
CA GLY A 634 90.32 75.26 11.30
C GLY A 634 89.71 73.90 11.07
N THR A 635 90.53 72.85 11.07
CA THR A 635 90.05 71.50 10.80
C THR A 635 89.03 71.04 11.83
N ILE A 636 89.20 71.48 13.07
CA ILE A 636 88.30 71.11 14.16
C ILE A 636 86.85 71.41 13.76
N ARG A 637 86.63 72.60 13.19
CA ARG A 637 85.31 73.04 12.78
C ARG A 637 84.66 72.10 11.78
N SER A 638 85.46 71.62 10.83
CA SER A 638 84.97 70.69 9.80
C SER A 638 84.22 69.53 10.43
N TYR A 639 84.72 69.03 11.55
CA TYR A 639 84.11 67.88 12.21
C TYR A 639 82.96 68.28 13.13
N ALA A 640 83.03 69.48 13.68
CA ALA A 640 81.96 69.98 14.53
C ALA A 640 80.65 70.09 13.73
N ALA A 641 80.77 70.51 12.48
CA ALA A 641 79.61 70.66 11.61
C ALA A 641 79.04 69.31 11.18
N ARG A 642 79.85 68.26 11.32
CA ARG A 642 79.41 66.91 10.99
C ARG A 642 78.55 66.29 12.07
N PHE A 643 78.72 66.75 13.31
CA PHE A 643 78.00 66.18 14.45
C PHE A 643 76.50 65.99 14.18
N PRO A 644 75.81 67.05 13.72
CA PRO A 644 74.38 66.94 13.47
C PRO A 644 74.02 65.88 12.42
N SER A 645 74.96 65.57 11.54
CA SER A 645 74.73 64.57 10.50
C SER A 645 74.80 63.15 11.07
N LEU A 646 75.57 62.98 12.15
CA LEU A 646 75.73 61.67 12.77
C LEU A 646 74.37 61.14 13.23
N ALA A 647 74.22 59.82 13.17
CA ALA A 647 72.99 59.18 13.63
C ALA A 647 72.90 59.26 15.16
N GLN A 648 71.68 59.29 15.67
CA GLN A 648 71.46 59.37 17.11
C GLN A 648 72.21 58.29 17.88
N PRO A 649 71.91 57.01 17.61
CA PRO A 649 72.52 55.93 18.39
C PRO A 649 74.05 55.98 18.38
N VAL A 650 74.63 56.63 17.38
CA VAL A 650 76.07 56.80 17.31
C VAL A 650 76.51 58.00 18.14
N ALA A 651 75.88 59.15 17.89
CA ALA A 651 76.23 60.39 18.57
C ALA A 651 76.12 60.28 20.08
N ILE A 652 75.13 59.52 20.54
CA ILE A 652 74.86 59.41 21.97
C ILE A 652 75.98 58.69 22.72
N ASN A 653 76.87 58.04 21.99
CA ASN A 653 78.00 57.34 22.61
C ASN A 653 79.33 58.03 22.39
N VAL A 654 79.30 59.22 21.79
CA VAL A 654 80.52 60.01 21.63
C VAL A 654 81.10 60.39 22.99
N PRO A 655 80.23 60.76 23.94
CA PRO A 655 80.69 61.01 25.31
C PRO A 655 81.48 59.84 25.87
N ASN A 656 81.04 58.62 25.61
CA ASN A 656 81.74 57.43 26.08
C ASN A 656 83.07 57.26 25.34
N LEU A 657 83.05 57.53 24.04
CA LEU A 657 84.25 57.41 23.22
C LEU A 657 85.36 58.27 23.80
N LEU A 658 85.07 59.55 24.01
CA LEU A 658 86.03 60.50 24.58
C LEU A 658 86.70 59.89 25.81
N MET A 659 85.89 59.49 26.79
CA MET A 659 86.42 58.92 28.02
C MET A 659 87.39 57.78 27.73
N TRP A 660 87.17 57.07 26.62
CA TRP A 660 88.06 55.98 26.22
C TRP A 660 89.28 56.54 25.49
N THR A 661 89.02 57.43 24.52
CA THR A 661 90.09 58.03 23.74
C THR A 661 91.02 58.82 24.64
N VAL A 662 90.44 59.55 25.58
CA VAL A 662 91.20 60.38 26.50
C VAL A 662 91.99 59.51 27.47
N LEU A 663 91.34 58.50 28.03
CA LEU A 663 91.99 57.65 29.01
C LEU A 663 93.14 56.90 28.36
N CYS A 664 92.88 56.36 27.18
CA CYS A 664 93.89 55.57 26.48
C CYS A 664 95.07 56.45 26.09
N CYS A 665 94.77 57.66 25.62
CA CYS A 665 95.83 58.60 25.22
C CYS A 665 96.70 58.96 26.42
N MET A 666 96.07 59.17 27.57
CA MET A 666 96.79 59.55 28.78
C MET A 666 97.67 58.38 29.25
N ARG A 667 97.17 57.17 29.08
CA ARG A 667 97.94 55.96 29.33
C ARG A 667 99.08 55.85 28.31
N GLN A 668 98.82 56.22 27.07
CA GLN A 668 99.83 56.17 26.03
C GLN A 668 100.97 57.10 26.43
N ARG A 669 100.62 58.24 27.02
CA ARG A 669 101.59 59.16 27.59
C ARG A 669 102.42 58.42 28.64
N GLU A 670 101.75 57.53 29.38
CA GLU A 670 102.40 56.78 30.46
C GLU A 670 103.51 55.81 30.00
N ARG A 671 103.25 55.03 28.96
CA ARG A 671 104.19 53.97 28.58
C ARG A 671 105.34 54.52 27.74
N LEU A 686 108.47 63.42 21.79
CA LEU A 686 107.66 64.06 20.77
C LEU A 686 106.31 63.35 20.65
N MET A 687 106.35 62.03 20.50
CA MET A 687 105.13 61.25 20.39
C MET A 687 104.29 61.48 21.64
N MET A 688 104.93 61.43 22.80
CA MET A 688 104.22 61.57 24.07
C MET A 688 103.56 62.94 24.16
N ASP A 689 104.29 63.98 23.77
CA ASP A 689 103.79 65.34 23.83
C ASP A 689 102.59 65.50 22.88
N GLU A 690 102.69 64.91 21.70
CA GLU A 690 101.60 64.96 20.72
C GLU A 690 100.36 64.25 21.24
N LEU A 691 100.57 63.10 21.90
CA LEU A 691 99.45 62.33 22.43
C LEU A 691 98.75 63.12 23.51
N LYS A 692 99.52 63.70 24.42
CA LYS A 692 98.97 64.53 25.47
C LYS A 692 98.29 65.75 24.87
N GLN A 693 98.74 66.15 23.68
CA GLN A 693 98.15 67.30 22.99
C GLN A 693 96.72 67.00 22.56
N MET A 694 96.54 65.93 21.79
CA MET A 694 95.21 65.57 21.33
C MET A 694 94.36 65.32 22.57
N THR A 695 94.95 64.67 23.56
CA THR A 695 94.27 64.40 24.83
C THR A 695 93.51 65.62 25.32
N VAL A 696 94.18 66.77 25.33
CA VAL A 696 93.56 68.02 25.73
C VAL A 696 92.78 68.60 24.55
N ASP A 697 93.11 68.17 23.33
CA ASP A 697 92.39 68.60 22.15
C ASP A 697 90.93 68.12 22.17
N LEU A 698 90.70 66.90 22.66
CA LEU A 698 89.34 66.41 22.80
C LEU A 698 88.61 67.35 23.75
N MET A 699 89.28 67.72 24.82
CA MET A 699 88.72 68.64 25.82
C MET A 699 88.30 69.95 25.16
N ALA A 700 88.79 70.17 23.94
CA ALA A 700 88.36 71.30 23.13
C ALA A 700 87.20 70.88 22.22
N TYR A 701 87.23 69.63 21.78
CA TYR A 701 86.15 69.06 20.98
C TYR A 701 84.83 69.20 21.72
N THR A 702 84.82 68.82 22.99
CA THR A 702 83.60 68.85 23.78
C THR A 702 83.14 70.30 23.88
N SER A 703 84.04 71.16 24.33
CA SER A 703 83.71 72.55 24.63
C SER A 703 82.96 73.20 23.48
N GLN A 704 83.51 73.07 22.28
CA GLN A 704 82.94 73.71 21.10
C GLN A 704 81.53 73.19 20.83
N LEU A 705 81.23 71.98 21.31
CA LEU A 705 79.89 71.41 21.20
C LEU A 705 79.48 70.84 22.55
N ARG A 706 79.60 71.66 23.59
CA ARG A 706 79.38 71.24 24.96
C ARG A 706 77.89 71.12 25.30
N TYR A 707 77.06 71.91 24.62
CA TYR A 707 75.62 71.89 24.87
C TYR A 707 74.91 70.81 24.03
N ARG A 708 75.65 69.79 23.63
CA ARG A 708 75.08 68.62 22.99
C ARG A 708 75.61 67.32 23.58
N LEU A 709 76.35 67.42 24.69
CA LEU A 709 76.82 66.25 25.44
C LEU A 709 76.41 66.41 26.89
N PRO A 710 76.73 65.41 27.74
CA PRO A 710 76.42 65.52 29.17
C PRO A 710 77.00 66.80 29.76
N PRO A 711 76.42 67.27 30.87
CA PRO A 711 76.73 68.60 31.41
C PRO A 711 78.15 68.72 31.98
N HIS A 712 78.56 67.74 32.77
CA HIS A 712 79.83 67.84 33.50
C HIS A 712 80.73 66.66 33.18
N LEU A 713 81.17 66.62 31.93
CA LEU A 713 82.01 65.55 31.42
C LEU A 713 83.48 65.91 31.65
N HIS A 714 83.82 67.17 31.44
CA HIS A 714 85.18 67.66 31.66
C HIS A 714 85.75 67.13 32.96
N GLU A 715 85.07 67.48 34.05
CA GLU A 715 85.57 67.24 35.40
C GLU A 715 85.89 65.76 35.62
N ALA A 716 85.09 64.88 35.04
CA ALA A 716 85.36 63.45 35.09
C ALA A 716 86.48 63.09 34.10
N LEU A 717 86.49 63.79 32.98
CA LEU A 717 87.49 63.57 31.94
C LEU A 717 88.88 63.95 32.42
N ALA A 718 89.01 65.17 32.94
CA ALA A 718 90.29 65.66 33.46
C ALA A 718 90.77 64.82 34.64
N ARG A 719 89.83 64.27 35.41
CA ARG A 719 90.20 63.41 36.55
C ARG A 719 90.98 62.19 36.07
N ALA A 720 90.35 61.40 35.20
CA ALA A 720 91.02 60.25 34.60
C ALA A 720 92.25 60.71 33.82
N SER A 721 92.29 62.00 33.50
CA SER A 721 93.43 62.61 32.83
C SER A 721 94.48 63.07 33.86
N ALA A 722 94.50 62.40 35.01
CA ALA A 722 95.41 62.75 36.10
C ALA A 722 95.03 64.09 36.73
N ASP B 38 0.34 4.79 24.20
CA ASP B 38 0.34 4.59 25.66
C ASP B 38 0.98 3.27 26.07
N PRO B 39 0.62 2.17 25.39
CA PRO B 39 1.21 0.86 25.72
C PRO B 39 2.70 0.84 25.46
N THR B 40 3.13 1.42 24.34
CA THR B 40 4.55 1.49 24.01
C THR B 40 5.30 2.36 25.00
N ILE B 41 4.67 3.45 25.44
CA ILE B 41 5.30 4.37 26.37
C ILE B 41 5.37 3.73 27.75
N ALA B 42 4.29 3.04 28.11
CA ALA B 42 4.23 2.36 29.40
C ALA B 42 5.16 1.16 29.43
N ALA B 43 5.44 0.60 28.24
CA ALA B 43 6.33 -0.54 28.13
C ALA B 43 7.79 -0.11 28.18
N ALA B 44 8.10 1.01 27.53
CA ALA B 44 9.46 1.53 27.55
C ALA B 44 9.89 1.83 28.98
N ASP B 45 9.01 2.45 29.75
CA ASP B 45 9.27 2.77 31.15
C ASP B 45 9.64 1.49 31.91
N LYS B 46 8.97 0.39 31.58
CA LYS B 46 9.21 -0.88 32.24
C LYS B 46 10.60 -1.43 31.93
N ILE B 47 11.05 -1.23 30.69
CA ILE B 47 12.31 -1.80 30.23
C ILE B 47 13.52 -1.00 30.71
N PHE B 48 13.37 0.32 30.79
CA PHE B 48 14.47 1.18 31.21
C PHE B 48 14.59 1.25 32.73
N SER B 49 13.46 1.31 33.42
CA SER B 49 13.46 1.24 34.88
C SER B 49 14.16 -0.05 35.30
N ASN B 50 13.78 -1.14 34.66
CA ASN B 50 14.40 -2.44 34.92
C ASN B 50 15.88 -2.46 34.57
N TRP B 51 16.25 -1.73 33.51
CA TRP B 51 17.63 -1.68 33.07
C TRP B 51 18.50 -0.86 34.03
N LEU B 52 17.96 0.26 34.50
CA LEU B 52 18.67 1.12 35.44
C LEU B 52 19.01 0.36 36.71
N ALA B 53 18.06 -0.41 37.21
CA ALA B 53 18.24 -1.18 38.44
C ALA B 53 19.29 -2.27 38.26
N SER B 54 19.60 -2.60 37.02
CA SER B 54 20.60 -3.63 36.72
C SER B 54 22.02 -3.05 36.69
N GLN B 55 22.13 -1.76 36.97
CA GLN B 55 23.43 -1.10 36.99
C GLN B 55 24.01 -1.07 38.40
N ASP C 3 -25.33 -30.74 -8.59
CA ASP C 3 -26.54 -31.14 -9.32
C ASP C 3 -27.74 -31.14 -8.38
N ARG C 4 -27.49 -31.30 -7.09
CA ARG C 4 -28.53 -31.14 -6.08
C ARG C 4 -28.82 -29.65 -5.96
N PHE C 5 -27.80 -28.85 -6.23
CA PHE C 5 -27.84 -27.40 -6.07
C PHE C 5 -28.44 -26.72 -7.29
N LEU C 6 -28.29 -27.33 -8.46
CA LEU C 6 -28.84 -26.75 -9.68
C LEU C 6 -30.35 -26.86 -9.69
N ARG C 7 -30.85 -27.91 -9.06
CA ARG C 7 -32.30 -28.10 -8.93
C ARG C 7 -32.87 -27.17 -7.88
N GLU C 8 -32.10 -26.95 -6.81
CA GLU C 8 -32.54 -26.09 -5.72
C GLU C 8 -32.64 -24.64 -6.20
N LYS C 9 -31.73 -24.25 -7.08
CA LYS C 9 -31.74 -22.89 -7.64
C LYS C 9 -32.86 -22.75 -8.67
N GLN C 10 -33.09 -23.80 -9.45
CA GLN C 10 -34.17 -23.81 -10.42
C GLN C 10 -35.51 -23.69 -9.70
N ALA C 11 -35.59 -24.25 -8.50
CA ALA C 11 -36.79 -24.19 -7.69
C ALA C 11 -37.07 -22.76 -7.25
N LYS C 12 -36.07 -22.13 -6.64
CA LYS C 12 -36.19 -20.75 -6.18
C LYS C 12 -36.60 -19.83 -7.33
N LEU C 13 -36.00 -20.04 -8.49
CA LEU C 13 -36.25 -19.20 -9.66
C LEU C 13 -37.67 -19.41 -10.20
N ALA C 14 -38.12 -20.66 -10.26
CA ALA C 14 -39.45 -20.97 -10.76
C ALA C 14 -40.50 -20.23 -9.94
N GLU C 15 -40.32 -20.22 -8.62
CA GLU C 15 -41.23 -19.54 -7.72
C GLU C 15 -41.22 -18.03 -8.00
N LYS C 16 -40.04 -17.50 -8.28
CA LYS C 16 -39.90 -16.09 -8.60
C LYS C 16 -40.64 -15.76 -9.89
N ILE C 17 -40.58 -16.68 -10.85
CA ILE C 17 -41.25 -16.49 -12.13
C ILE C 17 -42.77 -16.67 -11.98
N ARG C 18 -43.19 -17.37 -10.94
CA ARG C 18 -44.62 -17.50 -10.65
C ARG C 18 -45.15 -16.16 -10.14
N GLU C 19 -44.42 -15.57 -9.20
CA GLU C 19 -44.77 -14.26 -8.68
C GLU C 19 -44.74 -13.25 -9.83
N PHE C 20 -43.73 -13.37 -10.66
CA PHE C 20 -43.56 -12.51 -11.82
C PHE C 20 -44.83 -12.49 -12.67
N ASN C 21 -45.37 -13.67 -12.97
CA ASN C 21 -46.58 -13.77 -13.79
C ASN C 21 -47.84 -13.33 -13.06
N ASP C 22 -47.89 -13.56 -11.75
CA ASP C 22 -49.02 -13.11 -10.95
C ASP C 22 -49.10 -11.58 -10.97
N ALA C 23 -47.93 -10.93 -10.96
CA ALA C 23 -47.85 -9.48 -10.97
C ALA C 23 -48.26 -8.91 -12.33
N ARG C 24 -47.79 -9.56 -13.39
CA ARG C 24 -48.12 -9.13 -14.74
C ARG C 24 -49.62 -9.23 -15.00
N GLN C 25 -50.27 -10.14 -14.29
CA GLN C 25 -51.68 -10.41 -14.52
C GLN C 25 -52.57 -9.45 -13.75
N ARG C 26 -52.15 -9.10 -12.53
CA ARG C 26 -52.94 -8.21 -11.67
C ARG C 26 -52.59 -6.74 -11.88
N GLY C 27 -51.41 -6.48 -12.43
CA GLY C 27 -50.95 -5.11 -12.64
C GLY C 27 -50.17 -4.57 -11.46
N THR C 28 -49.65 -5.49 -10.63
CA THR C 28 -48.85 -5.12 -9.47
C THR C 28 -47.43 -4.77 -9.91
N PRO C 29 -46.82 -3.76 -9.26
CA PRO C 29 -45.43 -3.41 -9.59
C PRO C 29 -44.46 -4.56 -9.34
N PHE C 30 -43.55 -4.79 -10.27
CA PHE C 30 -42.56 -5.85 -10.13
C PHE C 30 -41.23 -5.42 -10.73
N TYR C 31 -40.13 -5.89 -10.13
CA TYR C 31 -38.80 -5.53 -10.57
C TYR C 31 -38.00 -6.80 -10.85
N ILE C 32 -38.10 -7.29 -12.08
CA ILE C 32 -37.54 -8.59 -12.43
C ILE C 32 -36.02 -8.62 -12.33
N CYS C 33 -35.35 -7.58 -12.83
CA CYS C 33 -33.89 -7.55 -12.81
C CYS C 33 -33.37 -7.50 -11.39
N ARG C 34 -34.07 -6.75 -10.53
CA ARG C 34 -33.68 -6.62 -9.13
C ARG C 34 -33.80 -7.96 -8.42
N ASP C 35 -34.94 -8.62 -8.59
CA ASP C 35 -35.22 -9.87 -7.90
C ASP C 35 -34.30 -11.00 -8.37
N LEU C 36 -34.06 -11.08 -9.67
CA LEU C 36 -33.16 -12.08 -10.23
C LEU C 36 -31.73 -11.82 -9.76
N ALA C 37 -31.37 -10.55 -9.65
CA ALA C 37 -30.04 -10.17 -9.19
C ALA C 37 -29.84 -10.64 -7.75
N ASP C 38 -30.81 -10.34 -6.90
CA ASP C 38 -30.75 -10.73 -5.50
C ASP C 38 -30.57 -12.24 -5.35
N LEU C 39 -31.39 -13.02 -6.05
CA LEU C 39 -31.30 -14.47 -5.99
C LEU C 39 -29.92 -14.97 -6.41
N GLU C 40 -29.39 -14.39 -7.48
CA GLU C 40 -28.09 -14.82 -8.02
C GLU C 40 -26.96 -14.51 -7.05
N SER C 41 -27.10 -13.42 -6.30
CA SER C 41 -26.07 -13.01 -5.34
C SER C 41 -26.07 -13.90 -4.10
N LYS C 42 -27.06 -14.80 -4.02
CA LYS C 42 -27.18 -15.71 -2.88
C LYS C 42 -27.21 -17.16 -3.35
N SER C 43 -26.45 -17.44 -4.40
CA SER C 43 -26.41 -18.79 -4.98
C SER C 43 -25.00 -19.38 -4.97
N GLY C 44 -24.02 -18.57 -4.57
CA GLY C 44 -22.65 -19.04 -4.45
C GLY C 44 -22.06 -19.55 -5.75
N ASP C 45 -22.31 -18.84 -6.84
CA ASP C 45 -21.71 -19.18 -8.14
C ASP C 45 -20.44 -18.38 -8.34
N ARG C 46 -19.41 -19.01 -8.88
CA ARG C 46 -18.14 -18.34 -9.11
C ARG C 46 -18.30 -17.19 -10.10
N HIS C 47 -19.29 -17.30 -10.98
CA HIS C 47 -19.54 -16.28 -11.98
C HIS C 47 -20.66 -15.32 -11.55
N GLY C 48 -21.22 -15.58 -10.38
CA GLY C 48 -22.36 -14.82 -9.89
C GLY C 48 -22.18 -13.32 -9.98
N PRO C 49 -21.16 -12.78 -9.29
CA PRO C 49 -20.96 -11.33 -9.17
C PRO C 49 -21.05 -10.59 -10.49
N HIS C 50 -20.58 -11.21 -11.57
CA HIS C 50 -20.60 -10.59 -12.89
C HIS C 50 -22.01 -10.57 -13.47
N ILE C 51 -22.77 -11.64 -13.26
CA ILE C 51 -24.15 -11.70 -13.73
C ILE C 51 -25.00 -10.72 -12.92
N VAL C 52 -24.73 -10.66 -11.62
CA VAL C 52 -25.41 -9.68 -10.75
C VAL C 52 -25.13 -8.27 -11.22
N GLU C 53 -23.89 -8.02 -11.64
CA GLU C 53 -23.50 -6.71 -12.13
C GLU C 53 -24.28 -6.36 -13.39
N ALA C 54 -24.33 -7.31 -14.33
CA ALA C 54 -25.03 -7.12 -15.59
C ALA C 54 -26.50 -6.78 -15.34
N TYR C 55 -27.13 -7.48 -14.41
CA TYR C 55 -28.52 -7.19 -14.07
C TYR C 55 -28.65 -5.76 -13.61
N ARG C 56 -27.79 -5.36 -12.67
CA ARG C 56 -27.83 -4.01 -12.12
C ARG C 56 -27.45 -2.97 -13.17
N ALA C 57 -26.67 -3.39 -14.16
CA ALA C 57 -26.36 -2.53 -15.30
C ALA C 57 -27.62 -2.31 -16.14
N VAL C 58 -28.35 -3.39 -16.39
CA VAL C 58 -29.59 -3.30 -17.17
C VAL C 58 -30.63 -2.46 -16.43
N MET C 59 -30.66 -2.57 -15.11
CA MET C 59 -31.58 -1.78 -14.29
C MET C 59 -31.38 -0.30 -14.61
N GLU C 60 -30.13 0.11 -14.79
CA GLU C 60 -29.82 1.51 -15.05
C GLU C 60 -30.27 1.95 -16.44
N MET C 61 -29.99 1.11 -17.45
CA MET C 61 -30.39 1.40 -18.81
C MET C 61 -31.91 1.51 -18.92
N VAL C 62 -32.59 0.57 -18.26
CA VAL C 62 -34.03 0.39 -18.44
C VAL C 62 -34.86 1.35 -17.59
N GLY C 63 -34.33 1.72 -16.43
CA GLY C 63 -35.04 2.60 -15.53
C GLY C 63 -35.76 1.83 -14.44
N GLU C 64 -35.17 0.72 -14.02
CA GLU C 64 -35.73 -0.07 -12.94
C GLU C 64 -35.15 0.42 -11.61
N HIS C 65 -35.80 1.41 -11.02
CA HIS C 65 -35.32 2.01 -9.78
C HIS C 65 -36.31 1.75 -8.64
N PRO C 66 -36.14 0.63 -7.94
CA PRO C 66 -37.08 0.19 -6.89
C PRO C 66 -37.11 1.11 -5.68
N ASP C 67 -35.98 1.74 -5.36
CA ASP C 67 -35.91 2.65 -4.22
C ASP C 67 -36.74 3.92 -4.45
N ALA C 68 -37.28 4.07 -5.66
CA ALA C 68 -38.12 5.22 -5.97
C ALA C 68 -39.51 4.78 -6.44
N GLY C 69 -39.77 3.48 -6.37
CA GLY C 69 -41.04 2.93 -6.82
C GLY C 69 -41.24 3.13 -8.31
N GLU C 70 -40.15 3.38 -9.02
CA GLU C 70 -40.20 3.64 -10.46
C GLU C 70 -39.77 2.42 -11.26
N ALA C 71 -40.59 2.04 -12.22
CA ALA C 71 -40.29 0.93 -13.10
C ALA C 71 -40.91 1.17 -14.46
N PRO C 72 -40.24 0.70 -15.53
CA PRO C 72 -40.81 0.83 -16.88
C PRO C 72 -41.85 -0.25 -17.14
N ARG C 73 -42.79 0.04 -18.04
CA ARG C 73 -43.90 -0.88 -18.29
C ARG C 73 -43.46 -2.01 -19.22
N GLU C 74 -44.18 -3.14 -19.12
CA GLU C 74 -43.89 -4.31 -19.94
C GLU C 74 -43.66 -3.93 -21.40
N ARG C 75 -42.48 -4.28 -21.92
CA ARG C 75 -42.18 -4.15 -23.34
C ARG C 75 -42.30 -2.72 -23.88
N GLN C 76 -41.78 -1.74 -23.16
CA GLN C 76 -41.86 -0.36 -23.61
C GLN C 76 -40.72 -0.02 -24.59
N PHE C 77 -39.68 -0.83 -24.59
CA PHE C 77 -38.53 -0.60 -25.48
C PHE C 77 -38.57 -1.50 -26.71
N ALA C 78 -39.60 -2.32 -26.83
CA ALA C 78 -39.70 -3.27 -27.93
C ALA C 78 -39.83 -2.57 -29.28
N LYS C 79 -40.77 -1.64 -29.36
CA LYS C 79 -41.01 -0.91 -30.60
C LYS C 79 -39.76 -0.13 -31.02
N MET C 80 -39.00 0.30 -30.03
CA MET C 80 -37.80 1.10 -30.25
C MET C 80 -36.62 0.21 -30.65
N TYR C 81 -36.49 -0.92 -29.98
CA TYR C 81 -35.35 -1.82 -30.16
C TYR C 81 -35.47 -2.69 -31.41
N LEU C 82 -36.69 -3.14 -31.71
CA LEU C 82 -36.91 -4.07 -32.81
C LEU C 82 -37.12 -3.37 -34.15
N ASP C 83 -37.02 -2.04 -34.15
CA ASP C 83 -37.15 -1.27 -35.39
C ASP C 83 -36.01 -1.63 -36.34
N PRO C 84 -36.34 -2.20 -37.51
CA PRO C 84 -35.32 -2.66 -38.46
C PRO C 84 -34.48 -1.52 -39.04
N ASN C 85 -35.08 -0.34 -39.19
CA ASN C 85 -34.37 0.81 -39.73
C ASN C 85 -33.28 1.27 -38.77
N THR C 86 -32.04 0.90 -39.06
CA THR C 86 -30.92 1.19 -38.17
C THR C 86 -30.47 2.65 -38.23
N GLN C 87 -31.11 3.45 -39.06
CA GLN C 87 -30.79 4.87 -39.16
C GLN C 87 -32.01 5.74 -38.86
N SER C 88 -32.91 5.24 -38.04
CA SER C 88 -34.13 5.95 -37.69
C SER C 88 -34.02 6.59 -36.31
N ALA C 89 -35.01 7.40 -35.95
CA ALA C 89 -35.02 8.10 -34.67
C ALA C 89 -35.05 7.11 -33.51
N ASN C 90 -35.80 6.02 -33.67
CA ASN C 90 -35.89 4.99 -32.64
C ASN C 90 -34.54 4.34 -32.38
N ALA C 91 -33.85 3.99 -33.46
CA ALA C 91 -32.56 3.33 -33.36
C ALA C 91 -31.56 4.25 -32.66
N LEU C 92 -31.42 5.46 -33.17
CA LEU C 92 -30.54 6.45 -32.57
C LEU C 92 -30.83 6.58 -31.09
N ALA C 93 -32.11 6.64 -30.76
CA ALA C 93 -32.52 6.80 -29.36
C ALA C 93 -32.13 5.59 -28.54
N MET C 94 -32.24 4.41 -29.15
CA MET C 94 -31.93 3.17 -28.45
C MET C 94 -30.44 3.08 -28.14
N ARG C 95 -29.61 3.40 -29.13
CA ARG C 95 -28.17 3.39 -28.92
C ARG C 95 -27.77 4.35 -27.82
N LYS C 96 -28.32 5.57 -27.87
CA LYS C 96 -28.01 6.58 -26.87
C LYS C 96 -28.36 6.12 -25.46
N GLN C 97 -29.50 5.45 -25.33
CA GLN C 97 -29.93 4.98 -24.02
C GLN C 97 -28.98 3.93 -23.47
N ILE C 98 -28.47 3.08 -24.36
CA ILE C 98 -27.55 2.02 -23.96
C ILE C 98 -26.23 2.60 -23.46
N LEU C 99 -25.72 3.61 -24.15
CA LEU C 99 -24.49 4.28 -23.73
C LEU C 99 -24.72 5.04 -22.42
N LYS C 100 -25.81 5.79 -22.37
CA LYS C 100 -26.14 6.57 -21.19
C LYS C 100 -26.24 5.67 -19.95
N GLY C 101 -26.91 4.54 -20.11
CA GLY C 101 -27.15 3.64 -19.00
C GLY C 101 -25.87 3.00 -18.47
N ALA C 102 -24.98 2.61 -19.37
CA ALA C 102 -23.73 1.98 -18.98
C ALA C 102 -22.79 3.00 -18.37
N THR C 103 -22.72 4.18 -18.97
CA THR C 103 -21.86 5.24 -18.48
C THR C 103 -22.26 5.64 -17.06
N THR C 104 -23.55 5.89 -16.87
CA THR C 104 -24.07 6.27 -15.56
C THR C 104 -23.79 5.18 -14.54
N PHE C 105 -24.16 3.95 -14.87
CA PHE C 105 -23.97 2.81 -13.98
C PHE C 105 -22.51 2.66 -13.58
N LEU C 106 -21.61 2.84 -14.54
CA LEU C 106 -20.19 2.67 -14.28
C LEU C 106 -19.63 3.80 -13.42
N GLU C 107 -20.28 4.97 -13.49
CA GLU C 107 -19.91 6.10 -12.65
C GLU C 107 -20.39 5.86 -11.22
N LYS C 108 -21.62 5.36 -11.09
CA LYS C 108 -22.15 5.02 -9.78
C LYS C 108 -21.27 3.97 -9.12
N GLN C 109 -20.76 3.04 -9.92
CA GLN C 109 -19.94 1.94 -9.43
C GLN C 109 -18.67 2.48 -8.76
N PHE C 110 -18.08 3.50 -9.36
CA PHE C 110 -16.86 4.09 -8.81
C PHE C 110 -17.16 4.95 -7.58
N TRP C 111 -18.27 5.67 -7.63
CA TRP C 111 -18.68 6.53 -6.52
C TRP C 111 -18.90 5.68 -5.26
N ASN C 112 -19.36 4.45 -5.44
CA ASN C 112 -19.53 3.54 -4.31
C ASN C 112 -18.19 3.18 -3.70
N GLU C 113 -17.18 3.00 -4.55
CA GLU C 113 -15.82 2.73 -4.09
C GLU C 113 -15.28 3.92 -3.31
N VAL C 114 -15.53 5.12 -3.82
CA VAL C 114 -15.10 6.34 -3.14
C VAL C 114 -15.66 6.40 -1.73
N ASN C 115 -16.97 6.21 -1.61
CA ASN C 115 -17.63 6.25 -0.31
C ASN C 115 -17.18 5.11 0.59
N SER C 116 -16.94 3.94 -0.01
CA SER C 116 -16.53 2.77 0.74
C SER C 116 -15.16 2.98 1.37
N LEU C 117 -14.27 3.62 0.62
CA LEU C 117 -12.92 3.90 1.10
C LEU C 117 -12.95 4.92 2.23
N ILE C 118 -13.80 5.93 2.08
CA ILE C 118 -13.92 6.97 3.09
C ILE C 118 -14.46 6.41 4.40
N ALA C 119 -15.43 5.51 4.29
CA ALA C 119 -16.02 4.89 5.47
C ALA C 119 -15.00 4.00 6.17
N LYS C 120 -14.02 3.52 5.42
CA LYS C 120 -13.00 2.64 5.97
C LYS C 120 -11.94 3.42 6.77
N TYR C 121 -11.92 4.74 6.60
CA TYR C 121 -10.97 5.59 7.31
C TYR C 121 -11.64 6.88 7.78
N PRO C 122 -12.45 6.79 8.84
CA PRO C 122 -13.15 7.96 9.39
C PRO C 122 -12.20 9.06 9.88
N GLN C 123 -11.20 8.67 10.67
CA GLN C 123 -10.29 9.63 11.29
C GLN C 123 -9.36 10.30 10.28
N ASP C 124 -8.89 9.54 9.31
CA ASP C 124 -7.94 10.05 8.33
C ASP C 124 -8.61 10.90 7.25
N ALA C 125 -9.90 10.66 7.02
CA ALA C 125 -10.64 11.38 5.99
C ALA C 125 -10.80 12.85 6.34
N ASN C 126 -11.09 13.12 7.62
CA ASN C 126 -11.34 14.48 8.07
C ASN C 126 -12.31 15.23 7.17
N LEU C 127 -13.57 14.81 7.20
CA LEU C 127 -14.62 15.50 6.45
C LEU C 127 -15.43 16.37 7.41
N GLY C 128 -15.99 17.45 6.87
CA GLY C 128 -16.82 18.35 7.66
C GLY C 128 -18.13 17.72 8.08
N GLY C 129 -19.04 18.55 8.57
CA GLY C 129 -20.33 18.09 9.05
C GLY C 129 -21.35 17.93 7.95
N LEU C 130 -21.14 18.62 6.83
CA LEU C 130 -22.07 18.57 5.70
C LEU C 130 -21.27 18.48 4.40
N PRO C 131 -20.54 17.36 4.22
CA PRO C 131 -19.59 17.15 3.13
C PRO C 131 -20.22 17.11 1.74
N ASP C 132 -19.81 18.05 0.88
CA ASP C 132 -20.25 18.08 -0.50
C ASP C 132 -19.38 17.16 -1.34
N VAL C 133 -19.68 17.05 -2.63
CA VAL C 133 -19.01 16.10 -3.51
C VAL C 133 -17.53 16.42 -3.70
N VAL C 134 -17.21 17.69 -3.93
CA VAL C 134 -15.83 18.10 -4.14
C VAL C 134 -14.98 17.76 -2.93
N SER C 135 -15.51 18.03 -1.73
CA SER C 135 -14.80 17.72 -0.50
C SER C 135 -14.52 16.23 -0.39
N LYS C 136 -15.51 15.42 -0.72
CA LYS C 136 -15.39 13.96 -0.59
C LYS C 136 -14.36 13.39 -1.57
N ILE C 137 -14.31 13.97 -2.76
CA ILE C 137 -13.30 13.58 -3.74
C ILE C 137 -11.90 13.98 -3.27
N LYS C 138 -11.79 15.13 -2.63
CA LYS C 138 -10.51 15.57 -2.07
C LYS C 138 -10.05 14.61 -1.00
N ALA C 139 -10.97 14.20 -0.12
CA ALA C 139 -10.66 13.25 0.94
C ALA C 139 -10.26 11.91 0.34
N TYR C 140 -10.95 11.51 -0.73
CA TYR C 140 -10.66 10.26 -1.41
C TYR C 140 -9.24 10.28 -1.97
N ILE C 141 -8.84 11.42 -2.53
CA ILE C 141 -7.50 11.58 -3.08
C ILE C 141 -6.46 11.57 -1.96
N ARG C 142 -6.81 12.14 -0.81
CA ARG C 142 -5.91 12.15 0.33
C ARG C 142 -5.63 10.74 0.84
N LEU C 143 -6.68 9.93 0.89
CA LEU C 143 -6.56 8.56 1.38
C LEU C 143 -5.70 7.70 0.44
N ARG C 144 -5.81 7.96 -0.86
CA ARG C 144 -5.04 7.21 -1.84
C ARG C 144 -3.58 7.62 -1.81
N ILE C 145 -3.32 8.90 -1.52
CA ILE C 145 -1.96 9.36 -1.31
C ILE C 145 -1.38 8.60 -0.12
N ALA C 146 -2.09 8.63 1.00
CA ALA C 146 -1.67 7.96 2.22
C ALA C 146 -1.49 6.46 2.00
N ARG C 147 -2.25 5.91 1.05
CA ARG C 147 -2.16 4.48 0.74
C ARG C 147 -1.14 4.23 -0.38
N LYS C 148 -0.63 5.31 -0.96
CA LYS C 148 0.41 5.23 -1.98
C LYS C 148 -0.07 4.53 -3.24
N THR C 149 -1.32 4.78 -3.61
CA THR C 149 -1.91 4.14 -4.78
C THR C 149 -2.51 5.16 -5.75
N LEU C 150 -2.08 6.41 -5.63
CA LEU C 150 -2.60 7.47 -6.50
C LEU C 150 -1.81 7.55 -7.79
N VAL C 151 -0.49 7.46 -7.68
CA VAL C 151 0.39 7.53 -8.84
C VAL C 151 1.61 6.63 -8.66
N PRO C 152 2.25 6.24 -9.78
CA PRO C 152 3.51 5.51 -9.71
C PRO C 152 4.61 6.37 -9.08
N ASP C 153 5.59 5.74 -8.45
CA ASP C 153 6.66 6.47 -7.77
C ASP C 153 7.36 7.45 -8.70
N ASN C 154 7.93 8.50 -8.13
CA ASN C 154 8.67 9.50 -8.88
C ASN C 154 7.84 10.19 -9.95
N VAL C 155 6.57 10.44 -9.64
CA VAL C 155 5.69 11.20 -10.51
C VAL C 155 5.16 12.41 -9.75
N GLU C 156 5.44 13.61 -10.27
CA GLU C 156 5.05 14.84 -9.60
C GLU C 156 3.80 15.42 -10.26
N LEU C 157 2.88 15.89 -9.43
CA LEU C 157 1.61 16.43 -9.92
C LEU C 157 1.53 17.94 -9.68
N GLN C 158 0.75 18.61 -10.51
CA GLN C 158 0.52 20.04 -10.33
C GLN C 158 -0.28 20.28 -9.06
N GLN C 159 0.21 21.17 -8.21
CA GLN C 159 -0.45 21.48 -6.94
C GLN C 159 -1.04 22.87 -6.94
N ILE C 160 -1.99 23.09 -6.03
CA ILE C 160 -2.59 24.39 -5.79
C ILE C 160 -3.10 24.38 -4.36
N ASN C 161 -2.53 25.23 -3.50
CA ASN C 161 -2.87 25.22 -2.09
C ASN C 161 -2.62 23.82 -1.51
N GLY C 162 -1.66 23.10 -2.09
CA GLY C 162 -1.29 21.79 -1.62
C GLY C 162 -2.15 20.67 -2.19
N GLU C 163 -3.14 21.03 -3.00
CA GLU C 163 -4.08 20.05 -3.55
C GLU C 163 -3.75 19.75 -5.01
N TYR C 164 -3.93 18.49 -5.39
CA TYR C 164 -3.70 18.08 -6.78
C TYR C 164 -4.93 18.35 -7.62
N VAL C 165 -4.98 19.54 -8.23
CA VAL C 165 -6.17 20.02 -8.92
C VAL C 165 -6.64 19.15 -10.07
N TRP C 166 -5.71 18.49 -10.76
CA TRP C 166 -6.08 17.70 -11.93
C TRP C 166 -6.65 16.33 -11.54
N ALA C 167 -6.19 15.80 -10.42
CA ALA C 167 -6.74 14.55 -9.91
C ALA C 167 -8.17 14.80 -9.43
N ILE C 168 -8.38 15.97 -8.82
CA ILE C 168 -9.69 16.34 -8.30
C ILE C 168 -10.70 16.49 -9.43
N VAL C 169 -10.29 17.16 -10.50
CA VAL C 169 -11.16 17.33 -11.66
C VAL C 169 -11.45 15.98 -12.32
N PHE C 170 -10.40 15.18 -12.50
CA PHE C 170 -10.56 13.89 -13.16
C PHE C 170 -11.52 12.97 -12.42
N TYR C 171 -11.35 12.86 -11.10
CA TYR C 171 -12.14 11.93 -10.32
C TYR C 171 -13.57 12.41 -10.06
N LEU C 172 -13.85 13.65 -10.43
CA LEU C 172 -15.22 14.14 -10.42
C LEU C 172 -15.92 13.69 -11.70
N LEU C 173 -15.19 13.76 -12.81
CA LEU C 173 -15.70 13.29 -14.09
C LEU C 173 -15.88 11.78 -14.06
N ARG C 174 -14.93 11.09 -13.43
CA ARG C 174 -14.98 9.65 -13.28
C ARG C 174 -16.20 9.21 -12.48
N ALA C 175 -16.65 10.08 -11.57
CA ALA C 175 -17.79 9.76 -10.71
C ALA C 175 -19.09 10.32 -11.29
N GLY C 176 -19.02 10.89 -12.49
CA GLY C 176 -20.20 11.39 -13.16
C GLY C 176 -20.60 12.81 -12.79
N PHE C 177 -19.88 13.42 -11.86
CA PHE C 177 -20.21 14.77 -11.41
C PHE C 177 -19.54 15.82 -12.28
N VAL C 178 -19.97 15.90 -13.54
CA VAL C 178 -19.43 16.86 -14.49
C VAL C 178 -19.73 18.28 -14.04
N THR C 179 -20.95 18.50 -13.56
CA THR C 179 -21.34 19.82 -13.08
C THR C 179 -20.41 20.27 -11.97
N GLU C 180 -20.19 19.41 -10.98
CA GLU C 180 -19.36 19.75 -9.83
C GLU C 180 -17.92 20.00 -10.27
N ALA C 181 -17.46 19.28 -11.29
CA ALA C 181 -16.10 19.45 -11.80
C ALA C 181 -15.93 20.85 -12.38
N ALA C 182 -16.95 21.34 -13.08
CA ALA C 182 -16.91 22.69 -13.64
C ALA C 182 -16.94 23.72 -12.53
N GLN C 183 -17.77 23.50 -11.51
CA GLN C 183 -17.86 24.39 -10.37
C GLN C 183 -16.51 24.52 -9.70
N TYR C 184 -15.83 23.39 -9.54
CA TYR C 184 -14.55 23.37 -8.83
C TYR C 184 -13.51 24.23 -9.54
N VAL C 185 -13.45 24.14 -10.86
CA VAL C 185 -12.56 24.98 -11.65
C VAL C 185 -12.94 26.45 -11.50
N ASN C 186 -14.24 26.72 -11.50
CA ASN C 186 -14.74 28.08 -11.34
C ASN C 186 -14.49 28.63 -9.94
N SER C 187 -14.54 27.76 -8.94
CA SER C 187 -14.28 28.17 -7.57
C SER C 187 -12.80 28.43 -7.35
N ASN C 188 -11.99 28.01 -8.31
CA ASN C 188 -10.54 28.25 -8.28
C ASN C 188 -10.09 28.87 -9.60
N GLN C 189 -10.87 29.82 -10.08
CA GLN C 189 -10.64 30.40 -11.40
C GLN C 189 -9.23 30.98 -11.53
N ALA C 190 -8.87 31.85 -10.60
CA ALA C 190 -7.57 32.51 -10.63
C ALA C 190 -6.44 31.50 -10.76
N HIS C 191 -6.45 30.49 -9.89
CA HIS C 191 -5.39 29.50 -9.85
C HIS C 191 -5.34 28.66 -11.13
N PHE C 192 -6.50 28.46 -11.75
CA PHE C 192 -6.57 27.65 -12.97
C PHE C 192 -6.11 28.44 -14.20
N ARG C 193 -6.38 29.74 -14.20
CA ARG C 193 -5.95 30.61 -15.29
C ARG C 193 -4.44 30.65 -15.36
N ALA C 194 -3.80 30.57 -14.20
CA ALA C 194 -2.35 30.68 -14.10
C ALA C 194 -1.65 29.41 -14.59
N ILE C 195 -2.33 28.27 -14.53
CA ILE C 195 -1.74 27.01 -14.93
C ILE C 195 -2.27 26.53 -16.28
N ASP C 196 -3.48 26.93 -16.62
CA ASP C 196 -4.10 26.56 -17.89
C ASP C 196 -5.21 27.55 -18.21
N ARG C 197 -4.93 28.46 -19.13
CA ARG C 197 -5.83 29.58 -19.42
C ARG C 197 -7.08 29.18 -20.19
N THR C 198 -7.03 28.03 -20.87
CA THR C 198 -8.13 27.64 -21.76
C THR C 198 -9.08 26.60 -21.16
N PHE C 199 -8.61 25.83 -20.18
CA PHE C 199 -9.37 24.69 -19.69
C PHE C 199 -10.77 25.07 -19.21
N SER C 200 -10.86 26.09 -18.36
CA SER C 200 -12.15 26.49 -17.81
C SER C 200 -13.19 26.61 -18.91
N GLY C 201 -12.84 27.27 -19.99
CA GLY C 201 -13.72 27.42 -21.12
C GLY C 201 -14.21 26.07 -21.62
N TYR C 202 -13.29 25.12 -21.73
CA TYR C 202 -13.61 23.78 -22.23
C TYR C 202 -14.60 23.06 -21.34
N ILE C 203 -14.25 22.89 -20.07
CA ILE C 203 -15.06 22.11 -19.14
C ILE C 203 -16.41 22.75 -18.86
N ASN C 204 -16.48 24.08 -18.91
CA ASN C 204 -17.74 24.78 -18.69
C ASN C 204 -18.69 24.58 -19.87
N SER C 205 -18.14 24.60 -21.08
CA SER C 205 -18.93 24.34 -22.28
C SER C 205 -19.26 22.86 -22.37
N TYR C 206 -18.37 22.04 -21.83
CA TYR C 206 -18.56 20.60 -21.81
C TYR C 206 -19.71 20.23 -20.87
N ALA C 207 -19.77 20.91 -19.73
CA ALA C 207 -20.80 20.64 -18.74
C ALA C 207 -22.11 21.34 -19.07
N SER C 208 -22.08 22.23 -20.06
CA SER C 208 -23.25 23.02 -20.42
C SER C 208 -24.23 22.23 -21.29
N SER C 209 -23.88 21.00 -21.62
CA SER C 209 -24.72 20.16 -22.48
C SER C 209 -24.69 18.71 -22.04
N GLU C 210 -25.83 18.04 -22.19
CA GLU C 210 -25.92 16.61 -21.91
C GLU C 210 -25.19 15.82 -22.99
N GLU C 211 -24.99 16.46 -24.14
CA GLU C 211 -24.22 15.87 -25.23
C GLU C 211 -22.74 15.77 -24.86
N ARG C 212 -22.36 16.43 -23.77
CA ARG C 212 -20.98 16.39 -23.29
C ARG C 212 -20.00 16.64 -24.43
N ARG C 213 -20.21 17.71 -25.19
CA ARG C 213 -19.33 18.03 -26.31
C ARG C 213 -19.01 19.52 -26.40
N LEU C 214 -17.91 19.83 -27.06
CA LEU C 214 -17.44 21.21 -27.18
C LEU C 214 -17.92 21.85 -28.48
N LYS C 215 -17.75 23.16 -28.58
CA LYS C 215 -18.19 23.91 -29.76
C LYS C 215 -17.10 23.86 -30.84
N ARG C 216 -17.43 24.41 -32.01
CA ARG C 216 -16.51 24.36 -33.16
C ARG C 216 -15.14 24.89 -32.77
N GLN C 217 -15.13 26.10 -32.22
CA GLN C 217 -13.89 26.71 -31.79
C GLN C 217 -13.16 25.85 -30.77
N MET C 218 -13.84 25.57 -29.66
CA MET C 218 -13.24 24.85 -28.54
C MET C 218 -12.66 23.50 -28.96
N GLN C 219 -13.41 22.74 -29.74
CA GLN C 219 -12.95 21.43 -30.19
C GLN C 219 -11.64 21.56 -30.96
N ASP C 220 -11.57 22.56 -31.82
CA ASP C 220 -10.37 22.80 -32.62
C ASP C 220 -9.20 23.23 -31.73
N ARG C 221 -9.43 24.20 -30.87
CA ARG C 221 -8.39 24.69 -29.96
C ARG C 221 -7.91 23.59 -29.03
N CYS C 222 -8.85 22.82 -28.49
CA CYS C 222 -8.54 21.78 -27.53
C CYS C 222 -7.81 20.61 -28.19
N MET C 223 -8.21 20.27 -29.40
CA MET C 223 -7.59 19.16 -30.13
C MET C 223 -6.15 19.52 -30.49
N SER C 224 -5.96 20.71 -31.07
CA SER C 224 -4.65 21.18 -31.45
C SER C 224 -3.75 21.30 -30.22
N GLU C 225 -4.26 21.97 -29.18
CA GLU C 225 -3.51 22.19 -27.95
C GLU C 225 -2.99 20.89 -27.38
N TYR C 226 -3.79 19.83 -27.45
CA TYR C 226 -3.42 18.53 -26.91
C TYR C 226 -2.33 17.85 -27.73
N ASN C 227 -2.35 18.09 -29.04
CA ASN C 227 -1.36 17.49 -29.93
C ASN C 227 -0.01 18.17 -29.84
N GLN C 228 -0.03 19.50 -29.84
CA GLN C 228 1.20 20.28 -29.87
C GLN C 228 1.84 20.39 -28.49
N ARG C 229 1.03 20.73 -27.49
CA ARG C 229 1.56 21.10 -26.18
C ARG C 229 1.34 20.05 -25.10
N ILE C 230 1.04 18.82 -25.51
CA ILE C 230 0.85 17.75 -24.54
C ILE C 230 1.41 16.44 -25.08
N ARG C 231 0.84 15.93 -26.16
CA ARG C 231 1.29 14.69 -26.77
C ARG C 231 2.75 14.81 -27.21
N ASN C 232 3.06 15.86 -27.94
CA ASN C 232 4.42 16.10 -28.42
C ASN C 232 5.17 17.08 -27.51
N ALA C 233 4.94 16.96 -26.21
CA ALA C 233 5.62 17.78 -25.22
C ALA C 233 6.66 16.92 -24.52
N PRO C 234 7.47 17.51 -23.62
CA PRO C 234 8.50 16.67 -23.00
C PRO C 234 7.89 15.66 -22.04
N GLU C 235 8.18 14.38 -22.27
CA GLU C 235 7.60 13.31 -21.48
C GLU C 235 7.95 13.44 -20.00
N GLY C 236 6.99 13.12 -19.14
CA GLY C 236 7.17 13.23 -17.71
C GLY C 236 7.10 14.67 -17.22
N SER C 237 6.56 15.54 -18.07
CA SER C 237 6.44 16.96 -17.73
C SER C 237 4.99 17.34 -17.45
N ILE C 238 4.07 16.73 -18.19
CA ILE C 238 2.65 17.05 -18.05
C ILE C 238 1.94 16.11 -17.10
N ASP C 239 1.14 16.68 -16.21
CA ASP C 239 0.40 15.90 -15.21
C ASP C 239 -0.41 14.81 -15.88
N PRO C 240 -0.29 13.56 -15.41
CA PRO C 240 -1.03 12.42 -15.97
C PRO C 240 -2.54 12.64 -15.96
N PHE C 241 -3.06 13.21 -14.88
CA PHE C 241 -4.49 13.48 -14.76
C PHE C 241 -4.93 14.57 -15.72
N ARG C 242 -4.05 15.54 -15.99
CA ARG C 242 -4.39 16.61 -16.90
C ARG C 242 -4.62 16.04 -18.31
N MET C 243 -3.68 15.23 -18.78
CA MET C 243 -3.83 14.55 -20.05
C MET C 243 -5.17 13.82 -20.09
N ALA C 244 -5.47 13.11 -19.01
CA ALA C 244 -6.72 12.38 -18.90
C ALA C 244 -7.92 13.32 -19.06
N CYS C 245 -7.83 14.49 -18.43
CA CYS C 245 -8.93 15.44 -18.47
C CYS C 245 -9.15 16.02 -19.86
N TYR C 246 -8.08 16.10 -20.65
CA TYR C 246 -8.19 16.61 -22.01
C TYR C 246 -8.73 15.53 -22.94
N LYS C 247 -8.29 14.30 -22.74
CA LYS C 247 -8.83 13.17 -23.49
C LYS C 247 -10.35 13.10 -23.35
N ILE C 248 -10.81 13.25 -22.12
CA ILE C 248 -12.23 13.14 -21.80
C ILE C 248 -13.02 14.34 -22.32
N ILE C 249 -12.66 15.53 -21.86
CA ILE C 249 -13.40 16.74 -22.18
C ILE C 249 -13.44 17.01 -23.68
N GLY C 250 -12.28 16.89 -24.32
CA GLY C 250 -12.17 17.20 -25.74
C GLY C 250 -12.21 15.97 -26.63
N ARG C 251 -12.39 14.80 -26.03
CA ARG C 251 -12.41 13.55 -26.79
C ARG C 251 -11.21 13.48 -27.70
N CYS C 252 -10.05 13.86 -27.18
CA CYS C 252 -8.82 13.88 -27.97
C CYS C 252 -8.24 12.49 -28.10
N ASP C 253 -7.74 12.18 -29.29
CA ASP C 253 -7.14 10.88 -29.56
C ASP C 253 -8.10 9.76 -29.18
N LEU C 254 -9.13 9.58 -29.99
CA LEU C 254 -10.07 8.48 -29.80
C LEU C 254 -9.45 7.16 -30.28
N SER C 255 -8.26 7.24 -30.85
CA SER C 255 -7.56 6.06 -31.36
C SER C 255 -6.80 5.33 -30.26
N ASN C 256 -6.55 6.01 -29.15
CA ASN C 256 -5.88 5.40 -28.01
C ASN C 256 -6.62 5.70 -26.71
N ARG C 257 -7.71 4.99 -26.49
CA ARG C 257 -8.55 5.20 -25.33
C ARG C 257 -8.00 4.46 -24.11
N SER C 258 -6.95 5.02 -23.52
CA SER C 258 -6.32 4.42 -22.35
C SER C 258 -6.02 5.50 -21.31
N LEU C 259 -5.85 5.08 -20.06
CA LEU C 259 -5.51 5.99 -18.98
C LEU C 259 -4.08 5.73 -18.52
N ASP C 260 -3.13 6.12 -19.36
CA ASP C 260 -1.72 5.86 -19.10
C ASP C 260 -1.16 6.84 -18.06
N GLY C 261 -0.39 6.31 -17.11
CA GLY C 261 0.22 7.12 -16.08
C GLY C 261 -0.55 7.13 -14.78
N LEU C 262 -1.73 6.50 -14.79
CA LEU C 262 -2.61 6.49 -13.62
C LEU C 262 -2.79 5.09 -13.06
N GLN C 263 -2.96 4.99 -11.75
CA GLN C 263 -3.27 3.72 -11.11
C GLN C 263 -4.72 3.37 -11.34
N THR C 264 -4.98 2.69 -12.45
CA THR C 264 -6.34 2.37 -12.86
C THR C 264 -6.52 0.87 -13.05
N ASP C 265 -7.76 0.42 -12.98
CA ASP C 265 -8.08 -1.01 -13.16
C ASP C 265 -9.01 -1.21 -14.35
N VAL C 266 -9.43 -2.46 -14.55
CA VAL C 266 -10.25 -2.82 -15.70
C VAL C 266 -11.54 -2.02 -15.76
N ASN C 267 -12.09 -1.67 -14.61
CA ASN C 267 -13.34 -0.91 -14.58
C ASN C 267 -13.14 0.54 -15.05
N ASP C 268 -11.94 1.08 -14.83
CA ASP C 268 -11.60 2.40 -15.32
C ASP C 268 -11.48 2.38 -16.83
N TRP C 269 -10.92 1.30 -17.37
CA TRP C 269 -10.77 1.15 -18.81
C TRP C 269 -12.14 1.04 -19.46
N ILE C 270 -12.97 0.15 -18.93
CA ILE C 270 -14.33 -0.03 -19.43
C ILE C 270 -15.07 1.30 -19.46
N TRP C 271 -15.03 2.00 -18.34
CA TRP C 271 -15.73 3.28 -18.21
C TRP C 271 -15.32 4.26 -19.30
N LEU C 272 -14.02 4.37 -19.55
CA LEU C 272 -13.51 5.31 -20.54
C LEU C 272 -14.08 5.01 -21.93
N GLN C 273 -14.15 3.73 -22.28
CA GLN C 273 -14.66 3.31 -23.58
C GLN C 273 -16.05 3.87 -23.81
N PHE C 274 -16.90 3.77 -22.79
CA PHE C 274 -18.27 4.29 -22.87
C PHE C 274 -18.28 5.80 -22.77
N ASN C 275 -17.47 6.34 -21.87
CA ASN C 275 -17.42 7.78 -21.64
C ASN C 275 -17.08 8.55 -22.90
N LEU C 276 -16.20 8.00 -23.71
CA LEU C 276 -15.75 8.64 -24.94
C LEU C 276 -16.74 8.42 -26.09
N ALA C 277 -17.58 7.41 -25.95
CA ALA C 277 -18.55 7.07 -26.99
C ALA C 277 -19.64 8.12 -27.09
N ARG C 278 -19.95 8.51 -28.32
CA ARG C 278 -21.07 9.42 -28.59
C ARG C 278 -21.82 8.98 -29.84
N GLU C 279 -23.14 9.11 -29.80
CA GLU C 279 -23.99 8.71 -30.91
C GLU C 279 -24.45 9.92 -31.71
N THR C 280 -24.25 9.84 -33.02
CA THR C 280 -24.62 10.92 -33.93
C THR C 280 -25.55 10.37 -35.00
N ASP C 281 -26.41 11.24 -35.53
CA ASP C 281 -27.34 10.84 -36.57
C ASP C 281 -26.57 10.37 -37.81
N ARG C 282 -26.90 9.16 -38.27
CA ARG C 282 -26.21 8.56 -39.41
C ARG C 282 -26.59 9.28 -40.71
N SER C 283 -26.17 10.53 -40.85
CA SER C 283 -26.52 11.31 -42.03
C SER C 283 -25.33 12.10 -42.61
N LEU C 284 -24.42 12.55 -41.76
CA LEU C 284 -23.25 13.30 -42.22
C LEU C 284 -22.01 13.03 -41.38
N GLU C 285 -20.89 13.61 -41.80
CA GLU C 285 -19.58 13.30 -41.22
C GLU C 285 -19.34 13.94 -39.86
N LEU C 286 -18.35 13.42 -39.15
CA LEU C 286 -17.84 14.03 -37.92
C LEU C 286 -16.40 14.46 -38.17
N ALA C 287 -15.89 15.35 -37.32
CA ALA C 287 -14.50 15.78 -37.42
C ALA C 287 -13.58 14.66 -36.94
N GLY C 288 -12.97 13.96 -37.89
CA GLY C 288 -12.13 12.82 -37.57
C GLY C 288 -12.86 11.52 -37.82
N GLU C 289 -12.57 10.50 -37.02
CA GLU C 289 -13.26 9.22 -37.12
C GLU C 289 -14.30 9.11 -36.02
N SER C 290 -15.46 8.56 -36.37
CA SER C 290 -16.56 8.43 -35.43
C SER C 290 -16.25 7.35 -34.38
N TYR C 291 -16.82 7.53 -33.19
CA TYR C 291 -16.71 6.51 -32.15
C TYR C 291 -18.00 6.44 -31.33
N GLY C 292 -18.90 5.56 -31.75
CA GLY C 292 -20.16 5.37 -31.06
C GLY C 292 -20.33 3.94 -30.58
N LEU C 293 -21.56 3.56 -30.29
CA LEU C 293 -21.84 2.22 -29.78
C LEU C 293 -21.34 1.14 -30.74
N ALA C 294 -21.49 1.41 -32.04
CA ALA C 294 -21.08 0.45 -33.05
C ALA C 294 -19.60 0.10 -32.93
N GLU C 295 -18.76 1.12 -32.82
CA GLU C 295 -17.31 0.92 -32.74
C GLU C 295 -16.93 0.30 -31.39
N LEU C 296 -17.68 0.65 -30.36
CA LEU C 296 -17.44 0.11 -29.03
C LEU C 296 -17.73 -1.39 -29.02
N GLN C 297 -18.82 -1.79 -29.69
CA GLN C 297 -19.19 -3.19 -29.79
C GLN C 297 -18.16 -3.99 -30.55
N ALA C 298 -17.65 -3.42 -31.64
CA ALA C 298 -16.62 -4.08 -32.44
C ALA C 298 -15.39 -4.35 -31.59
N SER C 299 -15.09 -3.43 -30.68
CA SER C 299 -13.94 -3.56 -29.78
C SER C 299 -14.17 -4.68 -28.77
N ILE C 300 -15.38 -4.75 -28.23
CA ILE C 300 -15.73 -5.77 -27.25
C ILE C 300 -15.65 -7.16 -27.87
N ARG C 301 -16.07 -7.27 -29.12
CA ARG C 301 -16.02 -8.55 -29.84
C ARG C 301 -14.60 -9.12 -29.86
N GLU C 302 -13.67 -8.34 -30.42
CA GLU C 302 -12.28 -8.78 -30.55
C GLU C 302 -11.67 -9.16 -29.21
N ILE C 303 -12.00 -8.41 -28.17
CA ILE C 303 -11.54 -8.73 -26.82
C ILE C 303 -12.02 -10.14 -26.44
N GLY C 304 -13.22 -10.49 -26.89
CA GLY C 304 -13.80 -11.78 -26.60
C GLY C 304 -13.01 -12.93 -27.21
N LEU C 305 -12.68 -12.81 -28.49
CA LEU C 305 -11.92 -13.83 -29.19
C LEU C 305 -10.52 -13.97 -28.60
N LYS C 306 -9.91 -12.84 -28.27
CA LYS C 306 -8.52 -12.80 -27.83
C LYS C 306 -8.32 -13.31 -26.41
N HIS C 307 -9.20 -12.91 -25.49
CA HIS C 307 -8.94 -13.08 -24.07
C HIS C 307 -9.88 -14.05 -23.34
N PHE C 308 -11.06 -14.28 -23.89
CA PHE C 308 -12.06 -15.09 -23.20
C PHE C 308 -12.40 -16.38 -23.95
N PRO C 309 -12.81 -17.41 -23.19
CA PRO C 309 -13.16 -18.74 -23.72
C PRO C 309 -14.58 -18.79 -24.25
N LYS C 310 -14.87 -19.76 -25.10
CA LYS C 310 -16.22 -19.95 -25.62
C LYS C 310 -16.87 -21.22 -25.08
N THR C 311 -16.06 -22.18 -24.67
CA THR C 311 -16.56 -23.43 -24.10
C THR C 311 -16.24 -23.52 -22.61
N ALA C 312 -16.96 -24.37 -21.89
CA ALA C 312 -16.76 -24.54 -20.47
C ALA C 312 -15.44 -25.27 -20.18
N ALA C 313 -14.91 -25.94 -21.18
CA ALA C 313 -13.64 -26.65 -21.04
C ALA C 313 -12.48 -25.66 -21.00
N GLU C 314 -12.66 -24.51 -21.64
CA GLU C 314 -11.62 -23.48 -21.70
C GLU C 314 -11.59 -22.62 -20.45
N ASP C 315 -12.64 -22.69 -19.63
CA ASP C 315 -12.74 -21.85 -18.44
C ASP C 315 -12.62 -22.65 -17.14
N THR C 316 -11.77 -22.16 -16.24
CA THR C 316 -11.58 -22.79 -14.93
C THR C 316 -11.89 -21.82 -13.77
N ASN C 317 -11.64 -20.54 -13.99
CA ASN C 317 -11.73 -19.54 -12.92
C ASN C 317 -13.11 -18.91 -12.76
N GLY C 318 -13.92 -18.96 -13.81
CA GLY C 318 -15.23 -18.34 -13.79
C GLY C 318 -15.17 -16.94 -14.38
N SER C 319 -14.29 -16.78 -15.36
CA SER C 319 -14.02 -15.46 -15.95
C SER C 319 -15.02 -15.13 -17.06
N PHE C 320 -15.62 -16.15 -17.66
CA PHE C 320 -16.56 -15.95 -18.75
C PHE C 320 -17.61 -14.90 -18.37
N GLY C 321 -17.90 -14.81 -17.08
CA GLY C 321 -18.84 -13.84 -16.57
C GLY C 321 -18.48 -12.41 -16.96
N MET C 322 -17.18 -12.10 -16.94
CA MET C 322 -16.73 -10.76 -17.28
C MET C 322 -17.12 -10.39 -18.70
N PHE C 323 -16.89 -11.29 -19.65
CA PHE C 323 -17.18 -11.00 -21.05
C PHE C 323 -18.68 -10.96 -21.31
N PHE C 324 -19.44 -11.70 -20.51
CA PHE C 324 -20.90 -11.61 -20.57
C PHE C 324 -21.33 -10.23 -20.08
N TYR C 325 -20.67 -9.78 -19.01
CA TYR C 325 -20.94 -8.47 -18.42
C TYR C 325 -20.60 -7.33 -19.38
N LEU C 326 -19.50 -7.48 -20.11
CA LEU C 326 -19.11 -6.48 -21.10
C LEU C 326 -20.13 -6.39 -22.23
N GLN C 327 -20.56 -7.54 -22.72
CA GLN C 327 -21.51 -7.59 -23.82
C GLN C 327 -22.85 -6.96 -23.43
N ILE C 328 -23.27 -7.18 -22.19
CA ILE C 328 -24.49 -6.58 -21.68
C ILE C 328 -24.38 -5.06 -21.67
N LEU C 329 -23.28 -4.55 -21.13
CA LEU C 329 -23.03 -3.12 -21.09
C LEU C 329 -23.14 -2.48 -22.47
N ALA C 330 -22.59 -3.17 -23.47
CA ALA C 330 -22.55 -2.65 -24.83
C ALA C 330 -23.86 -2.88 -25.59
N GLY C 331 -24.85 -3.46 -24.92
CA GLY C 331 -26.13 -3.70 -25.55
C GLY C 331 -26.13 -4.86 -26.53
N MET C 332 -25.08 -5.67 -26.47
CA MET C 332 -24.99 -6.87 -27.30
C MET C 332 -25.77 -8.00 -26.65
N PHE C 333 -27.08 -7.80 -26.55
CA PHE C 333 -27.95 -8.68 -25.77
C PHE C 333 -28.07 -10.08 -26.36
N GLU C 334 -28.28 -10.16 -27.67
CA GLU C 334 -28.44 -11.45 -28.34
C GLU C 334 -27.15 -12.25 -28.24
N GLN C 335 -26.02 -11.59 -28.45
CA GLN C 335 -24.72 -12.25 -28.41
C GLN C 335 -24.35 -12.63 -26.98
N ALA C 336 -24.74 -11.81 -26.02
CA ALA C 336 -24.41 -12.04 -24.61
C ALA C 336 -25.10 -13.31 -24.10
N ILE C 337 -26.38 -13.44 -24.39
CA ILE C 337 -27.15 -14.59 -23.95
C ILE C 337 -26.66 -15.88 -24.62
N ALA C 338 -26.38 -15.81 -25.92
CA ALA C 338 -25.88 -16.95 -26.66
C ALA C 338 -24.53 -17.39 -26.11
N TYR C 339 -23.74 -16.41 -25.68
CA TYR C 339 -22.40 -16.69 -25.17
C TYR C 339 -22.41 -17.30 -23.77
N LEU C 340 -23.45 -16.98 -22.99
CA LEU C 340 -23.52 -17.43 -21.62
C LEU C 340 -24.11 -18.83 -21.49
N TYR C 341 -25.01 -19.18 -22.40
CA TYR C 341 -25.78 -20.41 -22.28
C TYR C 341 -24.91 -21.64 -22.00
N PRO C 342 -23.82 -21.82 -22.76
CA PRO C 342 -22.96 -23.00 -22.60
C PRO C 342 -22.27 -23.09 -21.24
N PHE C 343 -22.12 -21.95 -20.55
CA PHE C 343 -21.49 -21.94 -19.24
C PHE C 343 -22.51 -22.11 -18.13
N SER C 344 -23.71 -21.59 -18.35
CA SER C 344 -24.77 -21.66 -17.35
C SER C 344 -26.11 -21.38 -18.00
N TYR C 345 -26.74 -22.43 -18.52
CA TYR C 345 -27.99 -22.29 -19.25
C TYR C 345 -29.10 -21.70 -18.37
N VAL C 346 -29.06 -22.02 -17.08
CA VAL C 346 -30.07 -21.50 -16.16
C VAL C 346 -30.06 -19.98 -16.16
N ASP C 347 -28.90 -19.39 -15.90
CA ASP C 347 -28.77 -17.93 -15.84
C ASP C 347 -29.07 -17.29 -17.19
N ALA C 348 -28.62 -17.94 -18.27
CA ALA C 348 -28.89 -17.44 -19.61
C ALA C 348 -30.40 -17.37 -19.85
N VAL C 349 -31.09 -18.44 -19.48
CA VAL C 349 -32.53 -18.52 -19.72
C VAL C 349 -33.28 -17.39 -19.03
N HIS C 350 -32.91 -17.10 -17.78
CA HIS C 350 -33.62 -16.09 -16.99
C HIS C 350 -33.24 -14.67 -17.38
N PHE C 351 -31.97 -14.43 -17.69
CA PHE C 351 -31.54 -13.12 -18.14
C PHE C 351 -32.25 -12.77 -19.44
N ALA C 352 -32.47 -13.77 -20.29
CA ALA C 352 -33.18 -13.58 -21.54
C ALA C 352 -34.66 -13.27 -21.29
N ILE C 353 -35.19 -13.76 -20.17
CA ILE C 353 -36.56 -13.46 -19.79
C ILE C 353 -36.66 -12.02 -19.32
N ALA C 354 -35.67 -11.59 -18.54
CA ALA C 354 -35.62 -10.22 -18.06
C ALA C 354 -35.58 -9.25 -19.24
N LEU C 355 -34.70 -9.52 -20.20
CA LEU C 355 -34.55 -8.64 -21.34
C LEU C 355 -35.79 -8.65 -22.24
N THR C 356 -36.33 -9.82 -22.51
CA THR C 356 -37.51 -9.95 -23.36
C THR C 356 -38.68 -9.17 -22.79
N TYR C 357 -38.82 -9.21 -21.47
CA TYR C 357 -39.89 -8.50 -20.78
C TYR C 357 -39.91 -7.01 -21.17
N TYR C 358 -38.72 -6.40 -21.19
CA TYR C 358 -38.59 -4.97 -21.50
C TYR C 358 -38.50 -4.73 -23.00
N GLY C 359 -38.28 -5.79 -23.76
CA GLY C 359 -38.21 -5.69 -25.22
C GLY C 359 -36.81 -5.48 -25.73
N LEU C 360 -35.82 -6.02 -25.01
CA LEU C 360 -34.42 -5.86 -25.39
C LEU C 360 -33.80 -7.19 -25.83
N LEU C 361 -34.53 -7.95 -26.63
CA LEU C 361 -34.00 -9.20 -27.16
C LEU C 361 -34.73 -9.59 -28.44
N ARG C 362 -34.04 -9.48 -29.56
CA ARG C 362 -34.63 -9.75 -30.87
C ARG C 362 -34.89 -11.24 -31.03
N PRO C 363 -36.17 -11.63 -31.12
CA PRO C 363 -36.52 -13.04 -31.27
C PRO C 363 -36.62 -13.45 -32.73
N VAL C 364 -36.53 -14.75 -33.00
CA VAL C 364 -36.75 -15.25 -34.35
C VAL C 364 -38.23 -15.14 -34.71
N ASP C 365 -38.51 -14.94 -35.99
CA ASP C 365 -39.90 -14.95 -36.47
C ASP C 365 -40.43 -16.38 -36.46
N ALA C 366 -41.74 -16.51 -36.32
CA ALA C 366 -42.37 -17.83 -36.24
C ALA C 366 -42.03 -18.68 -37.45
N ALA C 367 -41.71 -18.04 -38.57
CA ALA C 367 -41.38 -18.73 -39.80
C ALA C 367 -40.14 -19.60 -39.66
N SER C 368 -39.14 -19.09 -38.92
CA SER C 368 -37.85 -19.77 -38.85
C SER C 368 -37.52 -20.33 -37.47
N ALA C 369 -38.55 -20.63 -36.68
CA ALA C 369 -38.36 -21.24 -35.37
C ALA C 369 -37.77 -22.64 -35.53
N GLY C 370 -37.28 -23.21 -34.41
CA GLY C 370 -36.72 -24.54 -34.40
C GLY C 370 -35.34 -24.77 -34.99
N ASN C 371 -34.61 -23.69 -35.29
CA ASN C 371 -33.28 -23.85 -35.88
C ASN C 371 -32.14 -23.99 -34.85
N GLU C 372 -31.83 -22.91 -34.15
CA GLU C 372 -30.74 -22.90 -33.18
C GLU C 372 -30.90 -21.70 -32.25
N LEU C 373 -30.11 -21.66 -31.19
CA LEU C 373 -30.25 -20.62 -30.17
C LEU C 373 -29.91 -19.24 -30.73
N LEU C 374 -28.75 -19.13 -31.37
CA LEU C 374 -28.35 -17.88 -32.01
C LEU C 374 -28.33 -18.02 -33.53
N SER C 375 -28.93 -17.05 -34.21
CA SER C 375 -28.94 -17.02 -35.67
C SER C 375 -29.05 -15.57 -36.11
N HIS C 376 -29.00 -15.34 -37.42
CA HIS C 376 -29.11 -13.99 -37.95
C HIS C 376 -30.20 -13.91 -39.02
N ASN C 377 -31.00 -12.85 -38.96
CA ASN C 377 -32.11 -12.69 -39.90
C ASN C 377 -31.62 -12.20 -41.27
N THR C 378 -32.56 -11.87 -42.15
CA THR C 378 -32.24 -11.36 -43.47
C THR C 378 -31.40 -10.08 -43.39
N ARG C 379 -31.64 -9.28 -42.35
CA ARG C 379 -30.92 -8.03 -42.17
C ARG C 379 -29.60 -8.25 -41.43
N SER C 380 -29.17 -9.51 -41.36
CA SER C 380 -27.89 -9.86 -40.75
C SER C 380 -27.83 -9.49 -39.26
N MET C 381 -28.98 -9.23 -38.66
CA MET C 381 -29.04 -8.93 -37.24
C MET C 381 -29.20 -10.21 -36.42
N PRO C 382 -28.47 -10.32 -35.31
CA PRO C 382 -28.54 -11.53 -34.46
C PRO C 382 -29.89 -11.65 -33.78
N GLN C 383 -30.36 -12.90 -33.62
CA GLN C 383 -31.68 -13.14 -33.04
C GLN C 383 -31.66 -14.40 -32.17
N ILE C 384 -32.44 -14.38 -31.10
CA ILE C 384 -32.50 -15.48 -30.16
C ILE C 384 -33.79 -16.27 -30.30
N ASN C 385 -33.67 -17.59 -30.28
CA ASN C 385 -34.84 -18.46 -30.35
C ASN C 385 -35.49 -18.57 -28.98
N PHE C 386 -36.06 -17.47 -28.52
CA PHE C 386 -36.63 -17.40 -27.18
C PHE C 386 -37.65 -18.52 -26.93
N GLY C 387 -38.53 -18.73 -27.90
CA GLY C 387 -39.57 -19.73 -27.77
C GLY C 387 -39.02 -21.12 -27.48
N ARG C 388 -38.21 -21.63 -28.40
CA ARG C 388 -37.65 -22.97 -28.26
C ARG C 388 -36.78 -23.09 -27.02
N MET C 389 -36.10 -22.01 -26.67
CA MET C 389 -35.23 -22.00 -25.50
C MET C 389 -36.04 -22.34 -24.24
N LEU C 390 -37.18 -21.68 -24.09
CA LEU C 390 -38.03 -21.91 -22.93
C LEU C 390 -38.59 -23.33 -22.92
N GLY C 391 -39.03 -23.81 -24.07
CA GLY C 391 -39.49 -25.18 -24.20
C GLY C 391 -38.44 -26.14 -23.65
N TYR C 392 -37.24 -26.05 -24.20
CA TYR C 392 -36.16 -26.96 -23.82
C TYR C 392 -35.79 -26.85 -22.35
N TYR C 393 -35.93 -25.66 -21.79
CA TYR C 393 -35.58 -25.44 -20.40
C TYR C 393 -36.55 -26.14 -19.45
N THR C 394 -37.82 -26.17 -19.82
CA THR C 394 -38.85 -26.76 -18.96
C THR C 394 -38.82 -28.28 -18.94
N ARG C 395 -38.06 -28.91 -19.83
CA ARG C 395 -38.00 -30.36 -19.89
C ARG C 395 -37.13 -30.95 -18.77
N ASP C 396 -36.55 -30.09 -17.95
CA ASP C 396 -35.77 -30.53 -16.80
C ASP C 396 -36.68 -30.89 -15.63
N PHE C 397 -37.86 -30.27 -15.56
CA PHE C 397 -38.71 -30.37 -14.39
C PHE C 397 -40.21 -30.43 -14.67
N ARG C 398 -40.60 -30.52 -15.94
CA ARG C 398 -42.03 -30.45 -16.28
C ARG C 398 -42.82 -31.68 -15.84
N ALA C 399 -42.14 -32.83 -15.76
CA ALA C 399 -42.80 -34.06 -15.32
C ALA C 399 -43.12 -34.02 -13.83
N ALA C 400 -42.18 -33.49 -13.05
CA ALA C 400 -42.33 -33.44 -11.60
C ALA C 400 -42.92 -32.12 -11.12
N ASN C 401 -43.05 -31.16 -12.02
CA ASN C 401 -43.58 -29.85 -11.66
C ASN C 401 -44.10 -29.10 -12.88
N PRO C 402 -45.20 -29.60 -13.46
CA PRO C 402 -45.79 -29.05 -14.69
C PRO C 402 -46.44 -27.68 -14.50
N ALA C 403 -46.83 -27.34 -13.27
CA ALA C 403 -47.38 -26.02 -12.99
C ALA C 403 -46.31 -24.97 -13.24
N ALA C 404 -45.09 -25.25 -12.79
CA ALA C 404 -43.95 -24.37 -13.03
C ALA C 404 -43.67 -24.25 -14.52
N ALA C 405 -43.74 -25.38 -15.22
CA ALA C 405 -43.49 -25.41 -16.66
C ALA C 405 -44.42 -24.46 -17.39
N VAL C 406 -45.64 -24.32 -16.90
CA VAL C 406 -46.62 -23.43 -17.51
C VAL C 406 -46.14 -21.98 -17.42
N ASP C 407 -45.66 -21.59 -16.25
CA ASP C 407 -45.17 -20.23 -16.05
C ASP C 407 -44.15 -19.83 -17.12
N TYR C 408 -43.24 -20.74 -17.45
CA TYR C 408 -42.20 -20.46 -18.44
C TYR C 408 -42.77 -20.47 -19.86
N LEU C 409 -43.55 -21.48 -20.18
CA LEU C 409 -44.16 -21.58 -21.51
C LEU C 409 -45.02 -20.35 -21.79
N VAL C 410 -45.62 -19.80 -20.75
CA VAL C 410 -46.46 -18.60 -20.88
C VAL C 410 -45.63 -17.39 -21.32
N LEU C 411 -44.38 -17.33 -20.89
CA LEU C 411 -43.50 -16.22 -21.24
C LEU C 411 -43.29 -16.12 -22.75
N ILE C 412 -43.60 -17.20 -23.47
CA ILE C 412 -43.49 -17.22 -24.92
C ILE C 412 -44.29 -16.08 -25.55
N CYS C 413 -45.38 -15.68 -24.90
CA CYS C 413 -46.25 -14.65 -25.45
C CYS C 413 -45.80 -13.22 -25.13
N LEU C 414 -44.61 -13.10 -24.54
CA LEU C 414 -44.01 -11.78 -24.36
C LEU C 414 -43.75 -11.18 -25.73
N ASN C 415 -43.33 -12.03 -26.68
CA ASN C 415 -43.07 -11.61 -28.04
C ASN C 415 -44.29 -11.71 -28.93
N ALA C 416 -45.46 -11.86 -28.31
CA ALA C 416 -46.70 -11.99 -29.07
C ALA C 416 -47.40 -10.65 -29.16
N ASP C 417 -46.60 -9.58 -29.24
CA ASP C 417 -47.14 -8.23 -29.31
C ASP C 417 -46.90 -7.63 -30.69
N GLU C 418 -47.22 -6.35 -30.81
CA GLU C 418 -47.26 -5.67 -32.09
C GLU C 418 -45.87 -5.48 -32.68
N ALA C 419 -44.87 -5.33 -31.81
CA ALA C 419 -43.51 -5.02 -32.24
C ALA C 419 -42.76 -6.23 -32.78
N ALA C 420 -42.91 -7.37 -32.11
CA ALA C 420 -42.21 -8.58 -32.51
C ALA C 420 -42.68 -9.08 -33.88
N GLY C 421 -43.86 -8.64 -34.31
CA GLY C 421 -44.34 -8.95 -35.65
C GLY C 421 -45.42 -10.02 -35.70
N GLY C 422 -45.23 -11.09 -34.96
CA GLY C 422 -46.12 -12.24 -35.05
C GLY C 422 -47.04 -12.42 -33.85
N GLN C 423 -47.93 -11.47 -33.63
CA GLN C 423 -48.91 -11.59 -32.56
C GLN C 423 -49.60 -12.94 -32.55
N GLN C 424 -50.30 -13.25 -33.64
CA GLN C 424 -51.08 -14.49 -33.73
C GLN C 424 -50.16 -15.70 -33.87
N ALA C 425 -49.06 -15.54 -34.60
CA ALA C 425 -48.15 -16.64 -34.87
C ALA C 425 -47.38 -17.05 -33.63
N GLN C 426 -47.07 -16.07 -32.78
CA GLN C 426 -46.34 -16.34 -31.54
C GLN C 426 -47.26 -16.97 -30.51
N ALA C 427 -48.48 -16.45 -30.41
CA ALA C 427 -49.47 -17.01 -29.49
C ALA C 427 -49.74 -18.46 -29.85
N ALA C 428 -49.84 -18.74 -31.14
CA ALA C 428 -50.08 -20.09 -31.62
C ALA C 428 -48.97 -21.03 -31.15
N LEU C 429 -47.73 -20.54 -31.18
CA LEU C 429 -46.59 -21.33 -30.72
C LEU C 429 -46.70 -21.62 -29.23
N CYS C 430 -47.13 -20.62 -28.46
CA CYS C 430 -47.30 -20.78 -27.03
C CYS C 430 -48.35 -21.84 -26.74
N HIS C 431 -49.44 -21.80 -27.50
CA HIS C 431 -50.52 -22.76 -27.35
C HIS C 431 -50.04 -24.17 -27.62
N GLU C 432 -49.37 -24.37 -28.75
CA GLU C 432 -48.91 -25.70 -29.14
C GLU C 432 -47.93 -26.25 -28.11
N ALA C 433 -47.20 -25.35 -27.45
CA ALA C 433 -46.27 -25.75 -26.41
C ALA C 433 -47.02 -26.28 -25.20
N LEU C 434 -48.11 -25.60 -24.85
CA LEU C 434 -48.94 -26.01 -23.72
C LEU C 434 -49.74 -27.27 -24.07
N ARG C 435 -50.07 -27.42 -25.34
CA ARG C 435 -50.83 -28.57 -25.79
C ARG C 435 -50.03 -29.86 -25.60
N GLU C 436 -48.77 -29.85 -26.02
CA GLU C 436 -47.95 -31.05 -25.92
C GLU C 436 -47.46 -31.26 -24.49
N LEU C 437 -47.59 -30.23 -23.65
CA LEU C 437 -47.31 -30.36 -22.24
C LEU C 437 -48.39 -31.17 -21.55
N VAL C 438 -49.64 -30.91 -21.93
CA VAL C 438 -50.78 -31.60 -21.34
C VAL C 438 -50.83 -33.06 -21.76
N LEU C 439 -50.61 -33.33 -23.05
CA LEU C 439 -50.71 -34.68 -23.59
C LEU C 439 -49.60 -35.59 -23.05
N GLU C 440 -48.48 -34.99 -22.64
CA GLU C 440 -47.36 -35.76 -22.14
C GLU C 440 -47.37 -35.86 -20.61
N SER C 441 -48.40 -35.33 -19.99
CA SER C 441 -48.51 -35.33 -18.54
C SER C 441 -49.85 -35.90 -18.07
N ARG C 442 -49.89 -36.38 -16.82
CA ARG C 442 -51.13 -36.89 -16.23
C ARG C 442 -51.62 -35.99 -15.10
N GLU C 443 -51.09 -34.78 -15.02
CA GLU C 443 -51.49 -33.82 -13.99
C GLU C 443 -52.63 -32.95 -14.48
N PHE C 444 -53.70 -33.59 -14.97
CA PHE C 444 -54.82 -32.87 -15.56
C PHE C 444 -55.54 -32.02 -14.51
N SER C 445 -55.68 -32.56 -13.30
CA SER C 445 -56.37 -31.87 -12.24
C SER C 445 -55.74 -30.51 -11.95
N ARG C 446 -54.45 -30.39 -12.23
CA ARG C 446 -53.71 -29.15 -11.99
C ARG C 446 -53.72 -28.26 -13.24
N LEU C 447 -53.39 -28.85 -14.38
CA LEU C 447 -53.28 -28.11 -15.64
C LEU C 447 -54.63 -27.66 -16.20
N ILE C 448 -55.57 -28.59 -16.32
CA ILE C 448 -56.85 -28.29 -16.97
C ILE C 448 -57.95 -27.91 -15.98
N GLY C 449 -57.98 -28.58 -14.84
CA GLY C 449 -58.97 -28.29 -13.83
C GLY C 449 -59.46 -29.51 -13.07
N ASP C 450 -60.25 -29.28 -12.03
CA ASP C 450 -60.75 -30.35 -11.16
C ASP C 450 -62.25 -30.22 -11.01
N ILE C 451 -62.88 -31.23 -10.40
CA ILE C 451 -64.32 -31.26 -10.25
C ILE C 451 -64.74 -31.27 -8.79
N ARG C 452 -65.68 -30.39 -8.45
CA ARG C 452 -66.24 -30.33 -7.10
C ARG C 452 -67.37 -31.34 -6.94
N PRO C 453 -67.76 -31.62 -5.68
CA PRO C 453 -68.83 -32.58 -5.41
C PRO C 453 -70.12 -32.30 -6.18
N ASP C 454 -70.42 -31.02 -6.41
CA ASP C 454 -71.65 -30.65 -7.11
C ASP C 454 -71.43 -30.50 -8.62
N GLY C 455 -70.21 -30.76 -9.07
CA GLY C 455 -69.91 -30.72 -10.49
C GLY C 455 -69.21 -29.44 -10.94
N ARG C 456 -69.23 -28.42 -10.09
CA ARG C 456 -68.58 -27.14 -10.40
C ARG C 456 -67.11 -27.36 -10.73
N ARG C 457 -66.60 -26.61 -11.70
CA ARG C 457 -65.20 -26.73 -12.10
C ARG C 457 -64.29 -25.92 -11.20
N ILE C 458 -63.20 -26.54 -10.76
CA ILE C 458 -62.09 -25.84 -10.15
C ILE C 458 -61.06 -25.63 -11.24
N ARG C 459 -60.88 -24.38 -11.65
CA ARG C 459 -60.13 -24.07 -12.87
C ARG C 459 -58.66 -24.43 -12.73
N GLY C 460 -58.06 -24.88 -13.83
CA GLY C 460 -56.67 -25.28 -13.85
C GLY C 460 -55.70 -24.12 -14.06
N VAL C 461 -54.43 -24.37 -13.78
CA VAL C 461 -53.41 -23.32 -13.84
C VAL C 461 -53.34 -22.64 -15.21
N ILE C 462 -53.61 -23.39 -16.27
CA ILE C 462 -53.49 -22.85 -17.62
C ILE C 462 -54.59 -21.83 -17.93
N GLU C 463 -55.84 -22.22 -17.74
CA GLU C 463 -56.95 -21.30 -18.05
C GLU C 463 -56.95 -20.10 -17.10
N GLU C 464 -56.25 -20.22 -15.98
CA GLU C 464 -56.06 -19.09 -15.08
C GLU C 464 -55.09 -18.08 -15.70
N ARG C 465 -54.08 -18.58 -16.41
CA ARG C 465 -53.11 -17.72 -17.07
C ARG C 465 -53.63 -17.23 -18.42
N GLY C 466 -54.91 -17.46 -18.69
CA GLY C 466 -55.52 -17.11 -19.97
C GLY C 466 -55.23 -15.70 -20.44
N PRO C 467 -55.43 -14.72 -19.55
CA PRO C 467 -55.18 -13.31 -19.90
C PRO C 467 -53.75 -13.06 -20.39
N LEU C 468 -52.79 -13.86 -19.92
CA LEU C 468 -51.40 -13.64 -20.27
C LEU C 468 -51.00 -14.29 -21.60
N ILE C 469 -51.91 -15.06 -22.20
CA ILE C 469 -51.58 -15.79 -23.42
C ILE C 469 -52.66 -15.65 -24.49
N ALA C 470 -53.36 -14.52 -24.49
CA ALA C 470 -54.33 -14.21 -25.55
C ALA C 470 -55.47 -15.23 -25.58
N LEU C 471 -55.99 -15.58 -24.42
CA LEU C 471 -57.10 -16.54 -24.33
C LEU C 471 -58.37 -15.84 -23.85
N ASP C 475 -60.52 -20.14 -24.39
CA ASP C 475 -61.56 -20.27 -25.40
C ASP C 475 -61.72 -21.74 -25.79
N ASP C 476 -61.88 -22.03 -27.08
CA ASP C 476 -62.03 -23.42 -27.52
C ASP C 476 -60.76 -24.21 -27.25
N PHE C 477 -59.62 -23.50 -27.22
CA PHE C 477 -58.33 -24.13 -27.01
C PHE C 477 -58.32 -25.14 -25.86
N ILE C 478 -58.74 -24.70 -24.67
CA ILE C 478 -58.73 -25.55 -23.48
C ILE C 478 -59.63 -26.78 -23.67
N ARG C 479 -60.79 -26.57 -24.27
CA ARG C 479 -61.72 -27.67 -24.51
C ARG C 479 -61.15 -28.62 -25.56
N THR C 480 -60.46 -28.05 -26.55
CA THR C 480 -59.90 -28.85 -27.63
C THR C 480 -58.85 -29.82 -27.12
N ILE C 481 -57.92 -29.32 -26.30
CA ILE C 481 -56.84 -30.14 -25.77
C ILE C 481 -57.33 -31.06 -24.66
N THR C 482 -58.49 -30.72 -24.08
CA THR C 482 -59.09 -31.57 -23.06
C THR C 482 -59.75 -32.78 -23.71
N LEU C 483 -60.39 -32.56 -24.85
CA LEU C 483 -61.08 -33.63 -25.56
C LEU C 483 -60.12 -34.62 -26.21
N GLN C 484 -59.02 -34.11 -26.77
CA GLN C 484 -58.03 -34.98 -27.41
C GLN C 484 -57.21 -35.71 -26.35
N ALA C 485 -57.05 -35.08 -25.19
CA ALA C 485 -56.39 -35.74 -24.07
C ALA C 485 -57.32 -36.77 -23.45
N ALA C 486 -58.62 -36.50 -23.53
CA ALA C 486 -59.63 -37.41 -23.00
C ALA C 486 -59.72 -38.65 -23.87
N SER C 487 -59.76 -38.46 -25.18
CA SER C 487 -59.77 -39.57 -26.12
C SER C 487 -58.50 -40.40 -25.95
N PHE C 488 -57.37 -39.73 -25.77
CA PHE C 488 -56.08 -40.40 -25.63
C PHE C 488 -56.05 -41.26 -24.38
N ALA C 489 -56.75 -40.83 -23.33
CA ALA C 489 -56.77 -41.56 -22.07
C ALA C 489 -57.76 -42.71 -22.12
N ASP C 490 -58.87 -42.51 -22.84
CA ASP C 490 -59.91 -43.52 -22.95
C ASP C 490 -59.43 -44.71 -23.79
N ASP C 491 -58.59 -44.43 -24.77
CA ASP C 491 -58.07 -45.47 -25.67
C ASP C 491 -57.00 -46.32 -24.99
N ASN C 492 -56.31 -45.74 -24.02
CA ASN C 492 -55.26 -46.45 -23.29
C ASN C 492 -55.76 -46.99 -21.94
N GLY C 493 -57.07 -46.97 -21.74
CA GLY C 493 -57.67 -47.60 -20.58
C GLY C 493 -57.47 -46.86 -19.27
N ARG C 494 -57.11 -45.59 -19.32
CA ARG C 494 -56.99 -44.79 -18.12
C ARG C 494 -58.37 -44.22 -17.75
N THR C 495 -59.20 -45.09 -17.17
CA THR C 495 -60.60 -44.79 -16.94
C THR C 495 -60.81 -43.50 -16.16
N THR C 496 -60.10 -43.34 -15.06
CA THR C 496 -60.30 -42.19 -14.17
C THR C 496 -59.90 -40.87 -14.85
N ASP C 497 -58.82 -40.88 -15.62
CA ASP C 497 -58.43 -39.70 -16.39
C ASP C 497 -59.52 -39.32 -17.37
N ALA C 498 -60.04 -40.32 -18.09
CA ALA C 498 -61.07 -40.08 -19.09
C ALA C 498 -62.34 -39.53 -18.46
N VAL C 499 -62.70 -40.04 -17.28
CA VAL C 499 -63.87 -39.56 -16.57
C VAL C 499 -63.67 -38.11 -16.15
N LEU C 500 -62.48 -37.79 -15.66
CA LEU C 500 -62.15 -36.44 -15.23
C LEU C 500 -62.19 -35.46 -16.40
N LEU C 501 -61.63 -35.86 -17.53
CA LEU C 501 -61.48 -34.97 -18.68
C LEU C 501 -62.79 -34.78 -19.44
N TYR C 502 -63.56 -35.85 -19.61
CA TYR C 502 -64.81 -35.75 -20.35
C TYR C 502 -65.84 -34.90 -19.62
N HIS C 503 -65.77 -34.90 -18.29
CA HIS C 503 -66.66 -34.05 -17.50
C HIS C 503 -66.27 -32.59 -17.63
N LEU C 504 -64.97 -32.32 -17.58
CA LEU C 504 -64.46 -30.96 -17.72
C LEU C 504 -64.83 -30.39 -19.08
N ALA C 505 -64.94 -31.28 -20.07
CA ALA C 505 -65.31 -30.86 -21.42
C ALA C 505 -66.82 -30.85 -21.61
N GLU C 506 -67.55 -30.96 -20.51
CA GLU C 506 -69.01 -30.92 -20.52
C GLU C 506 -69.63 -32.08 -21.30
N ASP C 507 -68.84 -33.13 -21.55
CA ASP C 507 -69.35 -34.33 -22.20
C ASP C 507 -69.78 -35.33 -21.14
N TYR C 508 -70.93 -35.08 -20.53
CA TYR C 508 -71.40 -35.89 -19.41
C TYR C 508 -71.87 -37.26 -19.87
N ASP C 509 -72.32 -37.36 -21.12
CA ASP C 509 -72.81 -38.62 -21.64
C ASP C 509 -71.68 -39.65 -21.77
N THR C 510 -70.55 -39.21 -22.30
CA THR C 510 -69.40 -40.10 -22.47
C THR C 510 -68.89 -40.58 -21.12
N VAL C 511 -68.99 -39.72 -20.11
CA VAL C 511 -68.56 -40.07 -18.76
C VAL C 511 -69.36 -41.27 -18.26
N VAL C 512 -70.68 -41.22 -18.47
CA VAL C 512 -71.56 -42.30 -18.04
C VAL C 512 -71.21 -43.60 -18.76
N SER C 513 -70.95 -43.50 -20.06
CA SER C 513 -70.58 -44.67 -20.85
C SER C 513 -69.32 -45.32 -20.29
N ILE C 514 -68.38 -44.49 -19.84
CA ILE C 514 -67.10 -44.98 -19.34
C ILE C 514 -67.21 -45.62 -17.96
N VAL C 515 -68.00 -45.02 -17.08
CA VAL C 515 -68.20 -45.57 -15.74
C VAL C 515 -69.05 -46.85 -15.80
N SER C 516 -69.86 -46.99 -16.83
CA SER C 516 -70.65 -48.21 -17.02
C SER C 516 -69.75 -49.36 -17.44
N ARG C 517 -68.84 -49.08 -18.37
CA ARG C 517 -67.94 -50.10 -18.88
C ARG C 517 -67.07 -50.67 -17.78
N ALA C 518 -66.48 -49.78 -16.98
CA ALA C 518 -65.61 -50.20 -15.88
C ALA C 518 -66.41 -50.94 -14.82
N LEU C 519 -67.63 -50.47 -14.58
CA LEU C 519 -68.52 -51.07 -13.61
C LEU C 519 -69.00 -52.44 -14.09
N SER C 520 -69.16 -52.57 -15.39
CA SER C 520 -69.61 -53.81 -16.00
C SER C 520 -68.54 -54.89 -15.86
N GLU C 521 -67.29 -54.51 -16.06
CA GLU C 521 -66.18 -55.44 -15.97
C GLU C 521 -65.98 -55.91 -14.53
N ALA C 522 -66.10 -54.98 -13.59
CA ALA C 522 -65.91 -55.31 -12.18
C ALA C 522 -66.96 -56.32 -11.74
N ILE C 523 -68.18 -56.13 -12.22
CA ILE C 523 -69.28 -57.03 -11.91
C ILE C 523 -69.07 -58.41 -12.53
N SER C 524 -68.47 -58.43 -13.72
CA SER C 524 -68.22 -59.68 -14.43
C SER C 524 -67.37 -60.66 -13.62
N LEU C 525 -66.33 -60.14 -13.00
CA LEU C 525 -65.41 -60.98 -12.22
C LEU C 525 -66.17 -61.95 -11.32
N GLU C 526 -65.66 -63.17 -11.23
CA GLU C 526 -66.25 -64.19 -10.37
C GLU C 526 -66.20 -63.71 -8.92
N ILE C 527 -66.96 -64.38 -8.05
CA ILE C 527 -66.97 -64.01 -6.64
C ILE C 527 -65.77 -64.63 -5.93
N GLY C 528 -65.11 -63.83 -5.11
CA GLY C 528 -63.91 -64.27 -4.41
C GLY C 528 -62.65 -63.85 -5.14
N GLU C 529 -62.80 -63.44 -6.40
CA GLU C 529 -61.68 -62.97 -7.20
C GLU C 529 -61.14 -61.67 -6.62
N ASP C 530 -59.92 -61.31 -6.98
CA ASP C 530 -59.33 -60.06 -6.53
C ASP C 530 -60.10 -58.88 -7.12
N PRO C 531 -60.45 -57.90 -6.28
CA PRO C 531 -61.19 -56.72 -6.75
C PRO C 531 -60.50 -56.00 -7.90
N MET C 532 -61.29 -55.57 -8.88
CA MET C 532 -60.79 -54.78 -9.99
C MET C 532 -60.47 -53.36 -9.51
N ARG C 533 -59.30 -52.86 -9.89
CA ARG C 533 -58.85 -51.56 -9.42
C ARG C 533 -58.45 -50.61 -10.54
N LEU C 534 -58.76 -49.33 -10.34
CA LEU C 534 -58.41 -48.29 -11.29
C LEU C 534 -57.29 -47.44 -10.70
N ILE C 535 -56.40 -46.95 -11.57
CA ILE C 535 -55.38 -46.02 -11.15
C ILE C 535 -56.04 -44.66 -10.89
N PRO C 536 -55.95 -44.17 -9.64
CA PRO C 536 -56.57 -42.88 -9.30
C PRO C 536 -55.89 -41.71 -9.99
N VAL C 537 -56.68 -40.75 -10.48
CA VAL C 537 -56.13 -39.55 -11.10
C VAL C 537 -55.14 -38.87 -10.17
N LYS C 538 -54.08 -38.30 -10.74
CA LYS C 538 -53.12 -37.53 -9.96
C LYS C 538 -53.85 -36.44 -9.18
N PRO C 539 -53.60 -36.36 -7.87
CA PRO C 539 -54.25 -35.37 -7.02
C PRO C 539 -53.87 -33.93 -7.39
N ARG C 540 -54.80 -33.00 -7.23
CA ARG C 540 -54.57 -31.60 -7.58
C ARG C 540 -53.56 -30.96 -6.62
N VAL C 541 -53.60 -31.40 -5.37
CA VAL C 541 -52.64 -30.92 -4.37
C VAL C 541 -52.13 -32.08 -3.53
N THR C 542 -50.83 -32.10 -3.29
CA THR C 542 -50.23 -33.16 -2.49
C THR C 542 -49.92 -32.66 -1.10
N ASN C 543 -50.54 -33.31 -0.11
CA ASN C 543 -50.34 -32.92 1.27
C ASN C 543 -48.93 -33.22 1.77
N ALA C 544 -48.24 -32.18 2.22
CA ALA C 544 -46.99 -32.35 2.94
C ALA C 544 -47.32 -32.15 4.41
N GLU C 545 -46.68 -32.91 5.28
CA GLU C 545 -46.99 -32.86 6.71
C GLU C 545 -46.95 -31.42 7.20
N GLY C 546 -46.02 -30.65 6.64
CA GLY C 546 -45.86 -29.25 7.02
C GLY C 546 -47.02 -28.37 6.58
N GLN C 547 -47.40 -28.48 5.31
CA GLN C 547 -48.50 -27.69 4.78
C GLN C 547 -49.84 -28.19 5.32
N VAL C 548 -50.74 -27.26 5.60
CA VAL C 548 -52.05 -27.61 6.13
C VAL C 548 -52.83 -28.31 5.02
N GLU C 549 -53.61 -29.33 5.39
CA GLU C 549 -54.50 -29.95 4.43
C GLU C 549 -55.64 -28.98 4.15
N GLU C 550 -55.30 -27.81 3.61
CA GLU C 550 -56.24 -26.71 3.43
C GLU C 550 -57.50 -27.20 2.72
N ALA C 551 -57.30 -28.00 1.67
CA ALA C 551 -58.40 -28.67 1.00
C ALA C 551 -58.37 -30.15 1.37
N ALA C 552 -59.38 -30.58 2.10
CA ALA C 552 -59.42 -31.94 2.65
C ALA C 552 -59.81 -32.96 1.59
N PRO C 553 -59.48 -34.24 1.83
CA PRO C 553 -59.92 -35.33 0.96
C PRO C 553 -61.44 -35.38 0.85
N GLY C 554 -61.96 -35.51 -0.36
CA GLY C 554 -63.39 -35.56 -0.58
C GLY C 554 -63.95 -34.23 -1.07
N SER C 555 -63.19 -33.17 -0.84
CA SER C 555 -63.59 -31.84 -1.29
C SER C 555 -63.46 -31.70 -2.81
N SER C 556 -62.86 -32.69 -3.44
CA SER C 556 -62.68 -32.70 -4.89
C SER C 556 -62.47 -34.12 -5.39
N LEU C 557 -62.65 -34.32 -6.69
CA LEU C 557 -62.54 -35.64 -7.28
C LEU C 557 -61.11 -36.17 -7.19
N SER C 558 -60.14 -35.32 -7.47
CA SER C 558 -58.73 -35.71 -7.43
C SER C 558 -58.28 -36.00 -6.00
N LEU C 559 -58.94 -35.37 -5.02
CA LEU C 559 -58.60 -35.56 -3.62
C LEU C 559 -59.47 -36.65 -2.98
N ALA C 560 -60.24 -37.35 -3.80
CA ALA C 560 -61.09 -38.42 -3.30
C ALA C 560 -60.36 -39.76 -3.30
N ALA C 561 -59.31 -39.86 -4.10
CA ALA C 561 -58.53 -41.09 -4.19
C ALA C 561 -59.42 -42.27 -4.54
N ILE C 562 -60.23 -42.09 -5.58
CA ILE C 562 -61.16 -43.13 -6.02
C ILE C 562 -60.48 -44.13 -6.93
N ASP C 563 -60.45 -45.39 -6.51
CA ASP C 563 -59.85 -46.47 -7.30
C ASP C 563 -60.81 -47.63 -7.50
N ASP C 564 -62.06 -47.46 -7.04
CA ASP C 564 -63.07 -48.51 -7.15
C ASP C 564 -64.14 -48.10 -8.14
N PRO C 565 -64.32 -48.89 -9.22
CA PRO C 565 -65.28 -48.54 -10.29
C PRO C 565 -66.71 -48.38 -9.78
N VAL C 566 -67.04 -49.07 -8.69
CA VAL C 566 -68.38 -48.98 -8.12
C VAL C 566 -68.54 -47.63 -7.42
N GLU C 567 -67.50 -47.20 -6.72
CA GLU C 567 -67.52 -45.94 -6.01
C GLU C 567 -67.49 -44.79 -7.02
N LEU C 568 -66.79 -45.02 -8.13
CA LEU C 568 -66.70 -44.02 -9.19
C LEU C 568 -68.05 -43.83 -9.84
N ALA C 569 -68.74 -44.94 -10.10
CA ALA C 569 -70.04 -44.90 -10.74
C ALA C 569 -71.06 -44.22 -9.84
N LYS C 570 -71.04 -44.56 -8.55
CA LYS C 570 -71.94 -43.94 -7.59
C LYS C 570 -71.71 -42.43 -7.53
N ALA C 571 -70.44 -42.04 -7.45
CA ALA C 571 -70.07 -40.63 -7.35
C ALA C 571 -70.59 -39.83 -8.53
N MET C 572 -70.24 -40.27 -9.73
CA MET C 572 -70.60 -39.54 -10.94
C MET C 572 -72.10 -39.57 -11.21
N MET C 573 -72.72 -40.73 -11.04
CA MET C 573 -74.15 -40.87 -11.25
C MET C 573 -74.92 -40.06 -10.21
N GLY C 574 -74.36 -39.96 -9.02
CA GLY C 574 -74.98 -39.20 -7.95
C GLY C 574 -75.20 -37.75 -8.35
N MET C 575 -74.12 -37.07 -8.74
CA MET C 575 -74.20 -35.65 -9.07
C MET C 575 -74.98 -35.41 -10.36
N TYR C 576 -74.92 -36.36 -11.29
CA TYR C 576 -75.58 -36.20 -12.57
C TYR C 576 -77.10 -36.24 -12.43
N GLU C 577 -77.58 -37.03 -11.47
CA GLU C 577 -79.03 -37.20 -11.30
C GLU C 577 -79.61 -36.16 -10.34
N ARG C 578 -78.81 -35.71 -9.38
CA ARG C 578 -79.26 -34.70 -8.43
C ARG C 578 -79.52 -33.37 -9.13
N ASP C 579 -78.67 -33.04 -10.09
CA ASP C 579 -78.79 -31.78 -10.82
C ASP C 579 -79.25 -32.07 -12.25
N HIS C 580 -80.42 -31.55 -12.58
N HIS C 580 -80.43 -31.57 -12.60
CA HIS C 580 -81.05 -31.77 -13.88
CA HIS C 580 -80.99 -31.87 -13.91
C HIS C 580 -80.21 -31.19 -15.01
C HIS C 580 -80.27 -31.13 -15.03
N MET C 581 -79.29 -30.29 -14.67
CA MET C 581 -78.45 -29.63 -15.67
C MET C 581 -77.64 -30.70 -16.41
N PHE C 582 -77.07 -31.63 -15.64
CA PHE C 582 -76.30 -32.73 -16.22
C PHE C 582 -77.24 -33.80 -16.78
N TRP C 583 -78.23 -34.15 -15.98
CA TRP C 583 -79.11 -35.29 -16.29
C TRP C 583 -79.66 -35.24 -17.71
N GLN C 584 -80.15 -34.09 -18.13
CA GLN C 584 -80.79 -33.97 -19.44
C GLN C 584 -79.80 -34.14 -20.59
N LYS C 585 -78.51 -34.01 -20.31
CA LYS C 585 -77.47 -34.20 -21.32
C LYS C 585 -77.04 -35.65 -21.44
N ILE C 586 -77.61 -36.50 -20.59
CA ILE C 586 -77.31 -37.93 -20.62
C ILE C 586 -78.48 -38.69 -21.23
N ARG C 587 -78.17 -39.56 -22.19
CA ARG C 587 -79.21 -40.30 -22.91
C ARG C 587 -79.88 -41.34 -22.01
N GLU C 588 -81.16 -41.57 -22.25
CA GLU C 588 -81.96 -42.51 -21.46
C GLU C 588 -81.33 -43.90 -21.37
N PRO C 589 -81.14 -44.56 -22.53
CA PRO C 589 -80.63 -45.94 -22.52
C PRO C 589 -79.34 -46.08 -21.71
N ASN C 590 -78.49 -45.05 -21.75
CA ASN C 590 -77.21 -45.10 -21.07
C ASN C 590 -77.35 -44.99 -19.56
N ARG C 591 -78.02 -43.93 -19.10
CA ARG C 591 -78.15 -43.69 -17.66
C ARG C 591 -79.01 -44.77 -17.01
N VAL C 592 -80.01 -45.26 -17.73
CA VAL C 592 -80.84 -46.35 -17.23
C VAL C 592 -79.98 -47.61 -17.06
N ALA C 593 -79.18 -47.92 -18.08
CA ALA C 593 -78.29 -49.06 -18.04
C ALA C 593 -77.36 -49.00 -16.84
N CYS C 594 -76.73 -47.83 -16.64
CA CYS C 594 -75.81 -47.65 -15.53
C CYS C 594 -76.52 -47.86 -14.20
N SER C 595 -77.78 -47.46 -14.14
CA SER C 595 -78.58 -47.67 -12.94
C SER C 595 -78.76 -49.16 -12.68
N VAL C 596 -79.00 -49.92 -13.75
CA VAL C 596 -79.12 -51.36 -13.63
C VAL C 596 -77.84 -51.97 -13.08
N LEU C 597 -76.71 -51.53 -13.62
CA LEU C 597 -75.41 -52.05 -13.21
C LEU C 597 -75.15 -51.81 -11.73
N LEU C 598 -75.62 -50.67 -11.22
CA LEU C 598 -75.46 -50.37 -9.80
C LEU C 598 -76.34 -51.30 -8.96
N GLN C 599 -77.54 -51.58 -9.44
CA GLN C 599 -78.40 -52.55 -8.78
C GLN C 599 -77.72 -53.91 -8.75
N MET C 600 -77.08 -54.26 -9.86
CA MET C 600 -76.36 -55.53 -9.96
C MET C 600 -75.18 -55.58 -8.99
N ALA C 601 -74.39 -54.51 -8.96
CA ALA C 601 -73.23 -54.45 -8.08
C ALA C 601 -73.65 -54.64 -6.63
N ASP C 602 -74.84 -54.15 -6.30
CA ASP C 602 -75.38 -54.30 -4.95
C ASP C 602 -75.81 -55.75 -4.70
N ILE C 603 -76.49 -56.33 -5.69
CA ILE C 603 -76.89 -57.73 -5.62
C ILE C 603 -75.68 -58.60 -5.36
N LYS C 604 -74.58 -58.29 -6.03
CA LYS C 604 -73.35 -59.09 -5.90
C LYS C 604 -72.81 -59.02 -4.48
N SER C 605 -72.89 -57.83 -3.88
CA SER C 605 -72.37 -57.62 -2.53
C SER C 605 -73.16 -58.43 -1.50
N LEU C 606 -74.47 -58.47 -1.67
CA LEU C 606 -75.34 -59.23 -0.78
C LEU C 606 -74.94 -60.70 -0.76
N VAL C 607 -74.66 -61.24 -1.95
CA VAL C 607 -74.25 -62.64 -2.06
C VAL C 607 -72.93 -62.87 -1.32
N GLU C 608 -71.97 -61.97 -1.54
CA GLU C 608 -70.66 -62.08 -0.90
C GLU C 608 -70.77 -62.04 0.62
N GLN C 609 -71.72 -61.25 1.13
CA GLN C 609 -71.97 -61.20 2.56
C GLN C 609 -72.66 -62.47 3.03
N GLY C 610 -73.75 -62.83 2.36
CA GLY C 610 -74.49 -64.03 2.69
C GLY C 610 -75.93 -63.77 3.09
N ARG C 611 -76.53 -62.72 2.53
CA ARG C 611 -77.92 -62.40 2.79
C ARG C 611 -78.76 -62.79 1.57
N TRP C 612 -79.29 -64.00 1.60
CA TRP C 612 -79.93 -64.58 0.42
C TRP C 612 -81.30 -63.98 0.13
N ALA C 613 -82.13 -63.90 1.16
CA ALA C 613 -83.51 -63.42 0.99
C ALA C 613 -83.54 -62.01 0.41
N GLU C 614 -82.75 -61.12 0.98
CA GLU C 614 -82.72 -59.73 0.54
C GLU C 614 -82.23 -59.69 -0.91
N CYS C 615 -81.30 -60.57 -1.25
CA CYS C 615 -80.74 -60.64 -2.59
C CYS C 615 -81.84 -60.94 -3.62
N LEU C 616 -82.67 -61.94 -3.33
CA LEU C 616 -83.74 -62.32 -4.23
C LEU C 616 -84.67 -61.16 -4.56
N ASP C 617 -85.01 -60.37 -3.54
CA ASP C 617 -85.90 -59.23 -3.74
C ASP C 617 -85.27 -58.21 -4.69
N LYS C 618 -83.98 -57.93 -4.50
CA LYS C 618 -83.27 -57.00 -5.35
C LYS C 618 -83.19 -57.53 -6.78
N ILE C 619 -83.05 -58.84 -6.89
CA ILE C 619 -83.00 -59.50 -8.20
C ILE C 619 -84.38 -59.49 -8.85
N ARG C 620 -85.42 -59.71 -8.04
CA ARG C 620 -86.78 -59.64 -8.54
C ARG C 620 -87.09 -58.22 -9.03
N ALA C 621 -86.53 -57.23 -8.35
CA ALA C 621 -86.74 -55.83 -8.70
C ALA C 621 -86.19 -55.53 -10.08
N LEU C 622 -85.11 -56.21 -10.47
CA LEU C 622 -84.51 -56.02 -11.78
C LEU C 622 -85.51 -56.41 -12.86
N ASP C 623 -86.33 -57.41 -12.59
CA ASP C 623 -87.32 -57.88 -13.55
C ASP C 623 -86.64 -58.32 -14.85
N ILE C 624 -85.60 -59.14 -14.70
CA ILE C 624 -84.87 -59.66 -15.86
C ILE C 624 -85.05 -61.17 -15.98
N LEU C 625 -85.12 -61.85 -14.83
CA LEU C 625 -85.20 -63.30 -14.81
C LEU C 625 -86.56 -63.79 -14.33
N PRO C 626 -86.99 -64.96 -14.83
CA PRO C 626 -88.29 -65.58 -14.47
C PRO C 626 -88.30 -66.23 -13.10
N LEU C 627 -88.25 -65.43 -12.04
CA LEU C 627 -88.35 -65.96 -10.69
C LEU C 627 -89.80 -66.03 -10.26
N THR C 628 -90.68 -65.40 -11.04
CA THR C 628 -92.11 -65.43 -10.77
C THR C 628 -92.79 -66.51 -11.60
N ALA C 629 -92.64 -67.76 -11.19
CA ALA C 629 -93.30 -68.86 -11.88
C ALA C 629 -93.35 -70.11 -11.03
N ARG C 630 -94.51 -70.76 -11.02
CA ARG C 630 -94.56 -72.15 -10.57
C ARG C 630 -93.75 -72.93 -11.58
N GLY C 631 -93.81 -72.46 -12.83
CA GLY C 631 -93.15 -73.11 -13.95
C GLY C 631 -94.07 -73.14 -15.15
N ASP C 632 -94.07 -72.05 -15.91
CA ASP C 632 -94.90 -71.94 -17.11
C ASP C 632 -94.03 -71.61 -18.31
N PRO C 633 -94.16 -72.37 -19.40
CA PRO C 633 -93.31 -72.04 -20.55
C PRO C 633 -93.57 -70.63 -21.07
N GLY C 634 -94.82 -70.20 -21.01
CA GLY C 634 -95.21 -68.91 -21.56
C GLY C 634 -94.47 -67.73 -20.96
N THR C 635 -94.38 -67.70 -19.63
CA THR C 635 -93.73 -66.58 -18.94
C THR C 635 -92.22 -66.60 -19.19
N ILE C 636 -91.67 -67.79 -19.38
CA ILE C 636 -90.24 -67.94 -19.59
C ILE C 636 -89.84 -67.58 -21.02
N ARG C 637 -90.74 -67.88 -21.97
CA ARG C 637 -90.53 -67.46 -23.35
C ARG C 637 -90.65 -65.94 -23.45
N SER C 638 -91.44 -65.38 -22.54
CA SER C 638 -91.68 -63.94 -22.53
C SER C 638 -90.40 -63.16 -22.25
N TYR C 639 -89.73 -63.51 -21.15
CA TYR C 639 -88.53 -62.80 -20.74
C TYR C 639 -87.38 -63.01 -21.72
N ALA C 640 -87.32 -64.19 -22.32
CA ALA C 640 -86.27 -64.49 -23.29
C ALA C 640 -86.37 -63.57 -24.50
N ALA C 641 -87.57 -63.13 -24.82
CA ALA C 641 -87.80 -62.21 -25.93
C ALA C 641 -87.43 -60.79 -25.53
N ARG C 642 -87.38 -60.54 -24.22
CA ARG C 642 -87.04 -59.22 -23.70
C ARG C 642 -85.53 -59.07 -23.49
N PHE C 643 -84.78 -60.14 -23.75
CA PHE C 643 -83.34 -60.15 -23.50
C PHE C 643 -82.55 -59.30 -24.50
N PRO C 644 -82.82 -59.46 -25.80
CA PRO C 644 -82.11 -58.67 -26.82
C PRO C 644 -82.14 -57.17 -26.54
N SER C 645 -83.18 -56.70 -25.86
CA SER C 645 -83.34 -55.28 -25.59
C SER C 645 -82.30 -54.75 -24.59
N LEU C 646 -81.76 -55.64 -23.77
CA LEU C 646 -80.77 -55.26 -22.76
C LEU C 646 -79.53 -54.66 -23.41
N ALA C 647 -78.88 -53.74 -22.70
CA ALA C 647 -77.66 -53.11 -23.19
C ALA C 647 -76.49 -54.06 -23.01
N GLN C 648 -75.43 -53.86 -23.79
CA GLN C 648 -74.27 -54.74 -23.76
C GLN C 648 -73.73 -54.94 -22.34
N PRO C 649 -73.36 -53.83 -21.67
CA PRO C 649 -72.76 -53.95 -20.34
C PRO C 649 -73.64 -54.70 -19.34
N VAL C 650 -74.95 -54.70 -19.58
CA VAL C 650 -75.89 -55.40 -18.72
C VAL C 650 -76.05 -56.86 -19.14
N ALA C 651 -76.31 -57.06 -20.44
CA ALA C 651 -76.53 -58.40 -20.97
C ALA C 651 -75.38 -59.35 -20.66
N ILE C 652 -74.15 -58.82 -20.67
CA ILE C 652 -72.96 -59.64 -20.48
C ILE C 652 -72.85 -60.16 -19.04
N ASN C 653 -73.64 -59.59 -18.13
CA ASN C 653 -73.60 -59.99 -16.74
C ASN C 653 -74.81 -60.86 -16.33
N VAL C 654 -75.69 -61.14 -17.29
CA VAL C 654 -76.83 -62.01 -17.02
C VAL C 654 -76.36 -63.39 -16.58
N PRO C 655 -75.32 -63.92 -17.23
CA PRO C 655 -74.75 -65.21 -16.82
C PRO C 655 -74.39 -65.25 -15.34
N ASN C 656 -73.81 -64.17 -14.84
CA ASN C 656 -73.46 -64.06 -13.43
C ASN C 656 -74.72 -63.93 -12.58
N LEU C 657 -75.66 -63.12 -13.05
CA LEU C 657 -76.93 -62.96 -12.39
C LEU C 657 -77.51 -64.35 -12.10
N LEU C 658 -77.71 -65.12 -13.17
CA LEU C 658 -78.19 -66.49 -13.04
C LEU C 658 -77.41 -67.26 -11.98
N MET C 659 -76.09 -67.29 -12.13
CA MET C 659 -75.22 -68.02 -11.21
C MET C 659 -75.46 -67.57 -9.77
N TRP C 660 -75.85 -66.31 -9.60
CA TRP C 660 -76.10 -65.76 -8.27
C TRP C 660 -77.48 -66.15 -7.75
N THR C 661 -78.51 -65.90 -8.56
CA THR C 661 -79.88 -66.21 -8.13
C THR C 661 -79.92 -67.65 -7.66
N VAL C 662 -79.45 -68.55 -8.53
CA VAL C 662 -79.49 -69.98 -8.26
C VAL C 662 -78.83 -70.29 -6.93
N LEU C 663 -77.67 -69.68 -6.68
CA LEU C 663 -76.94 -69.90 -5.45
C LEU C 663 -77.78 -69.50 -4.24
N CYS C 664 -78.22 -68.24 -4.22
CA CYS C 664 -79.00 -67.74 -3.08
C CYS C 664 -80.41 -68.34 -3.07
N CYS C 665 -80.89 -68.75 -4.24
CA CYS C 665 -82.19 -69.41 -4.34
C CYS C 665 -82.11 -70.75 -3.64
N MET C 666 -81.09 -71.51 -4.00
CA MET C 666 -80.88 -72.85 -3.45
C MET C 666 -80.40 -72.81 -2.00
N ARG C 667 -79.54 -71.83 -1.69
CA ARG C 667 -78.93 -71.75 -0.38
C ARG C 667 -79.97 -71.47 0.70
N GLN C 668 -80.97 -70.66 0.35
CA GLN C 668 -82.03 -70.34 1.29
C GLN C 668 -82.93 -71.55 1.53
N ARG C 669 -82.94 -72.49 0.59
CA ARG C 669 -83.73 -73.71 0.74
C ARG C 669 -82.95 -74.73 1.57
N GLU C 670 -81.63 -74.71 1.44
CA GLU C 670 -80.77 -75.61 2.20
C GLU C 670 -80.65 -75.16 3.66
N ARG C 671 -81.39 -74.11 4.00
CA ARG C 671 -81.53 -73.69 5.40
C ARG C 671 -82.99 -73.74 5.82
N LEU C 672 -83.87 -73.21 4.96
CA LEU C 672 -85.31 -73.24 5.23
C LEU C 672 -85.85 -74.68 5.14
N ASN C 680 -95.63 -76.58 9.80
CA ASN C 680 -94.29 -76.11 10.12
C ASN C 680 -93.30 -76.54 9.05
N GLU C 681 -92.84 -77.79 9.11
CA GLU C 681 -92.01 -78.35 8.06
C GLU C 681 -92.79 -78.35 6.74
N SER C 682 -94.11 -78.32 6.85
CA SER C 682 -94.98 -78.29 5.68
C SER C 682 -94.76 -77.02 4.85
N THR C 683 -94.56 -75.89 5.53
CA THR C 683 -94.41 -74.61 4.84
C THR C 683 -93.00 -74.48 4.29
N ALA C 684 -92.02 -74.94 5.06
CA ALA C 684 -90.63 -74.88 4.65
C ALA C 684 -90.42 -75.67 3.34
N ARG C 685 -91.04 -76.84 3.27
CA ARG C 685 -90.90 -77.70 2.09
C ARG C 685 -91.46 -77.06 0.83
N LEU C 686 -92.63 -76.42 0.95
CA LEU C 686 -93.25 -75.78 -0.20
C LEU C 686 -92.34 -74.68 -0.75
N MET C 687 -91.69 -73.96 0.15
CA MET C 687 -90.78 -72.89 -0.25
C MET C 687 -89.53 -73.49 -0.89
N MET C 688 -88.93 -74.46 -0.20
CA MET C 688 -87.73 -75.11 -0.70
C MET C 688 -87.94 -75.71 -2.09
N ASP C 689 -89.18 -76.10 -2.39
CA ASP C 689 -89.51 -76.67 -3.69
C ASP C 689 -89.58 -75.58 -4.75
N GLU C 690 -90.25 -74.48 -4.42
CA GLU C 690 -90.34 -73.35 -5.34
C GLU C 690 -88.95 -72.86 -5.70
N LEU C 691 -88.10 -72.73 -4.69
CA LEU C 691 -86.70 -72.35 -4.90
C LEU C 691 -86.02 -73.37 -5.81
N LYS C 692 -86.45 -74.62 -5.73
CA LYS C 692 -85.89 -75.68 -6.56
C LYS C 692 -86.48 -75.66 -7.96
N GLN C 693 -87.66 -75.05 -8.10
CA GLN C 693 -88.32 -74.96 -9.39
C GLN C 693 -87.85 -73.73 -10.14
N MET C 694 -87.53 -72.67 -9.41
CA MET C 694 -86.97 -71.47 -10.00
C MET C 694 -85.64 -71.78 -10.66
N THR C 695 -84.80 -72.54 -9.95
CA THR C 695 -83.51 -72.96 -10.48
C THR C 695 -83.67 -73.86 -11.71
N VAL C 696 -84.89 -74.33 -11.95
CA VAL C 696 -85.18 -75.11 -13.15
C VAL C 696 -85.75 -74.21 -14.23
N ASP C 697 -86.53 -73.21 -13.82
CA ASP C 697 -87.10 -72.25 -14.76
C ASP C 697 -85.99 -71.42 -15.39
N LEU C 698 -85.02 -71.03 -14.57
CA LEU C 698 -83.84 -70.32 -15.07
C LEU C 698 -83.11 -71.21 -16.05
N MET C 699 -82.87 -72.45 -15.63
CA MET C 699 -82.21 -73.44 -16.47
C MET C 699 -82.89 -73.51 -17.85
N ALA C 700 -84.21 -73.33 -17.87
CA ALA C 700 -84.96 -73.28 -19.12
C ALA C 700 -84.65 -71.96 -19.84
N TYR C 701 -84.64 -70.89 -19.07
CA TYR C 701 -84.38 -69.55 -19.61
C TYR C 701 -83.07 -69.52 -20.39
N THR C 702 -82.06 -70.23 -19.89
CA THR C 702 -80.74 -70.21 -20.50
C THR C 702 -80.73 -71.04 -21.78
N SER C 703 -81.45 -72.15 -21.77
CA SER C 703 -81.54 -73.03 -22.93
C SER C 703 -82.19 -72.30 -24.11
N GLN C 704 -83.18 -71.47 -23.80
CA GLN C 704 -83.85 -70.68 -24.82
C GLN C 704 -82.90 -69.64 -25.42
N LEU C 705 -81.98 -69.15 -24.59
CA LEU C 705 -81.03 -68.13 -25.01
C LEU C 705 -79.61 -68.65 -24.94
N ARG C 706 -79.42 -69.91 -25.35
CA ARG C 706 -78.12 -70.56 -25.21
C ARG C 706 -77.07 -69.96 -26.14
N TYR C 707 -77.50 -69.52 -27.33
CA TYR C 707 -76.55 -69.01 -28.32
C TYR C 707 -76.29 -67.52 -28.16
N ARG C 708 -76.67 -66.98 -27.00
CA ARG C 708 -76.30 -65.60 -26.66
C ARG C 708 -75.70 -65.54 -25.26
N LEU C 709 -75.46 -66.70 -24.66
CA LEU C 709 -74.81 -66.80 -23.35
C LEU C 709 -73.56 -67.68 -23.47
N PRO C 710 -72.67 -67.62 -22.46
CA PRO C 710 -71.49 -68.48 -22.42
C PRO C 710 -71.83 -69.93 -22.78
N PRO C 711 -70.85 -70.69 -23.29
CA PRO C 711 -71.15 -71.97 -23.92
C PRO C 711 -71.79 -73.03 -23.01
N HIS C 712 -71.12 -73.39 -21.93
CA HIS C 712 -71.60 -74.49 -21.09
C HIS C 712 -72.10 -73.99 -19.74
N LEU C 713 -72.89 -72.93 -19.79
CA LEU C 713 -73.49 -72.35 -18.59
C LEU C 713 -74.57 -73.26 -18.04
N HIS C 714 -75.45 -73.73 -18.92
CA HIS C 714 -76.57 -74.58 -18.53
C HIS C 714 -76.18 -75.62 -17.46
N GLU C 715 -75.14 -76.39 -17.74
CA GLU C 715 -74.71 -77.44 -16.82
C GLU C 715 -73.98 -76.89 -15.59
N ALA C 716 -73.38 -75.70 -15.72
CA ALA C 716 -72.77 -75.04 -14.58
C ALA C 716 -73.85 -74.72 -13.55
N LEU C 717 -75.05 -74.40 -14.04
CA LEU C 717 -76.19 -74.15 -13.16
C LEU C 717 -76.65 -75.45 -12.53
N ALA C 718 -76.53 -76.56 -13.25
CA ALA C 718 -76.89 -77.87 -12.73
C ALA C 718 -76.06 -78.20 -11.51
N ARG C 719 -74.73 -78.18 -11.67
CA ARG C 719 -73.82 -78.53 -10.60
C ARG C 719 -74.09 -77.70 -9.35
N ALA C 720 -74.36 -76.41 -9.55
CA ALA C 720 -74.69 -75.52 -8.44
C ALA C 720 -76.05 -75.89 -7.85
N SER C 721 -76.93 -76.40 -8.71
CA SER C 721 -78.27 -76.80 -8.28
C SER C 721 -78.40 -78.33 -8.26
N PRO D 39 -3.26 1.10 -30.94
CA PRO D 39 -2.73 1.12 -29.57
C PRO D 39 -3.83 0.95 -28.52
N THR D 40 -5.09 1.12 -28.94
CA THR D 40 -6.23 0.91 -28.05
C THR D 40 -6.16 -0.49 -27.45
N ILE D 41 -6.25 -1.50 -28.32
CA ILE D 41 -6.22 -2.89 -27.89
C ILE D 41 -4.80 -3.31 -27.54
N ALA D 42 -3.81 -2.58 -28.04
CA ALA D 42 -2.42 -2.82 -27.65
C ALA D 42 -2.31 -2.68 -26.13
N ALA D 43 -3.01 -1.68 -25.60
CA ALA D 43 -3.00 -1.43 -24.16
C ALA D 43 -4.07 -2.25 -23.46
N ALA D 44 -5.22 -2.43 -24.10
CA ALA D 44 -6.30 -3.22 -23.53
C ALA D 44 -5.90 -4.69 -23.41
N ASP D 45 -5.06 -5.15 -24.34
CA ASP D 45 -4.54 -6.51 -24.29
C ASP D 45 -3.80 -6.72 -22.98
N LYS D 46 -3.01 -5.72 -22.59
CA LYS D 46 -2.25 -5.77 -21.36
C LYS D 46 -3.18 -5.67 -20.15
N ILE D 47 -4.20 -4.84 -20.26
CA ILE D 47 -5.14 -4.62 -19.16
C ILE D 47 -5.92 -5.90 -18.85
N PHE D 48 -6.42 -6.57 -19.89
CA PHE D 48 -7.23 -7.77 -19.71
C PHE D 48 -6.39 -9.00 -19.41
N SER D 49 -5.23 -9.11 -20.06
CA SER D 49 -4.31 -10.22 -19.79
C SER D 49 -3.86 -10.16 -18.33
N ASN D 50 -3.65 -8.95 -17.83
CA ASN D 50 -3.27 -8.75 -16.43
C ASN D 50 -4.44 -9.01 -15.49
N TRP D 51 -5.65 -8.71 -15.95
CA TRP D 51 -6.85 -8.97 -15.17
C TRP D 51 -7.14 -10.47 -15.13
N LEU D 52 -6.89 -11.15 -16.24
CA LEU D 52 -7.09 -12.60 -16.31
C LEU D 52 -6.17 -13.32 -15.34
N ALA D 53 -4.88 -13.00 -15.41
CA ALA D 53 -3.87 -13.65 -14.57
C ALA D 53 -4.22 -13.54 -13.08
N SER D 54 -4.91 -12.45 -12.73
CA SER D 54 -5.22 -12.17 -11.33
C SER D 54 -6.60 -12.65 -10.89
N GLN D 55 -7.22 -13.51 -11.70
CA GLN D 55 -8.56 -14.03 -11.40
C GLN D 55 -8.49 -15.52 -11.11
CL CL E . 10.90 -4.78 23.88
CL CL F . -7.06 2.17 -19.05
CL CL G . 0.67 8.04 -4.46
#